data_5X6E
#
_entry.id   5X6E
#
_cell.length_a   65.017
_cell.length_b   96.590
_cell.length_c   370.528
_cell.angle_alpha   90.00
_cell.angle_beta   90.00
_cell.angle_gamma   90.00
#
_symmetry.space_group_name_H-M   'P 21 21 21'
#
loop_
_entity.id
_entity.type
_entity.pdbx_description
1 polymer 'Listeriolysin positive regulatory factor A'
2 polymer 'DNA (29-MER)'
3 polymer 'DNA (28-MER)'
4 non-polymer GLUTATHIONE
#
loop_
_entity_poly.entity_id
_entity_poly.type
_entity_poly.pdbx_seq_one_letter_code
_entity_poly.pdbx_strand_id
1 'polypeptide(L)'
;MNAQAEEFKKYLETNGIKPKQFHKKELIFNQWDPQEYCIFLYDGITKLTSISENGTIMNLQYYKGAFVIMSGFIDTETSV
GYYNLEVISEQATAYVIKINELKELLSKNLTHFFYVFQTLQKQVSYSLAKFNDFSINGKLGSICGQLLILTYVYGKETPD
GIKITLDNLTMQELGYSSGIAHSSAVSRIISKLKQEKVIVYKNSCFYVQNLDYLKRYAPKLDEWFYLACPATWGKLN
;
M,N,A,B,E,F
2 'polydeoxyribonucleotide'
;(DC)(DA)(DT)(DC)(DG)(DT)(DC)(DG)(DT)(DT)(DA)(DA)(DC)(DA)(DA)(DA)(DT)(DG)(DT)(DT)
(DA)(DA)(DT)(DG)(DC)(DC)(DT)(DA)(DC)
;
O,C,G
3 'polydeoxyribonucleotide'
;(DG)(DG)(DT)(DA)(DG)(DG)(DC)(DA)(DT)(DT)(DA)(DA)(DC)(DA)(DT)(DT)(DT)(DG)(DT)(DT)
(DA)(DA)(DC)(DG)(DA)(DC)(DG)(DA)(DT)
;
P,D,H
#
loop_
_chem_comp.id
_chem_comp.type
_chem_comp.name
_chem_comp.formula
DA DNA linking 2'-DEOXYADENOSINE-5'-MONOPHOSPHATE 'C10 H14 N5 O6 P'
DC DNA linking 2'-DEOXYCYTIDINE-5'-MONOPHOSPHATE 'C9 H14 N3 O7 P'
DG DNA linking 2'-DEOXYGUANOSINE-5'-MONOPHOSPHATE 'C10 H14 N5 O7 P'
DT DNA linking THYMIDINE-5'-MONOPHOSPHATE 'C10 H15 N2 O8 P'
GSH non-polymer GLUTATHIONE 'C10 H17 N3 O6 S'
#
# COMPACT_ATOMS: atom_id res chain seq x y z
N ASN A 2 23.02 8.34 34.37
CA ASN A 2 21.70 7.88 34.80
C ASN A 2 20.44 8.74 34.54
N ALA A 3 20.43 10.07 34.35
CA ALA A 3 21.52 11.09 34.32
C ALA A 3 22.61 10.88 33.28
N GLN A 4 23.87 10.84 33.75
CA GLN A 4 25.08 10.53 32.99
C GLN A 4 24.85 9.84 31.64
N ALA A 5 23.93 8.89 31.62
CA ALA A 5 23.57 8.16 30.41
C ALA A 5 22.74 9.01 29.44
N GLU A 6 21.69 9.64 29.95
CA GLU A 6 20.80 10.46 29.15
C GLU A 6 21.53 11.61 28.46
N GLU A 7 22.54 12.15 29.14
CA GLU A 7 23.36 13.20 28.56
C GLU A 7 24.27 12.61 27.49
N PHE A 8 24.70 11.36 27.69
CA PHE A 8 25.51 10.65 26.71
C PHE A 8 24.72 10.38 25.44
N LYS A 9 23.43 10.12 25.58
CA LYS A 9 22.54 9.92 24.44
C LYS A 9 22.49 11.16 23.55
N LYS A 10 22.27 12.32 24.17
CA LYS A 10 22.25 13.57 23.45
C LYS A 10 23.62 13.88 22.88
N TYR A 11 24.68 13.47 23.58
CA TYR A 11 26.00 13.63 23.00
C TYR A 11 26.15 12.80 21.73
N LEU A 12 25.49 11.65 21.68
CA LEU A 12 25.53 10.79 20.51
C LEU A 12 24.72 11.39 19.37
N GLU A 13 23.51 11.85 19.68
CA GLU A 13 22.65 12.49 18.70
C GLU A 13 23.29 13.79 18.16
N THR A 14 24.15 14.38 18.99
CA THR A 14 24.93 15.54 18.57
C THR A 14 25.84 15.19 17.40
N ASN A 15 26.55 14.07 17.51
CA ASN A 15 27.48 13.66 16.48
C ASN A 15 26.81 12.88 15.37
N GLY A 16 25.51 13.10 15.19
CA GLY A 16 24.77 12.50 14.09
C GLY A 16 24.64 10.98 14.12
N ILE A 17 24.56 10.41 15.33
CA ILE A 17 24.36 8.98 15.47
C ILE A 17 22.93 8.68 15.93
N LYS A 18 22.04 8.44 14.97
CA LYS A 18 20.66 8.10 15.28
C LYS A 18 20.57 6.68 15.85
N PRO A 19 19.60 6.45 16.75
CA PRO A 19 19.43 5.13 17.37
C PRO A 19 18.77 4.12 16.44
N LYS A 20 18.94 2.83 16.71
CA LYS A 20 18.24 1.79 15.96
C LYS A 20 17.38 0.95 16.91
N GLN A 21 16.18 0.60 16.46
CA GLN A 21 15.20 -0.10 17.29
C GLN A 21 15.13 -1.60 16.98
N PHE A 22 15.75 -2.41 17.83
CA PHE A 22 15.74 -3.86 17.64
C PHE A 22 14.52 -4.49 18.29
N HIS A 23 14.06 -5.60 17.73
CA HIS A 23 12.93 -6.32 18.27
C HIS A 23 13.41 -7.58 18.98
N LYS A 24 12.52 -8.28 19.69
CA LYS A 24 12.91 -9.49 20.44
C LYS A 24 13.52 -10.55 19.53
N LYS A 25 14.38 -11.39 20.11
CA LYS A 25 15.02 -12.52 19.42
C LYS A 25 16.08 -12.09 18.40
N GLU A 26 16.12 -10.80 18.06
CA GLU A 26 17.10 -10.30 17.11
C GLU A 26 18.49 -10.16 17.74
N LEU A 27 19.52 -10.45 16.96
CA LEU A 27 20.90 -10.31 17.43
C LEU A 27 21.47 -8.96 16.98
N ILE A 28 21.93 -8.17 17.94
CA ILE A 28 22.54 -6.87 17.63
C ILE A 28 23.94 -7.09 17.06
N PHE A 29 24.69 -8.01 17.68
CA PHE A 29 25.90 -8.54 17.06
C PHE A 29 26.09 -10.01 17.44
N ASN A 30 26.72 -10.78 16.54
CA ASN A 30 26.91 -12.21 16.74
C ASN A 30 28.38 -12.61 16.88
N GLN A 31 28.61 -13.83 17.35
CA GLN A 31 29.97 -14.33 17.60
C GLN A 31 30.67 -14.74 16.31
N TRP A 32 30.16 -14.27 15.18
CA TRP A 32 30.77 -14.57 13.90
C TRP A 32 31.08 -13.31 13.11
N ASP A 33 30.37 -12.23 13.42
CA ASP A 33 30.61 -10.92 12.81
C ASP A 33 32.04 -10.48 13.11
N PRO A 34 32.86 -10.34 12.06
CA PRO A 34 34.26 -9.95 12.25
C PRO A 34 34.45 -8.48 12.59
N GLN A 35 33.44 -7.64 12.38
CA GLN A 35 33.52 -6.26 12.81
C GLN A 35 33.10 -6.10 14.27
N GLU A 36 33.71 -5.13 14.96
CA GLU A 36 33.42 -4.91 16.37
C GLU A 36 32.74 -3.57 16.58
N TYR A 37 31.82 -3.51 17.55
CA TYR A 37 31.10 -2.28 17.85
C TYR A 37 31.28 -1.87 19.30
N CYS A 38 30.99 -0.60 19.58
CA CYS A 38 30.62 -0.18 20.92
C CYS A 38 29.11 -0.02 20.87
N ILE A 39 28.40 -0.56 21.86
CA ILE A 39 26.95 -0.52 21.83
C ILE A 39 26.35 0.14 23.06
N PHE A 40 25.66 1.26 22.84
CA PHE A 40 24.99 1.97 23.91
C PHE A 40 23.54 1.53 24.04
N LEU A 41 23.28 0.57 24.91
CA LEU A 41 21.91 0.12 25.17
C LEU A 41 21.19 1.20 25.96
N TYR A 42 20.20 1.83 25.35
CA TYR A 42 19.47 2.93 25.99
C TYR A 42 18.29 2.43 26.83
N ASP A 43 17.35 1.73 26.18
CA ASP A 43 16.21 1.13 26.87
C ASP A 43 15.92 -0.24 26.28
N GLY A 44 15.51 -1.19 27.13
CA GLY A 44 15.28 -2.55 26.70
C GLY A 44 16.12 -3.53 27.51
N ILE A 45 15.88 -4.82 27.34
CA ILE A 45 16.60 -5.84 28.09
C ILE A 45 17.27 -6.81 27.12
N THR A 46 18.58 -6.99 27.25
CA THR A 46 19.34 -7.86 26.35
C THR A 46 20.12 -8.90 27.15
N LYS A 47 20.50 -10.01 26.51
CA LYS A 47 21.34 -11.01 27.14
C LYS A 47 22.57 -11.30 26.30
N LEU A 48 23.64 -11.76 26.93
CA LEU A 48 24.90 -12.01 26.24
C LEU A 48 25.21 -13.50 26.23
N THR A 49 25.08 -14.14 25.06
CA THR A 49 25.23 -15.59 24.96
C THR A 49 26.57 -16.02 24.36
N SER A 50 26.85 -17.30 24.43
CA SER A 50 28.02 -17.92 23.79
C SER A 50 27.67 -19.35 23.44
N ILE A 51 28.02 -19.78 22.23
CA ILE A 51 27.66 -21.12 21.78
C ILE A 51 28.91 -21.94 21.46
N SER A 52 29.07 -23.07 22.13
CA SER A 52 30.22 -23.96 21.90
C SER A 52 30.16 -24.61 20.52
N GLU A 53 31.21 -25.36 20.16
CA GLU A 53 31.32 -25.98 18.85
C GLU A 53 30.17 -26.95 18.59
N ASN A 54 29.63 -27.54 19.66
CA ASN A 54 28.63 -28.59 19.52
C ASN A 54 27.22 -28.12 19.82
N GLY A 55 27.08 -26.83 20.11
CA GLY A 55 25.77 -26.25 20.35
C GLY A 55 25.45 -25.97 21.81
N THR A 56 26.29 -26.44 22.72
CA THR A 56 26.08 -26.17 24.13
C THR A 56 26.23 -24.68 24.41
N ILE A 57 25.12 -24.00 24.68
CA ILE A 57 25.16 -22.55 24.82
C ILE A 57 25.43 -22.15 26.27
N MET A 58 25.65 -20.86 26.50
CA MET A 58 25.88 -20.34 27.85
C MET A 58 25.40 -18.91 27.95
N ASN A 59 24.52 -18.67 28.92
CA ASN A 59 24.10 -17.30 29.18
C ASN A 59 25.07 -16.65 30.14
N LEU A 60 25.97 -15.83 29.62
CA LEU A 60 26.89 -15.06 30.44
C LEU A 60 26.21 -14.10 31.45
N GLN A 61 25.58 -13.02 30.98
CA GLN A 61 24.78 -12.20 31.90
C GLN A 61 23.69 -11.45 31.12
N TYR A 62 22.98 -10.57 31.81
CA TYR A 62 21.96 -9.74 31.18
C TYR A 62 22.41 -8.29 31.12
N TYR A 63 21.86 -7.55 30.17
CA TYR A 63 22.02 -6.11 30.10
C TYR A 63 20.65 -5.42 30.03
N LYS A 64 20.47 -4.41 30.87
CA LYS A 64 19.17 -3.76 31.06
C LYS A 64 19.29 -2.24 31.10
N GLY A 65 18.31 -1.54 30.53
CA GLY A 65 18.28 -0.09 30.54
C GLY A 65 19.51 0.55 29.93
N ALA A 66 19.95 1.64 30.54
CA ALA A 66 21.12 2.38 30.05
C ALA A 66 22.43 1.70 30.44
N PHE A 67 23.16 1.21 29.45
CA PHE A 67 24.50 0.63 29.66
C PHE A 67 25.24 0.54 28.33
N VAL A 68 26.56 0.29 28.38
CA VAL A 68 27.33 0.12 27.16
C VAL A 68 28.03 -1.24 27.10
N ILE A 69 27.92 -1.90 25.96
CA ILE A 69 28.58 -3.18 25.73
C ILE A 69 29.57 -3.02 24.57
N MET A 70 30.81 -3.47 24.76
CA MET A 70 31.85 -3.28 23.75
C MET A 70 32.36 -4.62 23.21
N SER A 71 32.25 -4.79 21.89
CA SER A 71 32.65 -6.03 21.22
C SER A 71 34.12 -6.01 20.84
N GLY A 72 34.76 -4.86 21.02
CA GLY A 72 36.15 -4.72 20.63
C GLY A 72 36.99 -3.78 21.48
N PHE A 73 38.31 -4.02 21.46
CA PHE A 73 39.25 -3.14 22.14
C PHE A 73 39.26 -1.77 21.46
N ILE A 74 39.68 -0.74 22.19
CA ILE A 74 39.64 0.63 21.67
C ILE A 74 40.77 0.91 20.66
N ASP A 75 42.02 0.73 21.09
CA ASP A 75 43.16 1.14 20.26
C ASP A 75 43.44 0.22 19.08
N THR A 76 43.32 -1.10 19.30
CA THR A 76 43.59 -2.09 18.26
C THR A 76 42.36 -2.34 17.39
N GLU A 77 41.18 -2.04 17.94
CA GLU A 77 39.90 -2.22 17.23
C GLU A 77 39.70 -3.67 16.79
N THR A 78 40.35 -4.60 17.48
CA THR A 78 40.16 -6.03 17.24
C THR A 78 39.04 -6.56 18.12
N SER A 79 38.93 -7.87 18.25
CA SER A 79 37.85 -8.47 19.03
C SER A 79 38.31 -8.83 20.44
N VAL A 80 37.40 -8.71 21.40
CA VAL A 80 37.69 -9.05 22.79
C VAL A 80 37.20 -10.46 23.13
N GLY A 81 36.38 -11.01 22.23
CA GLY A 81 35.79 -12.32 22.43
C GLY A 81 34.62 -12.56 21.49
N TYR A 82 34.22 -13.81 21.33
CA TYR A 82 33.12 -14.15 20.42
C TYR A 82 31.83 -14.42 21.19
N TYR A 83 30.98 -13.40 21.29
CA TYR A 83 29.72 -13.55 22.00
C TYR A 83 28.57 -12.96 21.18
N ASN A 84 27.34 -13.31 21.56
CA ASN A 84 26.16 -12.77 20.90
C ASN A 84 25.38 -11.89 21.86
N LEU A 85 24.86 -10.77 21.36
CA LEU A 85 24.00 -9.91 22.16
C LEU A 85 22.56 -10.04 21.68
N GLU A 86 21.77 -10.84 22.39
CA GLU A 86 20.40 -11.11 21.97
C GLU A 86 19.40 -10.24 22.75
N VAL A 87 18.37 -9.78 22.05
CA VAL A 87 17.35 -8.93 22.67
C VAL A 87 16.26 -9.77 23.33
N ILE A 88 16.10 -9.60 24.65
CA ILE A 88 15.08 -10.32 25.41
C ILE A 88 13.77 -9.55 25.43
N SER A 89 13.84 -8.24 25.69
CA SER A 89 12.66 -7.38 25.64
C SER A 89 12.05 -7.37 24.23
N GLU A 90 10.76 -7.09 24.12
CA GLU A 90 10.03 -7.19 22.86
C GLU A 90 10.62 -6.22 21.85
N GLN A 91 11.12 -5.12 22.40
CA GLN A 91 11.60 -3.95 21.65
C GLN A 91 12.57 -3.10 22.49
N ALA A 92 13.82 -2.99 22.00
CA ALA A 92 14.89 -2.33 22.74
C ALA A 92 15.60 -1.34 21.86
N THR A 93 15.87 -0.14 22.39
CA THR A 93 16.58 0.89 21.62
C THR A 93 18.07 0.84 21.94
N ALA A 94 18.90 0.91 20.91
CA ALA A 94 20.35 0.86 21.06
C ALA A 94 21.05 1.74 20.04
N TYR A 95 22.14 2.37 20.45
CA TYR A 95 22.97 3.14 19.53
C TYR A 95 24.17 2.29 19.11
N VAL A 96 24.25 2.00 17.82
CA VAL A 96 25.33 1.16 17.29
C VAL A 96 26.40 2.03 16.64
N ILE A 97 27.59 2.05 17.25
CA ILE A 97 28.70 2.84 16.72
C ILE A 97 29.88 1.94 16.37
N LYS A 98 30.69 2.39 15.41
CA LYS A 98 31.91 1.71 15.02
C LYS A 98 32.97 1.91 16.10
N ILE A 99 33.84 0.92 16.30
CA ILE A 99 34.97 1.09 17.21
C ILE A 99 35.94 2.14 16.63
N ASN A 100 36.06 2.15 15.30
CA ASN A 100 36.95 3.06 14.59
C ASN A 100 36.77 4.51 14.99
N GLU A 101 35.52 4.93 15.18
CA GLU A 101 35.23 6.23 15.78
C GLU A 101 35.52 6.15 17.27
N LEU A 102 34.45 6.26 18.07
CA LEU A 102 34.50 6.10 19.53
C LEU A 102 35.66 6.77 20.26
N LYS A 103 36.91 6.38 19.97
CA LYS A 103 38.04 6.99 20.67
C LYS A 103 38.20 8.43 20.18
N GLU A 104 37.83 8.66 18.93
CA GLU A 104 37.62 10.00 18.41
C GLU A 104 36.56 10.67 19.27
N LEU A 105 35.45 9.97 19.41
CA LEU A 105 34.29 10.41 20.18
C LEU A 105 34.57 10.44 21.68
N LEU A 106 35.65 9.80 22.14
CA LEU A 106 35.95 9.75 23.56
C LEU A 106 37.20 10.58 23.94
N SER A 107 38.01 10.94 22.96
CA SER A 107 39.05 11.95 23.13
C SER A 107 38.42 13.22 23.73
N LYS A 108 37.97 14.13 22.88
CA LYS A 108 36.68 14.76 23.11
C LYS A 108 36.47 15.74 24.32
N ASN A 109 36.25 15.21 25.52
CA ASN A 109 35.43 15.80 26.58
C ASN A 109 35.26 14.66 27.55
N LEU A 110 35.76 14.87 28.76
CA LEU A 110 36.10 13.73 29.58
C LEU A 110 34.94 13.29 30.49
N THR A 111 33.83 14.01 30.41
CA THR A 111 32.62 13.66 31.15
C THR A 111 32.00 12.33 30.66
N HIS A 112 31.74 12.22 29.37
CA HIS A 112 31.23 10.98 28.80
C HIS A 112 32.33 9.95 28.67
N PHE A 113 33.57 10.41 28.79
CA PHE A 113 34.74 9.57 28.65
C PHE A 113 34.99 8.75 29.91
N PHE A 114 34.68 9.36 31.06
CA PHE A 114 34.73 8.65 32.32
C PHE A 114 33.46 7.84 32.54
N TYR A 115 32.41 8.22 31.83
CA TYR A 115 31.15 7.49 31.90
C TYR A 115 31.31 6.06 31.40
N VAL A 116 31.76 5.90 30.16
CA VAL A 116 32.03 4.58 29.59
C VAL A 116 33.00 3.80 30.50
N PHE A 117 33.99 4.50 31.05
CA PHE A 117 34.95 3.89 31.96
C PHE A 117 34.25 3.40 33.23
N GLN A 118 33.30 4.18 33.73
CA GLN A 118 32.52 3.82 34.90
C GLN A 118 31.81 2.49 34.71
N THR A 119 31.06 2.38 33.62
CA THR A 119 30.36 1.15 33.25
C THR A 119 31.30 -0.04 33.21
N LEU A 120 32.48 0.16 32.63
CA LEU A 120 33.47 -0.89 32.48
C LEU A 120 34.04 -1.30 33.82
N GLN A 121 34.18 -0.33 34.72
CA GLN A 121 34.64 -0.58 36.08
C GLN A 121 33.53 -1.19 36.91
N LYS A 122 32.28 -0.95 36.51
CA LYS A 122 31.13 -1.53 37.20
C LYS A 122 30.89 -2.96 36.73
N GLN A 123 31.48 -3.32 35.59
CA GLN A 123 31.35 -4.67 35.05
C GLN A 123 32.34 -5.64 35.71
N VAL A 124 33.59 -5.21 35.86
CA VAL A 124 34.62 -6.06 36.46
C VAL A 124 34.25 -6.41 37.90
N SER A 125 33.51 -5.51 38.56
CA SER A 125 33.04 -5.73 39.92
C SER A 125 31.90 -6.74 39.94
N TYR A 126 30.98 -6.60 38.99
CA TYR A 126 29.86 -7.52 38.85
C TYR A 126 30.34 -8.95 38.55
N SER A 127 31.20 -9.07 37.54
CA SER A 127 31.71 -10.37 37.13
C SER A 127 32.45 -11.08 38.26
N LEU A 128 33.25 -10.34 39.03
CA LEU A 128 33.99 -10.91 40.16
C LEU A 128 33.06 -11.47 41.23
N ALA A 129 32.17 -10.63 41.75
CA ALA A 129 31.21 -11.05 42.75
C ALA A 129 30.34 -12.22 42.27
N LYS A 130 29.97 -12.20 40.99
CA LYS A 130 29.18 -13.27 40.42
C LYS A 130 30.05 -14.52 40.30
N PHE A 131 31.30 -14.34 39.91
CA PHE A 131 32.20 -15.47 39.88
C PHE A 131 32.50 -15.95 41.30
N ASN A 132 32.30 -15.12 42.29
CA ASN A 132 32.68 -15.54 43.60
C ASN A 132 31.72 -16.64 43.98
N ASP A 133 30.49 -16.19 44.22
CA ASP A 133 29.41 -16.91 44.90
C ASP A 133 28.92 -18.13 44.13
N PHE A 134 29.02 -18.08 42.81
CA PHE A 134 28.64 -19.17 41.94
C PHE A 134 29.54 -20.37 42.18
N SER A 135 30.75 -20.14 42.68
CA SER A 135 31.74 -21.20 42.85
C SER A 135 31.79 -21.79 44.25
N ILE A 136 31.72 -20.94 45.27
CA ILE A 136 31.80 -21.38 46.66
C ILE A 136 30.71 -22.40 47.01
N ASN A 137 29.56 -22.28 46.36
CA ASN A 137 28.48 -23.25 46.50
C ASN A 137 28.14 -23.84 45.14
N GLY A 138 27.45 -24.99 45.13
CA GLY A 138 27.15 -25.68 43.88
C GLY A 138 26.17 -24.98 42.98
N LYS A 139 25.52 -25.73 42.09
CA LYS A 139 24.58 -25.14 41.15
C LYS A 139 23.33 -24.60 41.86
N LEU A 140 23.19 -24.89 43.15
CA LEU A 140 22.17 -24.23 43.97
C LEU A 140 22.58 -22.78 44.19
N GLY A 141 23.83 -22.59 44.61
CA GLY A 141 24.38 -21.26 44.83
C GLY A 141 24.29 -20.39 43.61
N SER A 142 24.48 -20.99 42.44
CA SER A 142 24.30 -20.28 41.17
C SER A 142 22.89 -19.73 41.00
N ILE A 143 21.88 -20.57 41.24
CA ILE A 143 20.48 -20.20 41.08
C ILE A 143 20.07 -19.03 41.97
N CYS A 144 20.33 -19.15 43.27
CA CYS A 144 20.03 -18.10 44.24
C CYS A 144 20.73 -16.80 43.88
N GLY A 145 21.97 -16.92 43.39
CA GLY A 145 22.73 -15.78 42.94
C GLY A 145 22.07 -15.06 41.78
N GLN A 146 21.70 -15.82 40.76
CA GLN A 146 21.04 -15.25 39.58
C GLN A 146 19.69 -14.64 39.97
N LEU A 147 18.94 -15.37 40.79
CA LEU A 147 17.65 -14.90 41.27
C LEU A 147 17.80 -13.59 42.06
N LEU A 148 18.85 -13.48 42.85
CA LEU A 148 19.14 -12.27 43.62
C LEU A 148 19.33 -11.07 42.68
N ILE A 149 20.01 -11.31 41.56
CA ILE A 149 20.22 -10.27 40.55
C ILE A 149 18.90 -9.81 39.95
N LEU A 150 18.13 -10.78 39.43
CA LEU A 150 16.82 -10.51 38.83
C LEU A 150 15.87 -9.87 39.84
N THR A 151 16.05 -10.19 41.13
CA THR A 151 15.18 -9.67 42.18
C THR A 151 15.32 -8.15 42.38
N TYR A 152 16.55 -7.66 42.34
CA TYR A 152 16.79 -6.24 42.59
C TYR A 152 16.40 -5.35 41.42
N VAL A 153 17.00 -5.58 40.26
CA VAL A 153 16.79 -4.71 39.09
C VAL A 153 15.45 -4.95 38.41
N TYR A 154 15.04 -6.21 38.29
CA TYR A 154 13.79 -6.55 37.59
C TYR A 154 12.62 -6.76 38.54
N GLY A 155 12.86 -6.63 39.83
CA GLY A 155 11.81 -6.86 40.81
C GLY A 155 10.85 -5.70 40.97
N LYS A 156 9.60 -6.01 41.32
CA LYS A 156 8.62 -5.00 41.65
C LYS A 156 7.88 -5.38 42.93
N GLU A 157 7.83 -4.44 43.87
CA GLU A 157 7.23 -4.69 45.18
C GLU A 157 5.71 -4.75 45.10
N THR A 158 5.17 -5.92 45.39
CA THR A 158 3.73 -6.20 45.32
C THR A 158 3.29 -6.72 46.69
N PRO A 159 1.99 -6.58 47.03
CA PRO A 159 1.58 -7.00 48.38
C PRO A 159 1.65 -8.51 48.62
N ASP A 160 1.77 -9.31 47.58
CA ASP A 160 1.81 -10.76 47.73
C ASP A 160 3.26 -11.25 47.90
N GLY A 161 4.20 -10.44 47.41
CA GLY A 161 5.61 -10.76 47.46
C GLY A 161 6.46 -9.78 46.66
N ILE A 162 7.43 -10.31 45.90
CA ILE A 162 8.23 -9.51 44.98
C ILE A 162 8.30 -10.19 43.62
N LYS A 163 7.61 -9.64 42.63
CA LYS A 163 7.54 -10.28 41.32
C LYS A 163 8.65 -9.82 40.38
N ILE A 164 9.22 -10.77 39.65
CA ILE A 164 10.11 -10.44 38.55
C ILE A 164 9.28 -9.94 37.38
N THR A 165 9.66 -8.81 36.80
CA THR A 165 8.90 -8.20 35.72
C THR A 165 9.33 -8.72 34.35
N LEU A 166 9.92 -9.91 34.32
CA LEU A 166 10.66 -10.34 33.14
C LEU A 166 9.80 -10.98 32.03
N ASP A 167 8.53 -11.29 32.35
CA ASP A 167 7.50 -11.67 31.37
C ASP A 167 7.97 -11.84 29.91
N ASN A 168 8.46 -13.01 29.53
CA ASN A 168 8.45 -14.23 30.35
C ASN A 168 9.80 -14.61 30.93
N LEU A 169 9.85 -15.76 31.59
CA LEU A 169 11.10 -16.31 32.12
C LEU A 169 11.14 -17.83 32.03
N THR A 170 11.61 -18.33 30.90
CA THR A 170 11.74 -19.78 30.67
C THR A 170 12.62 -20.43 31.74
N MET A 171 12.32 -21.67 32.10
CA MET A 171 13.09 -22.39 33.11
C MET A 171 14.36 -23.01 32.52
N GLN A 172 14.32 -23.29 31.23
CA GLN A 172 15.51 -23.69 30.48
C GLN A 172 16.44 -22.50 30.38
N GLU A 173 15.85 -21.30 30.40
CA GLU A 173 16.60 -20.05 30.35
C GLU A 173 17.42 -19.80 31.62
N LEU A 174 16.81 -20.05 32.78
CA LEU A 174 17.49 -19.85 34.05
C LEU A 174 18.68 -20.77 34.20
N GLY A 175 18.52 -22.03 33.79
CA GLY A 175 19.62 -22.97 33.76
C GLY A 175 20.77 -22.45 32.92
N TYR A 176 20.43 -21.88 31.77
CA TYR A 176 21.42 -21.26 30.89
C TYR A 176 22.22 -20.19 31.63
N SER A 177 21.50 -19.36 32.40
CA SER A 177 22.11 -18.25 33.11
C SER A 177 23.06 -18.77 34.19
N SER A 178 22.65 -19.83 34.88
CA SER A 178 23.55 -20.55 35.77
C SER A 178 24.37 -21.54 34.96
N GLY A 179 24.83 -22.62 35.59
CA GLY A 179 25.63 -23.61 34.89
C GLY A 179 24.82 -24.81 34.44
N ILE A 180 23.60 -24.93 34.94
CA ILE A 180 22.76 -26.11 34.69
C ILE A 180 22.31 -26.20 33.23
N ALA A 181 22.47 -27.37 32.63
CA ALA A 181 22.20 -27.54 31.20
C ALA A 181 20.94 -28.36 30.90
N HIS A 182 20.20 -28.73 31.94
CA HIS A 182 19.00 -29.54 31.76
C HIS A 182 17.78 -28.91 32.43
N SER A 183 16.65 -28.91 31.72
CA SER A 183 15.40 -28.37 32.23
C SER A 183 14.97 -29.08 33.52
N SER A 184 15.24 -30.39 33.58
CA SER A 184 14.88 -31.19 34.73
C SER A 184 15.66 -30.78 35.99
N ALA A 185 16.98 -30.71 35.87
CA ALA A 185 17.85 -30.42 37.01
C ALA A 185 17.53 -29.08 37.66
N VAL A 186 17.08 -28.11 36.86
CA VAL A 186 16.67 -26.81 37.41
C VAL A 186 15.38 -26.96 38.21
N SER A 187 14.43 -27.71 37.67
CA SER A 187 13.15 -27.95 38.33
C SER A 187 13.31 -28.70 39.64
N ARG A 188 14.29 -29.61 39.66
CA ARG A 188 14.64 -30.31 40.88
C ARG A 188 14.99 -29.31 41.97
N ILE A 189 15.63 -28.22 41.57
CA ILE A 189 16.09 -27.18 42.49
C ILE A 189 15.03 -26.10 42.71
N ILE A 190 14.18 -25.87 41.71
CA ILE A 190 13.23 -24.76 41.72
C ILE A 190 12.00 -24.94 42.63
N SER A 191 11.64 -26.17 42.98
CA SER A 191 10.63 -26.39 44.04
C SER A 191 11.33 -27.10 45.21
N LYS A 192 12.62 -27.37 45.02
CA LYS A 192 13.58 -27.38 46.12
C LYS A 192 13.79 -25.90 46.39
N LEU A 193 13.14 -25.08 45.55
CA LEU A 193 12.95 -23.67 45.83
C LEU A 193 11.48 -23.14 45.85
N LYS A 194 10.44 -23.94 46.14
CA LYS A 194 9.67 -23.44 47.28
C LYS A 194 8.96 -24.48 48.21
N GLN A 195 9.87 -25.10 48.96
CA GLN A 195 10.36 -24.62 50.25
C GLN A 195 10.05 -24.82 51.70
N GLU A 196 11.24 -24.72 52.28
CA GLU A 196 11.74 -23.87 53.34
C GLU A 196 11.74 -22.35 52.96
N LYS A 197 10.64 -21.60 53.12
CA LYS A 197 10.63 -20.11 53.20
C LYS A 197 10.41 -19.18 51.95
N VAL A 198 11.21 -19.32 50.89
CA VAL A 198 11.62 -18.15 50.06
C VAL A 198 10.75 -17.55 48.89
N ILE A 199 10.55 -18.23 47.76
CA ILE A 199 9.96 -17.61 46.55
C ILE A 199 8.44 -17.92 46.49
N VAL A 200 7.79 -17.73 45.33
CA VAL A 200 6.59 -18.51 44.94
C VAL A 200 6.39 -18.36 43.41
N TYR A 201 5.92 -19.41 42.74
CA TYR A 201 5.49 -19.31 41.35
C TYR A 201 3.96 -19.30 41.25
N LYS A 202 3.36 -18.11 41.16
CA LYS A 202 1.91 -18.00 40.97
C LYS A 202 1.61 -17.92 39.48
N ASN A 203 0.39 -17.48 39.13
CA ASN A 203 -0.19 -17.62 37.77
C ASN A 203 0.75 -18.11 36.67
N SER A 204 1.82 -17.35 36.40
CA SER A 204 2.91 -17.84 35.57
C SER A 204 4.16 -16.96 35.68
N CYS A 205 4.30 -16.28 36.81
CA CYS A 205 5.49 -15.46 37.06
C CYS A 205 6.02 -15.67 38.47
N PHE A 206 7.33 -15.52 38.64
CA PHE A 206 7.95 -15.76 39.94
C PHE A 206 7.70 -14.60 40.91
N TYR A 207 7.62 -14.92 42.19
CA TYR A 207 7.37 -13.93 43.24
C TYR A 207 8.30 -14.17 44.45
N VAL A 208 9.17 -13.20 44.74
CA VAL A 208 10.12 -13.31 45.85
C VAL A 208 9.46 -12.87 47.15
N GLN A 209 9.49 -13.69 48.20
CA GLN A 209 8.81 -13.30 49.44
C GLN A 209 9.78 -12.87 50.49
N ASN A 210 10.96 -13.51 50.50
CA ASN A 210 11.85 -13.52 51.67
C ASN A 210 13.24 -13.50 51.12
N LEU A 211 13.89 -12.37 51.16
CA LEU A 211 15.12 -12.24 50.36
C LEU A 211 16.43 -12.77 51.01
N ASP A 212 16.48 -12.82 52.34
CA ASP A 212 17.73 -13.10 53.06
C ASP A 212 18.30 -14.50 52.81
N TYR A 213 17.43 -15.44 52.43
CA TYR A 213 17.87 -16.79 52.11
C TYR A 213 18.73 -16.76 50.85
N LEU A 214 18.34 -15.94 49.88
CA LEU A 214 19.12 -15.71 48.68
C LEU A 214 20.37 -14.89 49.01
N LYS A 215 20.18 -13.91 49.90
CA LYS A 215 21.24 -13.01 50.34
C LYS A 215 22.42 -13.73 50.99
N ARG A 216 22.13 -14.69 51.86
CA ARG A 216 23.18 -15.42 52.57
C ARG A 216 23.86 -16.46 51.69
N TYR A 217 23.21 -16.82 50.57
CA TYR A 217 23.80 -17.76 49.63
C TYR A 217 24.62 -17.03 48.56
N ALA A 218 24.24 -15.78 48.30
CA ALA A 218 25.01 -14.92 47.39
C ALA A 218 25.30 -13.58 48.03
N PRO A 219 26.24 -13.55 48.98
CA PRO A 219 26.52 -12.36 49.80
C PRO A 219 27.21 -11.23 49.03
N LYS A 220 28.16 -11.58 48.16
CA LYS A 220 29.01 -10.59 47.51
C LYS A 220 28.28 -9.81 46.42
N LEU A 221 27.38 -10.47 45.69
CA LEU A 221 26.56 -9.79 44.70
C LEU A 221 25.64 -8.78 45.39
N ASP A 222 25.05 -9.20 46.51
CA ASP A 222 24.21 -8.32 47.32
C ASP A 222 25.01 -7.15 47.87
N GLU A 223 26.26 -7.40 48.24
CA GLU A 223 27.15 -6.35 48.72
C GLU A 223 27.59 -5.49 47.53
N TRP A 224 27.74 -6.09 46.35
CA TRP A 224 28.07 -5.36 45.14
C TRP A 224 27.00 -4.34 44.78
N PHE A 225 25.74 -4.76 44.86
CA PHE A 225 24.61 -3.88 44.60
C PHE A 225 24.64 -2.67 45.51
N TYR A 226 24.78 -2.92 46.81
CA TYR A 226 24.87 -1.84 47.80
C TYR A 226 25.96 -0.82 47.46
N LEU A 227 27.06 -1.31 46.90
CA LEU A 227 28.20 -0.46 46.56
C LEU A 227 28.02 0.29 45.23
N ALA A 228 27.81 -0.46 44.15
CA ALA A 228 27.77 0.12 42.81
C ALA A 228 26.39 0.58 42.37
N CYS A 229 25.35 0.06 43.01
CA CYS A 229 23.98 0.38 42.63
C CYS A 229 23.11 0.64 43.85
N PRO A 230 23.37 1.74 44.58
CA PRO A 230 22.72 2.04 45.85
C PRO A 230 21.20 2.17 45.76
N ALA A 231 20.73 2.93 44.78
CA ALA A 231 19.30 3.16 44.57
C ALA A 231 18.53 1.87 44.35
N THR A 232 18.94 1.10 43.33
CA THR A 232 18.28 -0.16 43.01
C THR A 232 18.37 -1.14 44.18
N TRP A 233 19.42 -1.02 44.98
CA TRP A 233 19.54 -1.79 46.21
C TRP A 233 18.62 -1.21 47.28
N GLY A 234 18.58 0.11 47.35
CA GLY A 234 17.80 0.80 48.36
C GLY A 234 16.29 0.61 48.23
N LYS A 235 15.85 0.16 47.06
CA LYS A 235 14.42 -0.03 46.81
C LYS A 235 13.81 -1.18 47.62
N LEU A 236 14.61 -2.21 47.89
CA LEU A 236 14.07 -3.38 48.57
C LEU A 236 14.65 -3.61 49.98
N ASN A 237 15.51 -2.71 50.45
CA ASN A 237 15.88 -2.68 51.86
C ASN A 237 15.78 -1.27 52.45
N ASN B 2 53.44 -4.67 27.51
CA ASN B 2 54.73 -4.19 27.98
C ASN B 2 55.10 -2.85 27.37
N ALA B 3 55.70 -2.85 26.18
CA ALA B 3 56.20 -1.63 25.54
C ALA B 3 55.21 -0.45 25.59
N GLN B 4 53.93 -0.75 25.81
CA GLN B 4 52.89 0.27 25.95
C GLN B 4 52.55 0.46 27.45
N ALA B 5 53.10 -0.41 28.30
CA ALA B 5 52.91 -0.28 29.75
C ALA B 5 54.00 0.58 30.40
N GLU B 6 55.25 0.42 29.99
CA GLU B 6 56.36 1.08 30.71
C GLU B 6 56.69 2.51 30.29
N GLU B 7 55.99 3.06 29.31
CA GLU B 7 56.10 4.49 29.06
C GLU B 7 54.99 5.16 29.87
N PHE B 8 53.96 4.38 30.20
CA PHE B 8 52.98 4.82 31.18
C PHE B 8 53.58 4.74 32.58
N LYS B 9 54.54 3.83 32.74
CA LYS B 9 55.25 3.62 33.99
C LYS B 9 55.71 4.92 34.64
N LYS B 10 56.69 5.59 34.05
CA LYS B 10 57.21 6.79 34.69
C LYS B 10 56.45 8.02 34.23
N TYR B 11 55.21 7.85 33.79
CA TYR B 11 54.32 8.99 33.87
C TYR B 11 53.88 9.06 35.33
N LEU B 12 54.03 7.97 36.06
CA LEU B 12 53.58 7.95 37.44
C LEU B 12 54.50 8.74 38.38
N GLU B 13 55.82 8.58 38.29
CA GLU B 13 56.68 9.35 39.21
C GLU B 13 57.29 10.62 38.58
N THR B 14 56.98 10.88 37.30
CA THR B 14 56.74 12.27 36.89
C THR B 14 55.35 12.44 37.48
N ASN B 15 54.99 13.64 37.95
CA ASN B 15 53.77 13.84 38.77
C ASN B 15 54.03 13.33 40.20
N GLY B 16 55.18 12.69 40.39
CA GLY B 16 55.63 12.24 41.70
C GLY B 16 54.82 11.20 42.45
N ILE B 17 54.81 9.96 41.95
CA ILE B 17 54.19 8.85 42.68
C ILE B 17 55.26 7.79 42.99
N LYS B 18 55.32 7.34 44.24
CA LYS B 18 56.46 6.53 44.69
C LYS B 18 56.37 5.04 44.38
N PRO B 19 57.51 4.47 43.95
CA PRO B 19 57.72 3.02 43.83
C PRO B 19 57.71 2.37 45.20
N LYS B 20 56.72 1.52 45.49
CA LYS B 20 56.64 0.89 46.80
C LYS B 20 57.07 -0.57 46.71
N GLN B 21 57.76 -1.06 47.74
CA GLN B 21 58.23 -2.43 47.76
C GLN B 21 57.34 -3.32 48.61
N PHE B 22 56.64 -4.24 47.96
CA PHE B 22 55.84 -5.22 48.68
C PHE B 22 56.51 -6.58 48.56
N HIS B 23 56.70 -7.25 49.69
CA HIS B 23 57.30 -8.59 49.71
C HIS B 23 56.19 -9.62 49.79
N LYS B 24 56.51 -10.90 49.69
CA LYS B 24 55.57 -11.99 49.94
C LYS B 24 54.66 -11.73 51.14
N LYS B 25 53.49 -12.35 51.17
CA LYS B 25 52.59 -12.32 52.33
C LYS B 25 51.75 -11.04 52.54
N GLU B 26 52.33 -9.86 52.32
CA GLU B 26 51.56 -8.65 52.61
C GLU B 26 50.50 -8.34 51.57
N LEU B 27 49.48 -7.60 52.02
CA LEU B 27 48.29 -7.31 51.21
C LEU B 27 48.28 -5.82 50.86
N ILE B 28 48.32 -5.52 49.57
CA ILE B 28 48.41 -4.13 49.09
C ILE B 28 47.12 -3.38 49.41
N PHE B 29 46.04 -4.13 49.61
CA PHE B 29 44.83 -3.65 50.27
C PHE B 29 44.06 -4.85 50.82
N ASN B 30 43.08 -4.60 51.69
CA ASN B 30 42.38 -5.71 52.35
C ASN B 30 40.86 -5.57 52.45
N GLN B 31 40.25 -6.58 53.07
CA GLN B 31 38.80 -6.70 53.17
C GLN B 31 38.19 -5.86 54.29
N TRP B 32 38.88 -5.84 55.43
CA TRP B 32 38.32 -5.30 56.66
C TRP B 32 38.74 -3.86 56.94
N ASP B 33 39.83 -3.43 56.31
CA ASP B 33 40.20 -2.01 56.31
C ASP B 33 40.05 -1.50 54.88
N PRO B 34 38.80 -1.38 54.41
CA PRO B 34 38.57 -1.08 53.00
C PRO B 34 39.06 0.31 52.62
N GLN B 35 40.24 0.36 52.01
CA GLN B 35 40.76 1.60 51.47
C GLN B 35 40.72 1.50 49.95
N GLU B 36 40.52 2.62 49.29
CA GLU B 36 40.23 2.64 47.86
C GLU B 36 41.42 3.13 47.03
N TYR B 37 42.14 2.21 46.38
CA TYR B 37 43.23 2.61 45.51
C TYR B 37 42.99 2.24 44.05
N CYS B 38 43.74 2.88 43.16
CA CYS B 38 44.08 2.30 41.87
C CYS B 38 45.47 1.74 42.05
N ILE B 39 45.75 0.56 41.52
CA ILE B 39 47.07 -0.03 41.72
C ILE B 39 47.70 -0.49 40.42
N PHE B 40 48.87 0.07 40.10
CA PHE B 40 49.63 -0.37 38.94
C PHE B 40 50.68 -1.38 39.36
N LEU B 41 50.38 -2.66 39.19
CA LEU B 41 51.38 -3.71 39.38
C LEU B 41 52.29 -3.69 38.17
N TYR B 42 53.59 -3.53 38.37
CA TYR B 42 54.50 -3.52 37.24
C TYR B 42 55.23 -4.86 37.15
N ASP B 43 55.71 -5.36 38.29
CA ASP B 43 56.30 -6.70 38.30
C ASP B 43 55.87 -7.50 39.53
N GLY B 44 56.02 -8.81 39.45
CA GLY B 44 55.64 -9.69 40.55
C GLY B 44 54.33 -10.39 40.29
N ILE B 45 54.03 -11.38 41.13
CA ILE B 45 52.80 -12.16 41.03
C ILE B 45 51.94 -11.91 42.26
N THR B 46 50.68 -11.52 42.06
CA THR B 46 49.77 -11.31 43.19
C THR B 46 48.41 -11.93 42.91
N LYS B 47 47.74 -12.37 43.96
CA LYS B 47 46.42 -12.98 43.82
C LYS B 47 45.33 -12.09 44.42
N LEU B 48 44.09 -12.28 43.97
CA LEU B 48 42.96 -11.53 44.49
C LEU B 48 42.06 -12.47 45.29
N THR B 49 41.96 -12.23 46.59
CA THR B 49 41.26 -13.14 47.49
C THR B 49 40.09 -12.48 48.22
N SER B 50 39.00 -13.23 48.39
CA SER B 50 37.85 -12.79 49.19
C SER B 50 37.60 -13.82 50.28
N ILE B 51 37.34 -13.33 51.50
CA ILE B 51 37.08 -14.22 52.62
C ILE B 51 35.70 -13.94 53.21
N SER B 52 34.87 -14.98 53.26
CA SER B 52 33.53 -14.85 53.82
C SER B 52 33.53 -15.05 55.32
N GLU B 53 32.39 -14.84 55.96
CA GLU B 53 32.33 -15.02 57.41
C GLU B 53 32.35 -16.50 57.89
N ASN B 54 31.83 -17.47 57.12
CA ASN B 54 32.08 -18.84 57.50
C ASN B 54 33.60 -19.26 57.48
N GLY B 55 34.45 -18.44 56.87
CA GLY B 55 35.86 -18.71 56.76
C GLY B 55 36.25 -19.43 55.50
N THR B 56 35.31 -19.56 54.56
CA THR B 56 35.66 -20.10 53.26
C THR B 56 36.27 -19.02 52.36
N ILE B 57 37.47 -19.28 51.84
CA ILE B 57 38.15 -18.34 50.94
C ILE B 57 38.16 -18.87 49.50
N MET B 58 38.50 -18.00 48.56
CA MET B 58 38.67 -18.42 47.17
C MET B 58 39.51 -17.40 46.41
N ASN B 59 40.30 -17.89 45.46
CA ASN B 59 41.14 -17.01 44.65
C ASN B 59 40.42 -16.62 43.36
N LEU B 60 40.00 -15.37 43.28
CA LEU B 60 39.29 -14.87 42.11
C LEU B 60 40.19 -14.85 40.89
N GLN B 61 41.47 -14.53 41.09
CA GLN B 61 42.38 -14.26 39.98
C GLN B 61 43.84 -14.07 40.43
N TYR B 62 44.78 -14.34 39.53
CA TYR B 62 46.19 -13.98 39.74
C TYR B 62 46.57 -12.80 38.85
N TYR B 63 47.01 -11.70 39.44
CA TYR B 63 47.56 -10.60 38.66
C TYR B 63 49.08 -10.71 38.63
N LYS B 64 49.67 -10.51 37.46
CA LYS B 64 51.11 -10.67 37.29
C LYS B 64 51.67 -9.65 36.29
N GLY B 65 52.90 -9.18 36.55
CA GLY B 65 53.55 -8.27 35.64
C GLY B 65 52.88 -6.92 35.57
N ALA B 66 52.98 -6.27 34.41
CA ALA B 66 52.38 -4.96 34.22
C ALA B 66 50.86 -5.05 34.08
N PHE B 67 50.14 -4.69 35.15
CA PHE B 67 48.68 -4.64 35.11
C PHE B 67 48.09 -3.70 36.15
N VAL B 68 46.80 -3.39 36.00
CA VAL B 68 46.12 -2.43 36.87
C VAL B 68 45.02 -3.10 37.71
N ILE B 69 44.97 -2.77 38.99
CA ILE B 69 43.91 -3.27 39.87
C ILE B 69 43.20 -2.09 40.55
N MET B 70 41.88 -2.06 40.47
CA MET B 70 41.09 -1.00 41.08
C MET B 70 40.36 -1.47 42.33
N SER B 71 40.37 -0.66 43.37
CA SER B 71 39.60 -0.96 44.58
C SER B 71 38.55 0.12 44.79
N GLY B 72 38.43 1.01 43.81
CA GLY B 72 37.47 2.09 43.89
C GLY B 72 37.06 2.69 42.56
N PHE B 73 35.81 3.15 42.48
CA PHE B 73 35.32 3.84 41.29
C PHE B 73 35.92 5.24 41.24
N ILE B 74 36.08 5.78 40.03
CA ILE B 74 36.76 7.07 39.87
C ILE B 74 35.87 8.28 40.15
N ASP B 75 34.57 8.14 39.90
CA ASP B 75 33.63 9.25 40.03
C ASP B 75 33.06 9.39 41.44
N THR B 76 32.69 8.28 42.06
CA THR B 76 32.13 8.30 43.42
C THR B 76 33.21 8.06 44.46
N GLU B 77 34.36 7.56 44.00
CA GLU B 77 35.53 7.30 44.86
C GLU B 77 35.21 6.34 46.01
N THR B 78 34.15 5.56 45.85
CA THR B 78 33.77 4.54 46.82
C THR B 78 34.35 3.19 46.44
N SER B 79 34.16 2.19 47.28
CA SER B 79 34.72 0.85 47.05
C SER B 79 34.02 0.11 45.92
N VAL B 80 34.76 -0.77 45.25
CA VAL B 80 34.19 -1.63 44.21
C VAL B 80 33.82 -2.99 44.79
N GLY B 81 34.41 -3.30 45.94
CA GLY B 81 34.20 -4.57 46.61
C GLY B 81 35.30 -4.85 47.61
N TYR B 82 34.98 -5.62 48.65
CA TYR B 82 35.94 -5.93 49.71
C TYR B 82 36.80 -7.12 49.32
N TYR B 83 38.03 -6.85 48.87
CA TYR B 83 38.93 -7.91 48.43
C TYR B 83 40.34 -7.70 48.97
N ASN B 84 41.16 -8.73 48.89
CA ASN B 84 42.54 -8.65 49.35
C ASN B 84 43.50 -8.88 48.18
N LEU B 85 44.46 -7.99 48.00
CA LEU B 85 45.48 -8.19 46.97
C LEU B 85 46.75 -8.73 47.62
N GLU B 86 46.75 -10.03 47.89
CA GLU B 86 47.92 -10.69 48.47
C GLU B 86 48.88 -11.07 47.36
N VAL B 87 50.17 -10.86 47.60
CA VAL B 87 51.20 -11.10 46.61
C VAL B 87 51.80 -12.51 46.72
N ILE B 88 51.61 -13.32 45.69
CA ILE B 88 52.20 -14.65 45.60
C ILE B 88 53.73 -14.55 45.54
N SER B 89 54.19 -13.57 44.78
CA SER B 89 55.61 -13.40 44.50
C SER B 89 56.46 -12.99 45.69
N GLU B 90 57.67 -13.52 45.69
CA GLU B 90 58.76 -13.09 46.54
C GLU B 90 59.05 -11.59 46.37
N GLN B 91 59.16 -11.18 45.11
CA GLN B 91 59.34 -9.80 44.71
C GLN B 91 57.97 -9.12 44.64
N ALA B 92 57.97 -7.79 44.51
CA ALA B 92 56.83 -6.99 44.03
C ALA B 92 57.14 -5.50 44.11
N THR B 93 56.97 -4.81 42.98
CA THR B 93 56.98 -3.36 42.98
C THR B 93 55.61 -2.88 42.50
N ALA B 94 54.81 -2.35 43.41
CA ALA B 94 53.46 -1.88 43.08
C ALA B 94 53.36 -0.37 43.25
N TYR B 95 52.55 0.28 42.42
CA TYR B 95 52.37 1.72 42.51
C TYR B 95 50.98 2.05 43.02
N VAL B 96 50.93 2.52 44.27
CA VAL B 96 49.67 2.82 44.94
C VAL B 96 49.12 4.18 44.54
N ILE B 97 47.97 4.18 43.87
CA ILE B 97 47.27 5.42 43.56
C ILE B 97 45.85 5.34 44.11
N LYS B 98 45.69 5.84 45.34
CA LYS B 98 44.42 6.31 45.91
C LYS B 98 43.49 6.91 44.82
N ILE B 99 42.19 7.00 45.10
CA ILE B 99 41.23 7.29 44.03
C ILE B 99 41.04 8.78 43.68
N ASN B 100 40.98 9.66 44.67
CA ASN B 100 40.67 11.08 44.40
C ASN B 100 41.78 11.69 43.53
N GLU B 101 42.96 11.10 43.62
CA GLU B 101 44.11 11.40 42.79
C GLU B 101 43.82 11.21 41.31
N LEU B 102 43.87 9.94 40.92
CA LEU B 102 43.95 9.50 39.53
C LEU B 102 42.95 10.14 38.58
N LYS B 103 41.76 10.50 39.09
CA LYS B 103 40.64 10.92 38.25
C LYS B 103 41.06 11.82 37.10
N GLU B 104 41.78 12.90 37.37
CA GLU B 104 42.24 13.66 36.22
C GLU B 104 43.77 13.73 36.09
N LEU B 105 44.45 12.72 36.65
CA LEU B 105 45.79 12.37 36.18
C LEU B 105 45.65 11.51 34.91
N LEU B 106 44.41 11.27 34.50
CA LEU B 106 44.13 10.63 33.21
C LEU B 106 43.52 11.65 32.25
N SER B 107 42.88 12.69 32.80
CA SER B 107 42.46 13.86 32.03
C SER B 107 43.69 14.47 31.36
N LYS B 108 44.74 14.67 32.16
CA LYS B 108 46.11 14.56 31.68
C LYS B 108 46.39 14.60 30.20
N ASN B 109 46.10 13.46 29.60
CA ASN B 109 46.62 13.02 28.32
C ASN B 109 45.96 11.68 28.09
N LEU B 110 45.37 11.51 26.93
CA LEU B 110 44.50 10.36 26.69
C LEU B 110 45.33 9.12 26.35
N THR B 111 46.50 9.33 25.76
CA THR B 111 47.37 8.23 25.31
C THR B 111 47.66 7.18 26.39
N HIS B 112 47.79 7.61 27.65
CA HIS B 112 47.99 6.64 28.72
C HIS B 112 46.67 6.22 29.38
N PHE B 113 45.59 6.96 29.17
CA PHE B 113 44.29 6.51 29.64
C PHE B 113 43.91 5.26 28.88
N PHE B 114 43.96 5.34 27.55
CA PHE B 114 43.55 4.23 26.70
C PHE B 114 44.25 2.94 27.09
N TYR B 115 45.48 3.06 27.60
CA TYR B 115 46.20 1.93 28.15
C TYR B 115 45.46 1.35 29.35
N VAL B 116 45.11 2.23 30.30
CA VAL B 116 44.36 1.83 31.49
C VAL B 116 42.97 1.31 31.11
N PHE B 117 42.32 1.97 30.16
CA PHE B 117 41.01 1.55 29.68
C PHE B 117 41.08 0.12 29.12
N GLN B 118 42.10 -0.12 28.30
CA GLN B 118 42.27 -1.41 27.64
C GLN B 118 42.49 -2.56 28.61
N THR B 119 43.23 -2.30 29.69
CA THR B 119 43.48 -3.30 30.71
C THR B 119 42.16 -3.80 31.30
N LEU B 120 41.24 -2.87 31.53
CA LEU B 120 39.92 -3.21 32.05
C LEU B 120 39.13 -4.04 31.03
N GLN B 121 39.26 -3.68 29.75
CA GLN B 121 38.62 -4.43 28.67
C GLN B 121 39.14 -5.86 28.62
N LYS B 122 40.44 -6.02 28.83
CA LYS B 122 41.05 -7.33 28.88
C LYS B 122 40.55 -8.10 30.12
N GLN B 123 40.32 -7.37 31.21
CA GLN B 123 39.82 -7.96 32.44
C GLN B 123 38.41 -8.53 32.27
N VAL B 124 37.51 -7.71 31.72
CA VAL B 124 36.13 -8.10 31.49
C VAL B 124 36.03 -9.36 30.64
N SER B 125 36.72 -9.37 29.50
CA SER B 125 36.72 -10.52 28.61
C SER B 125 37.37 -11.73 29.26
N TYR B 126 38.29 -11.50 30.20
CA TYR B 126 38.90 -12.59 30.96
C TYR B 126 37.91 -13.21 31.93
N SER B 127 37.23 -12.37 32.70
CA SER B 127 36.26 -12.84 33.69
C SER B 127 35.14 -13.65 33.04
N LEU B 128 34.63 -13.15 31.92
CA LEU B 128 33.56 -13.82 31.18
C LEU B 128 34.00 -15.18 30.66
N ALA B 129 35.17 -15.23 30.03
CA ALA B 129 35.73 -16.49 29.54
C ALA B 129 35.99 -17.47 30.69
N LYS B 130 36.48 -16.95 31.80
CA LYS B 130 36.71 -17.73 33.00
C LYS B 130 35.38 -18.24 33.56
N PHE B 131 34.34 -17.41 33.46
CA PHE B 131 33.01 -17.78 33.93
C PHE B 131 32.37 -18.84 33.03
N ASN B 132 32.52 -18.69 31.72
CA ASN B 132 31.94 -19.64 30.76
C ASN B 132 32.46 -21.06 30.93
N ASP B 133 33.78 -21.22 30.97
CA ASP B 133 34.42 -22.53 30.99
C ASP B 133 34.25 -23.26 32.33
N PHE B 134 34.20 -22.50 33.42
CA PHE B 134 34.01 -23.08 34.75
C PHE B 134 32.60 -23.61 34.92
N SER B 135 31.62 -22.88 34.41
CA SER B 135 30.21 -23.18 34.61
C SER B 135 29.70 -24.41 33.86
N ILE B 136 30.04 -24.51 32.58
CA ILE B 136 29.51 -25.57 31.72
C ILE B 136 29.92 -26.98 32.13
N ASN B 137 31.18 -27.15 32.50
CA ASN B 137 31.71 -28.48 32.82
C ASN B 137 32.08 -28.66 34.29
N GLY B 138 31.54 -27.79 35.15
CA GLY B 138 31.74 -27.91 36.58
C GLY B 138 33.18 -27.87 37.08
N LYS B 139 33.43 -28.57 38.18
CA LYS B 139 34.74 -28.58 38.83
C LYS B 139 35.86 -29.12 37.93
N LEU B 140 35.60 -30.24 37.25
CA LEU B 140 36.59 -30.80 36.33
C LEU B 140 36.94 -29.78 35.25
N GLY B 141 35.92 -29.07 34.76
CA GLY B 141 36.14 -27.97 33.85
C GLY B 141 36.88 -26.83 34.53
N SER B 142 36.48 -26.49 35.74
CA SER B 142 37.11 -25.43 36.52
C SER B 142 38.62 -25.61 36.68
N ILE B 143 39.04 -26.84 36.99
CA ILE B 143 40.46 -27.14 37.17
C ILE B 143 41.24 -27.03 35.86
N CYS B 144 40.73 -27.68 34.82
CA CYS B 144 41.32 -27.62 33.48
C CYS B 144 41.49 -26.17 33.02
N GLY B 145 40.51 -25.33 33.35
CA GLY B 145 40.60 -23.92 33.06
C GLY B 145 41.76 -23.23 33.75
N GLN B 146 41.77 -23.31 35.07
CA GLN B 146 42.82 -22.69 35.88
C GLN B 146 44.20 -23.23 35.48
N LEU B 147 44.28 -24.52 35.21
CA LEU B 147 45.51 -25.15 34.76
C LEU B 147 45.99 -24.54 33.45
N LEU B 148 45.07 -24.35 32.49
CA LEU B 148 45.39 -23.77 31.19
C LEU B 148 45.87 -22.32 31.32
N ILE B 149 45.34 -21.61 32.31
CA ILE B 149 45.75 -20.25 32.58
C ILE B 149 47.19 -20.22 33.07
N LEU B 150 47.47 -21.04 34.08
CA LEU B 150 48.82 -21.19 34.63
C LEU B 150 49.77 -21.72 33.56
N THR B 151 49.26 -22.65 32.74
CA THR B 151 50.00 -23.23 31.64
C THR B 151 50.52 -22.17 30.66
N TYR B 152 49.68 -21.17 30.38
CA TYR B 152 50.03 -20.12 29.44
C TYR B 152 50.86 -19.02 30.09
N VAL B 153 50.24 -18.30 31.01
CA VAL B 153 50.84 -17.09 31.59
C VAL B 153 52.07 -17.41 32.44
N TYR B 154 52.07 -18.57 33.09
CA TYR B 154 53.22 -18.97 33.90
C TYR B 154 53.95 -20.15 33.25
N GLY B 155 54.00 -20.16 31.92
CA GLY B 155 54.44 -21.31 31.14
C GLY B 155 55.93 -21.59 30.96
N LYS B 156 56.27 -22.88 30.85
CA LYS B 156 57.66 -23.33 30.76
C LYS B 156 57.70 -24.44 29.68
N GLU B 157 58.88 -24.75 29.13
CA GLU B 157 58.98 -25.79 28.11
C GLU B 157 60.37 -26.46 28.16
N THR B 158 60.34 -27.76 28.46
CA THR B 158 61.50 -28.62 28.71
C THR B 158 61.35 -29.65 27.54
N PRO B 159 62.00 -30.84 27.58
CA PRO B 159 61.33 -31.94 26.88
C PRO B 159 60.13 -32.54 27.64
N ASP B 160 59.83 -31.94 28.79
CA ASP B 160 58.59 -32.04 29.55
C ASP B 160 57.32 -32.47 28.82
N GLY B 161 57.01 -31.71 27.78
CA GLY B 161 55.65 -31.35 27.44
C GLY B 161 55.46 -29.85 27.66
N ILE B 162 55.22 -29.44 28.91
CA ILE B 162 54.93 -28.03 29.26
C ILE B 162 55.49 -27.77 30.69
N LYS B 163 55.28 -26.57 31.27
CA LYS B 163 55.23 -26.42 32.74
C LYS B 163 54.86 -25.00 33.26
N ILE B 164 54.29 -24.98 34.47
CA ILE B 164 53.96 -23.78 35.24
C ILE B 164 55.10 -23.31 36.17
N THR B 165 55.66 -22.12 35.93
CA THR B 165 56.84 -21.64 36.66
C THR B 165 56.67 -21.57 38.18
N LEU B 166 55.44 -21.39 38.64
CA LEU B 166 55.16 -21.13 40.05
C LEU B 166 55.48 -22.31 40.98
N ASP B 167 56.29 -22.04 41.99
CA ASP B 167 56.40 -22.93 43.14
C ASP B 167 55.60 -22.30 44.26
N ASN B 168 55.36 -23.06 45.32
CA ASN B 168 54.33 -22.76 46.31
C ASN B 168 52.96 -22.76 45.63
N LEU B 169 52.82 -23.58 44.59
CA LEU B 169 51.51 -23.91 44.01
C LEU B 169 51.06 -25.23 44.60
N THR B 170 50.31 -25.15 45.71
CA THR B 170 49.88 -26.33 46.45
C THR B 170 48.37 -26.57 46.26
N MET B 171 47.98 -27.84 46.27
CA MET B 171 46.64 -28.25 45.84
C MET B 171 45.48 -27.69 46.66
N GLN B 172 45.73 -27.23 47.89
CA GLN B 172 44.65 -26.62 48.64
C GLN B 172 44.39 -25.21 48.08
N GLU B 173 45.43 -24.59 47.54
CA GLU B 173 45.31 -23.25 46.95
C GLU B 173 44.86 -23.32 45.49
N LEU B 174 45.34 -24.32 44.75
CA LEU B 174 44.87 -24.52 43.38
C LEU B 174 43.38 -24.82 43.42
N GLY B 175 42.96 -25.54 44.46
CA GLY B 175 41.55 -25.76 44.70
C GLY B 175 40.82 -24.46 44.96
N TYR B 176 41.47 -23.54 45.68
CA TYR B 176 40.88 -22.25 46.03
C TYR B 176 40.65 -21.39 44.79
N SER B 177 41.53 -21.51 43.80
CA SER B 177 41.39 -20.79 42.55
C SER B 177 40.12 -21.25 41.84
N SER B 178 39.84 -22.55 41.89
CA SER B 178 38.57 -23.09 41.46
C SER B 178 37.59 -23.02 42.63
N GLY B 179 36.51 -23.79 42.57
CA GLY B 179 35.52 -23.78 43.63
C GLY B 179 35.87 -24.66 44.82
N ILE B 180 36.76 -25.62 44.59
CA ILE B 180 37.09 -26.64 45.58
C ILE B 180 37.68 -26.08 46.88
N ALA B 181 37.20 -26.57 48.02
CA ALA B 181 37.68 -26.12 49.33
C ALA B 181 38.35 -27.25 50.10
N HIS B 182 38.40 -28.43 49.49
CA HIS B 182 38.98 -29.59 50.14
C HIS B 182 40.16 -30.15 49.33
N SER B 183 41.32 -30.19 49.96
CA SER B 183 42.57 -30.63 49.33
C SER B 183 42.46 -32.02 48.71
N SER B 184 41.69 -32.90 49.35
CA SER B 184 41.53 -34.27 48.88
C SER B 184 40.70 -34.34 47.61
N ALA B 185 39.70 -33.48 47.49
CA ALA B 185 38.87 -33.43 46.30
C ALA B 185 39.71 -33.04 45.07
N VAL B 186 40.71 -32.19 45.30
CA VAL B 186 41.64 -31.80 44.24
C VAL B 186 42.50 -32.99 43.79
N SER B 187 43.11 -33.68 44.76
CA SER B 187 43.92 -34.85 44.48
C SER B 187 43.15 -35.91 43.70
N ARG B 188 41.89 -36.13 44.08
CA ARG B 188 41.01 -37.04 43.37
C ARG B 188 40.93 -36.69 41.89
N ILE B 189 40.75 -35.40 41.62
CA ILE B 189 40.71 -34.92 40.25
C ILE B 189 42.09 -35.06 39.60
N ILE B 190 43.09 -34.38 40.15
CA ILE B 190 44.46 -34.45 39.63
C ILE B 190 44.90 -35.89 39.39
N SER B 191 44.74 -36.77 40.37
CA SER B 191 45.07 -38.18 40.15
C SER B 191 44.30 -38.77 38.97
N LYS B 192 42.96 -38.66 39.01
CA LYS B 192 42.13 -39.08 37.88
C LYS B 192 42.55 -38.41 36.60
N LEU B 193 42.60 -37.08 36.63
CA LEU B 193 43.03 -36.27 35.49
C LEU B 193 44.29 -36.79 34.80
N LYS B 194 45.05 -37.66 35.47
CA LYS B 194 46.26 -38.18 34.85
C LYS B 194 46.50 -39.67 34.90
N GLN B 195 45.44 -40.45 34.84
CA GLN B 195 45.56 -41.78 34.29
C GLN B 195 44.94 -41.56 32.92
N GLU B 196 44.42 -40.33 32.77
CA GLU B 196 44.22 -39.69 31.48
C GLU B 196 45.61 -39.22 31.03
N LYS B 197 46.59 -39.41 31.91
CA LYS B 197 47.91 -38.78 31.90
C LYS B 197 47.99 -37.34 31.38
N VAL B 198 47.05 -36.49 31.78
CA VAL B 198 46.98 -35.10 31.32
C VAL B 198 47.90 -34.10 32.09
N ILE B 199 48.72 -34.60 33.00
CA ILE B 199 49.94 -33.94 33.54
C ILE B 199 50.87 -34.98 34.19
N VAL B 200 51.99 -34.51 34.75
CA VAL B 200 52.74 -35.25 35.75
C VAL B 200 52.93 -34.34 36.97
N TYR B 201 52.94 -34.91 38.19
CA TYR B 201 53.15 -34.12 39.40
C TYR B 201 54.59 -34.24 39.90
N LYS B 202 55.36 -35.11 39.26
CA LYS B 202 56.79 -35.32 39.54
C LYS B 202 57.56 -34.06 39.96
N ASN B 203 58.59 -34.23 40.78
CA ASN B 203 59.44 -33.11 41.22
C ASN B 203 58.63 -32.10 42.04
N SER B 204 57.46 -32.54 42.50
CA SER B 204 56.55 -31.77 43.37
C SER B 204 55.92 -30.55 42.69
N CYS B 205 56.06 -30.44 41.37
CA CYS B 205 55.41 -29.39 40.62
C CYS B 205 54.58 -29.98 39.45
N PHE B 206 53.75 -29.15 38.82
CA PHE B 206 52.72 -29.62 37.88
C PHE B 206 53.16 -29.65 36.40
N TYR B 207 53.46 -30.84 35.89
CA TYR B 207 53.95 -31.03 34.51
C TYR B 207 52.90 -31.55 33.51
N VAL B 208 52.19 -30.66 32.82
CA VAL B 208 51.13 -31.07 31.88
C VAL B 208 51.79 -31.65 30.60
N GLN B 209 51.02 -31.77 29.53
CA GLN B 209 51.21 -32.80 28.49
C GLN B 209 51.00 -32.34 27.08
N ASN B 210 49.78 -31.83 26.91
CA ASN B 210 48.96 -31.99 25.73
C ASN B 210 47.84 -30.99 25.93
N LEU B 211 48.09 -29.75 25.51
CA LEU B 211 47.24 -28.61 25.81
C LEU B 211 45.82 -28.88 25.33
N ASP B 212 45.75 -29.64 24.24
CA ASP B 212 44.49 -29.99 23.58
C ASP B 212 43.43 -30.54 24.54
N TYR B 213 43.86 -31.30 25.55
CA TYR B 213 42.92 -31.81 26.55
C TYR B 213 42.41 -30.65 27.40
N LEU B 214 43.31 -29.79 27.83
CA LEU B 214 42.95 -28.61 28.60
C LEU B 214 42.15 -27.63 27.74
N LYS B 215 42.56 -27.49 26.48
CA LYS B 215 41.90 -26.59 25.53
C LYS B 215 40.44 -26.98 25.32
N ARG B 216 40.20 -28.27 25.20
CA ARG B 216 38.86 -28.80 24.91
C ARG B 216 37.89 -28.58 26.07
N TYR B 217 38.43 -28.46 27.29
CA TYR B 217 37.61 -28.31 28.47
C TYR B 217 37.42 -26.84 28.87
N ALA B 218 38.37 -26.01 28.48
CA ALA B 218 38.26 -24.57 28.71
C ALA B 218 38.44 -23.77 27.42
N PRO B 219 37.47 -23.89 26.50
CA PRO B 219 37.61 -23.31 25.16
C PRO B 219 37.67 -21.77 25.16
N LYS B 220 36.77 -21.12 25.87
CA LYS B 220 36.70 -19.66 25.90
C LYS B 220 37.96 -19.03 26.48
N LEU B 221 38.59 -19.72 27.43
CA LEU B 221 39.83 -19.24 28.03
C LEU B 221 40.97 -19.27 27.01
N ASP B 222 41.11 -20.39 26.29
CA ASP B 222 42.10 -20.50 25.21
C ASP B 222 41.89 -19.41 24.17
N GLU B 223 40.63 -19.25 23.75
CA GLU B 223 40.25 -18.24 22.78
C GLU B 223 40.62 -16.83 23.25
N TRP B 224 40.46 -16.57 24.55
CA TRP B 224 40.78 -15.26 25.10
C TRP B 224 42.25 -14.93 24.93
N PHE B 225 43.11 -15.92 25.16
CA PHE B 225 44.54 -15.74 25.01
C PHE B 225 44.92 -15.55 23.55
N TYR B 226 44.04 -15.97 22.65
CA TYR B 226 44.30 -15.80 21.22
C TYR B 226 43.89 -14.41 20.73
N LEU B 227 42.93 -13.80 21.40
CA LEU B 227 42.42 -12.48 21.01
C LEU B 227 43.08 -11.37 21.83
N ALA B 228 43.27 -11.62 23.12
CA ALA B 228 44.06 -10.73 23.98
C ALA B 228 45.27 -11.49 24.48
N CYS B 229 46.39 -10.80 24.66
CA CYS B 229 47.68 -11.44 24.96
C CYS B 229 48.01 -12.57 23.97
N PRO B 230 48.03 -12.26 22.66
CA PRO B 230 48.23 -13.31 21.67
C PRO B 230 49.68 -13.79 21.61
N ALA B 231 50.60 -12.92 21.99
CA ALA B 231 52.01 -13.27 22.06
C ALA B 231 52.25 -14.42 23.05
N THR B 232 51.64 -14.30 24.22
CA THR B 232 51.73 -15.35 25.23
C THR B 232 51.09 -16.65 24.74
N TRP B 233 50.10 -16.52 23.87
CA TRP B 233 49.44 -17.69 23.28
C TRP B 233 50.33 -18.35 22.24
N GLY B 234 51.24 -17.57 21.66
CA GLY B 234 52.09 -18.07 20.60
C GLY B 234 53.23 -18.98 21.02
N LYS B 235 53.76 -18.75 22.22
CA LYS B 235 54.89 -19.54 22.72
C LYS B 235 54.52 -21.00 22.98
N LEU B 236 53.30 -21.23 23.45
CA LEU B 236 52.84 -22.57 23.75
C LEU B 236 51.93 -23.08 22.65
N ASN B 237 51.87 -22.32 21.55
CA ASN B 237 51.07 -22.66 20.38
C ASN B 237 49.60 -22.86 20.72
N ASN E 2 -34.74 -18.66 -2.00
CA ASN E 2 -36.09 -18.17 -2.25
C ASN E 2 -36.67 -17.43 -1.05
N ALA E 3 -38.00 -17.43 -0.94
CA ALA E 3 -38.74 -16.71 0.11
C ALA E 3 -38.46 -15.20 0.11
N GLN E 4 -37.18 -14.84 0.15
CA GLN E 4 -36.75 -13.45 0.15
C GLN E 4 -36.48 -13.00 -1.29
N ALA E 5 -36.19 -13.96 -2.15
CA ALA E 5 -36.03 -13.71 -3.57
C ALA E 5 -37.36 -13.35 -4.22
N GLU E 6 -38.44 -14.02 -3.82
CA GLU E 6 -39.76 -13.63 -4.33
C GLU E 6 -40.38 -12.60 -3.41
N GLU E 7 -39.55 -11.72 -2.88
CA GLU E 7 -40.05 -10.42 -2.48
C GLU E 7 -39.11 -9.48 -3.22
N PHE E 8 -38.07 -10.04 -3.83
CA PHE E 8 -37.25 -9.29 -4.77
C PHE E 8 -37.87 -9.49 -6.15
N LYS E 9 -38.59 -10.62 -6.31
CA LYS E 9 -39.58 -10.81 -7.37
C LYS E 9 -39.88 -9.51 -8.06
N LYS E 10 -40.83 -8.81 -7.46
CA LYS E 10 -40.78 -7.38 -7.41
C LYS E 10 -40.12 -6.86 -6.16
N TYR E 11 -38.89 -6.43 -6.35
CA TYR E 11 -38.63 -5.06 -6.02
C TYR E 11 -38.71 -4.45 -7.41
N LEU E 12 -38.86 -5.35 -8.38
CA LEU E 12 -39.00 -5.00 -9.78
C LEU E 12 -40.47 -4.70 -10.18
N GLU E 13 -41.31 -5.69 -10.43
CA GLU E 13 -42.65 -5.55 -11.08
C GLU E 13 -43.16 -4.13 -11.33
N THR E 14 -42.96 -3.22 -10.37
CA THR E 14 -43.65 -1.93 -10.37
C THR E 14 -42.76 -0.88 -11.04
N ASN E 15 -41.48 -1.20 -11.11
CA ASN E 15 -40.49 -0.34 -11.73
C ASN E 15 -40.87 0.06 -13.15
N GLY E 16 -41.16 -0.95 -13.94
CA GLY E 16 -41.24 -0.83 -15.37
C GLY E 16 -40.54 -2.04 -15.97
N ILE E 17 -39.33 -2.32 -15.49
CA ILE E 17 -38.55 -3.47 -15.93
C ILE E 17 -39.35 -4.77 -15.90
N LYS E 18 -39.51 -5.40 -17.06
CA LYS E 18 -40.30 -6.62 -17.17
C LYS E 18 -39.43 -7.82 -17.57
N PRO E 19 -39.82 -9.03 -17.14
CA PRO E 19 -39.00 -10.21 -17.39
C PRO E 19 -38.93 -10.59 -18.86
N LYS E 20 -37.78 -11.12 -19.28
CA LYS E 20 -37.61 -11.63 -20.63
C LYS E 20 -37.25 -13.11 -20.59
N GLN E 21 -37.97 -13.93 -21.34
CA GLN E 21 -37.61 -15.35 -21.44
C GLN E 21 -36.85 -15.59 -22.73
N PHE E 22 -35.61 -16.04 -22.58
CA PHE E 22 -34.72 -16.28 -23.71
C PHE E 22 -35.01 -17.66 -24.29
N HIS E 23 -33.97 -18.37 -24.74
CA HIS E 23 -34.13 -19.76 -25.19
C HIS E 23 -32.80 -20.50 -25.08
N LYS E 24 -32.82 -21.81 -25.25
CA LYS E 24 -31.62 -22.63 -25.07
C LYS E 24 -30.47 -22.22 -25.98
N LYS E 25 -29.25 -22.42 -25.50
CA LYS E 25 -28.01 -22.20 -26.25
C LYS E 25 -27.73 -20.74 -26.59
N GLU E 26 -28.67 -19.83 -26.37
CA GLU E 26 -28.43 -18.43 -26.72
C GLU E 26 -27.92 -17.64 -25.50
N LEU E 27 -26.93 -16.79 -25.76
CA LEU E 27 -26.23 -16.06 -24.70
C LEU E 27 -27.04 -14.86 -24.22
N ILE E 28 -27.30 -14.80 -22.91
CA ILE E 28 -28.00 -13.67 -22.32
C ILE E 28 -27.12 -12.42 -22.44
N PHE E 29 -25.83 -12.58 -22.19
CA PHE E 29 -24.83 -11.58 -22.60
C PHE E 29 -23.57 -12.26 -23.10
N ASN E 30 -22.91 -11.63 -24.07
CA ASN E 30 -21.65 -12.14 -24.62
C ASN E 30 -20.46 -11.29 -24.15
N GLN E 31 -19.25 -11.80 -24.36
CA GLN E 31 -18.04 -11.13 -23.87
C GLN E 31 -17.70 -9.87 -24.67
N TRP E 32 -18.02 -9.87 -25.96
CA TRP E 32 -17.66 -8.75 -26.83
C TRP E 32 -18.61 -7.56 -26.75
N ASP E 33 -19.79 -7.81 -26.22
CA ASP E 33 -20.74 -6.76 -25.97
C ASP E 33 -20.09 -5.78 -24.99
N PRO E 34 -19.94 -4.51 -25.40
CA PRO E 34 -19.23 -3.49 -24.62
C PRO E 34 -20.17 -2.75 -23.68
N GLN E 35 -21.02 -3.55 -23.05
CA GLN E 35 -22.07 -3.13 -22.12
C GLN E 35 -21.82 -3.86 -20.81
N GLU E 36 -22.52 -3.47 -19.76
CA GLU E 36 -22.57 -4.28 -18.55
C GLU E 36 -23.99 -4.34 -17.99
N TYR E 37 -24.47 -5.53 -17.64
CA TYR E 37 -25.76 -5.62 -16.95
C TYR E 37 -25.64 -6.20 -15.55
N CYS E 38 -26.66 -5.95 -14.74
CA CYS E 38 -26.94 -6.74 -13.55
C CYS E 38 -28.13 -7.62 -13.90
N ILE E 39 -27.95 -8.93 -13.83
CA ILE E 39 -29.00 -9.85 -14.29
C ILE E 39 -29.63 -10.66 -13.14
N PHE E 40 -30.93 -10.47 -12.94
CA PHE E 40 -31.67 -11.27 -11.98
C PHE E 40 -32.26 -12.50 -12.65
N LEU E 41 -31.74 -13.66 -12.31
CA LEU E 41 -32.27 -14.92 -12.83
C LEU E 41 -33.27 -15.48 -11.81
N TYR E 42 -34.55 -15.53 -12.20
CA TYR E 42 -35.59 -16.04 -11.31
C TYR E 42 -35.76 -17.57 -11.40
N ASP E 43 -36.13 -18.04 -12.59
CA ASP E 43 -36.31 -19.48 -12.80
C ASP E 43 -35.31 -19.95 -13.84
N GLY E 44 -35.02 -21.25 -13.86
CA GLY E 44 -34.17 -21.82 -14.89
C GLY E 44 -32.71 -22.03 -14.54
N ILE E 45 -31.99 -22.72 -15.41
CA ILE E 45 -30.59 -23.08 -15.17
C ILE E 45 -29.70 -22.49 -16.27
N THR E 46 -28.61 -21.81 -15.89
CA THR E 46 -27.71 -21.20 -16.89
C THR E 46 -26.25 -21.59 -16.70
N LYS E 47 -25.39 -20.98 -17.51
CA LYS E 47 -24.02 -21.45 -17.71
C LYS E 47 -23.08 -20.26 -17.92
N LEU E 48 -21.88 -20.31 -17.32
CA LEU E 48 -20.94 -19.21 -17.44
C LEU E 48 -19.67 -19.68 -18.15
N THR E 49 -19.44 -19.18 -19.36
CA THR E 49 -18.37 -19.70 -20.21
C THR E 49 -17.27 -18.68 -20.52
N SER E 50 -16.12 -19.19 -20.97
CA SER E 50 -14.98 -18.37 -21.37
C SER E 50 -14.32 -18.94 -22.61
N ILE E 51 -14.20 -18.15 -23.67
CA ILE E 51 -13.58 -18.59 -24.91
C ILE E 51 -12.46 -17.62 -25.33
N SER E 52 -11.21 -18.09 -25.31
CA SER E 52 -10.08 -17.25 -25.72
C SER E 52 -9.90 -17.28 -27.24
N GLU E 53 -8.71 -16.90 -27.71
CA GLU E 53 -8.48 -16.71 -29.14
C GLU E 53 -8.22 -17.99 -29.92
N ASN E 54 -7.95 -19.10 -29.22
CA ASN E 54 -7.53 -20.32 -29.92
C ASN E 54 -8.40 -21.55 -29.68
N GLY E 55 -9.72 -21.32 -29.56
CA GLY E 55 -10.64 -22.43 -29.35
C GLY E 55 -11.15 -22.47 -27.92
N THR E 56 -10.28 -22.94 -27.02
CA THR E 56 -10.45 -22.87 -25.56
C THR E 56 -11.81 -22.48 -25.01
N ILE E 57 -12.62 -23.45 -24.60
CA ILE E 57 -13.81 -23.08 -23.85
C ILE E 57 -13.77 -23.75 -22.48
N MET E 58 -14.39 -23.08 -21.50
CA MET E 58 -14.26 -23.48 -20.11
C MET E 58 -15.48 -23.05 -19.32
N ASN E 59 -16.10 -23.97 -18.60
CA ASN E 59 -17.23 -23.62 -17.76
C ASN E 59 -16.75 -23.21 -16.38
N LEU E 60 -16.95 -21.94 -16.05
CA LEU E 60 -16.60 -21.42 -14.74
C LEU E 60 -17.58 -21.93 -13.69
N GLN E 61 -18.88 -21.90 -14.02
CA GLN E 61 -19.91 -22.03 -13.00
C GLN E 61 -21.32 -22.08 -13.60
N TYR E 62 -22.25 -22.78 -12.92
CA TYR E 62 -23.67 -22.77 -13.30
C TYR E 62 -24.46 -21.84 -12.39
N TYR E 63 -25.70 -21.56 -12.76
CA TYR E 63 -26.64 -20.87 -11.88
C TYR E 63 -28.00 -21.56 -12.00
N LYS E 64 -28.76 -21.60 -10.92
CA LYS E 64 -30.10 -22.20 -10.93
C LYS E 64 -31.08 -21.38 -10.10
N GLY E 65 -32.31 -21.28 -10.56
CA GLY E 65 -33.36 -20.59 -9.82
C GLY E 65 -33.02 -19.14 -9.49
N ALA E 66 -33.47 -18.71 -8.33
CA ALA E 66 -33.28 -17.32 -7.89
C ALA E 66 -31.82 -16.98 -7.61
N PHE E 67 -31.21 -16.19 -8.49
CA PHE E 67 -29.86 -15.68 -8.28
C PHE E 67 -29.59 -14.46 -9.15
N VAL E 68 -28.55 -13.70 -8.82
CA VAL E 68 -28.18 -12.51 -9.60
C VAL E 68 -26.77 -12.64 -10.17
N ILE E 69 -26.56 -12.11 -11.37
CA ILE E 69 -25.26 -12.15 -12.02
C ILE E 69 -24.91 -10.75 -12.53
N MET E 70 -23.69 -10.29 -12.24
CA MET E 70 -23.26 -8.96 -12.66
C MET E 70 -22.02 -9.03 -13.54
N SER E 71 -22.05 -8.29 -14.66
CA SER E 71 -20.92 -8.25 -15.60
C SER E 71 -20.16 -6.94 -15.46
N GLY E 72 -20.69 -6.04 -14.64
CA GLY E 72 -20.05 -4.76 -14.43
C GLY E 72 -19.99 -4.35 -12.98
N PHE E 73 -18.92 -3.63 -12.62
CA PHE E 73 -18.79 -3.10 -11.28
C PHE E 73 -19.93 -2.12 -11.00
N ILE E 74 -20.34 -2.03 -9.75
CA ILE E 74 -21.46 -1.17 -9.38
C ILE E 74 -21.18 0.30 -9.73
N ASP E 75 -20.21 0.94 -9.08
CA ASP E 75 -20.02 2.39 -9.25
C ASP E 75 -19.30 2.81 -10.53
N THR E 76 -18.27 2.07 -10.94
CA THR E 76 -17.51 2.44 -12.13
C THR E 76 -18.23 2.01 -13.42
N GLU E 77 -19.19 1.10 -13.28
CA GLU E 77 -20.07 0.68 -14.37
C GLU E 77 -19.28 0.16 -15.57
N THR E 78 -18.18 -0.52 -15.29
CA THR E 78 -17.29 -1.05 -16.31
C THR E 78 -17.16 -2.56 -16.16
N SER E 79 -16.67 -3.22 -17.20
CA SER E 79 -16.60 -4.69 -17.23
C SER E 79 -15.73 -5.27 -16.12
N VAL E 80 -16.21 -6.35 -15.51
CA VAL E 80 -15.48 -7.06 -14.47
C VAL E 80 -14.69 -8.21 -15.08
N GLY E 81 -14.97 -8.48 -16.36
CA GLY E 81 -14.36 -9.59 -17.08
C GLY E 81 -15.12 -9.91 -18.36
N TYR E 82 -14.48 -10.63 -19.28
CA TYR E 82 -15.11 -10.94 -20.56
C TYR E 82 -15.68 -12.36 -20.54
N TYR E 83 -16.98 -12.47 -20.23
CA TYR E 83 -17.63 -13.76 -20.04
C TYR E 83 -18.94 -13.86 -20.82
N ASN E 84 -19.49 -15.08 -20.90
CA ASN E 84 -20.75 -15.33 -21.59
C ASN E 84 -21.73 -16.09 -20.71
N LEU E 85 -23.00 -15.69 -20.72
CA LEU E 85 -24.02 -16.37 -19.93
C LEU E 85 -24.97 -17.17 -20.81
N GLU E 86 -24.66 -18.45 -20.97
CA GLU E 86 -25.44 -19.34 -21.82
C GLU E 86 -26.44 -20.13 -20.98
N VAL E 87 -27.51 -20.62 -21.61
CA VAL E 87 -28.55 -21.35 -20.90
C VAL E 87 -28.60 -22.82 -21.28
N ILE E 88 -28.80 -23.70 -20.30
CA ILE E 88 -28.90 -25.15 -20.54
C ILE E 88 -30.33 -25.65 -20.40
N SER E 89 -31.08 -25.11 -19.44
CA SER E 89 -32.48 -25.45 -19.28
C SER E 89 -33.26 -25.14 -20.55
N GLU E 90 -34.32 -25.90 -20.81
CA GLU E 90 -35.11 -25.73 -22.04
C GLU E 90 -35.57 -24.27 -22.18
N GLN E 91 -35.70 -23.58 -21.04
CA GLN E 91 -35.31 -22.16 -20.87
C GLN E 91 -35.76 -21.49 -19.55
N ALA E 92 -34.88 -20.62 -19.06
CA ALA E 92 -35.06 -19.77 -17.88
C ALA E 92 -35.91 -18.50 -18.08
N THR E 93 -36.16 -17.80 -16.97
CA THR E 93 -36.77 -16.45 -16.96
C THR E 93 -35.81 -15.46 -16.28
N ALA E 94 -35.54 -14.32 -16.91
CA ALA E 94 -34.54 -13.38 -16.38
C ALA E 94 -34.95 -11.91 -16.48
N TYR E 95 -34.37 -11.09 -15.61
CA TYR E 95 -34.60 -9.65 -15.62
C TYR E 95 -33.32 -8.90 -15.97
N VAL E 96 -33.17 -8.55 -17.25
CA VAL E 96 -31.97 -7.88 -17.76
C VAL E 96 -31.98 -6.41 -17.38
N ILE E 97 -30.94 -5.96 -16.69
CA ILE E 97 -30.89 -4.57 -16.27
C ILE E 97 -29.48 -4.01 -16.50
N LYS E 98 -29.37 -2.96 -17.32
CA LYS E 98 -28.12 -2.21 -17.54
C LYS E 98 -27.44 -1.85 -16.20
N ILE E 99 -26.24 -1.27 -16.19
CA ILE E 99 -25.63 -0.93 -14.89
C ILE E 99 -25.93 0.52 -14.49
N ASN E 100 -26.21 1.38 -15.47
CA ASN E 100 -26.52 2.80 -15.25
C ASN E 100 -27.52 3.05 -14.12
N GLU E 101 -28.56 2.22 -14.12
CA GLU E 101 -29.72 2.33 -13.25
C GLU E 101 -29.51 2.00 -11.77
N LEU E 102 -28.65 1.04 -11.48
CA LEU E 102 -28.85 0.12 -10.37
C LEU E 102 -28.81 0.78 -9.00
N LYS E 103 -27.69 1.43 -8.68
CA LYS E 103 -27.44 2.11 -7.41
C LYS E 103 -28.71 2.44 -6.65
N GLU E 104 -29.44 3.41 -7.20
CA GLU E 104 -30.59 4.02 -6.57
C GLU E 104 -31.75 3.05 -6.33
N LEU E 105 -31.95 2.09 -7.24
CA LEU E 105 -33.00 1.08 -7.07
C LEU E 105 -32.94 0.46 -5.68
N LEU E 106 -31.87 -0.26 -5.39
CA LEU E 106 -31.67 -0.83 -4.06
C LEU E 106 -31.10 0.18 -3.06
N SER E 107 -30.60 1.32 -3.54
CA SER E 107 -30.26 2.41 -2.61
C SER E 107 -31.54 2.99 -2.04
N LYS E 108 -32.65 2.77 -2.74
CA LYS E 108 -33.96 3.24 -2.30
C LYS E 108 -34.62 2.25 -1.35
N ASN E 109 -34.24 0.97 -1.44
CA ASN E 109 -34.77 -0.04 -0.54
C ASN E 109 -33.63 -0.95 -0.06
N LEU E 110 -33.41 -0.98 1.25
CA LEU E 110 -32.30 -1.72 1.84
C LEU E 110 -32.70 -3.11 2.36
N THR E 111 -34.00 -3.43 2.31
CA THR E 111 -34.47 -4.78 2.62
C THR E 111 -33.96 -5.76 1.57
N HIS E 112 -34.14 -5.33 0.33
CA HIS E 112 -33.84 -6.09 -0.87
C HIS E 112 -32.37 -5.98 -1.23
N PHE E 113 -31.84 -4.78 -1.01
CA PHE E 113 -30.47 -4.42 -1.33
C PHE E 113 -29.55 -5.54 -0.88
N PHE E 114 -29.59 -5.83 0.41
CA PHE E 114 -28.65 -6.77 0.99
C PHE E 114 -28.89 -8.19 0.45
N TYR E 115 -30.12 -8.50 0.03
CA TYR E 115 -30.38 -9.81 -0.59
C TYR E 115 -29.47 -10.02 -1.79
N VAL E 116 -29.13 -8.93 -2.48
CA VAL E 116 -28.20 -9.00 -3.60
C VAL E 116 -26.78 -9.25 -3.10
N PHE E 117 -26.43 -8.61 -1.99
CA PHE E 117 -25.04 -8.59 -1.52
C PHE E 117 -24.49 -9.92 -1.06
N GLN E 118 -25.33 -10.79 -0.48
CA GLN E 118 -24.79 -12.04 0.04
C GLN E 118 -24.77 -13.09 -1.05
N THR E 119 -25.63 -12.93 -2.06
CA THR E 119 -25.51 -13.74 -3.28
C THR E 119 -24.09 -13.59 -3.80
N LEU E 120 -23.61 -12.34 -3.76
CA LEU E 120 -22.23 -12.03 -4.08
C LEU E 120 -21.29 -12.66 -3.06
N GLN E 121 -21.71 -12.65 -1.79
CA GLN E 121 -20.94 -13.25 -0.70
C GLN E 121 -21.01 -14.78 -0.75
N LYS E 122 -22.09 -15.31 -1.33
CA LYS E 122 -22.23 -16.75 -1.50
C LYS E 122 -21.33 -17.26 -2.62
N GLN E 123 -20.92 -16.35 -3.51
CA GLN E 123 -20.09 -16.73 -4.65
C GLN E 123 -18.59 -16.62 -4.30
N VAL E 124 -18.22 -15.62 -3.51
CA VAL E 124 -16.83 -15.46 -3.09
C VAL E 124 -16.39 -16.67 -2.27
N SER E 125 -17.33 -17.28 -1.56
CA SER E 125 -17.08 -18.48 -0.79
C SER E 125 -17.03 -19.70 -1.71
N TYR E 126 -18.08 -19.84 -2.52
CA TYR E 126 -18.21 -20.92 -3.49
C TYR E 126 -17.00 -21.02 -4.41
N SER E 127 -16.58 -19.90 -4.96
CA SER E 127 -15.43 -19.84 -5.85
C SER E 127 -14.17 -20.32 -5.14
N LEU E 128 -13.93 -19.81 -3.93
CA LEU E 128 -12.78 -20.19 -3.12
C LEU E 128 -12.84 -21.66 -2.71
N ALA E 129 -13.98 -22.08 -2.16
CA ALA E 129 -14.18 -23.46 -1.77
C ALA E 129 -13.95 -24.43 -2.94
N LYS E 130 -14.49 -24.08 -4.11
CA LYS E 130 -14.28 -24.87 -5.32
C LYS E 130 -12.81 -24.86 -5.75
N PHE E 131 -12.19 -23.68 -5.75
CA PHE E 131 -10.79 -23.55 -6.15
C PHE E 131 -9.86 -24.34 -5.24
N ASN E 132 -10.27 -24.53 -3.99
CA ASN E 132 -9.46 -25.28 -3.03
C ASN E 132 -9.37 -26.76 -3.38
N ASP E 133 -10.51 -27.38 -3.67
CA ASP E 133 -10.56 -28.83 -3.91
C ASP E 133 -10.25 -29.19 -5.36
N PHE E 134 -10.34 -28.22 -6.25
CA PHE E 134 -9.98 -28.44 -7.66
C PHE E 134 -8.47 -28.43 -7.85
N SER E 135 -7.79 -27.65 -7.02
CA SER E 135 -6.33 -27.50 -7.10
C SER E 135 -5.60 -28.76 -6.64
N ILE E 136 -5.99 -29.29 -5.49
CA ILE E 136 -5.45 -30.55 -4.99
C ILE E 136 -6.21 -31.73 -5.61
N ASN E 137 -5.60 -32.92 -5.57
CA ASN E 137 -6.19 -34.14 -6.12
C ASN E 137 -6.53 -34.05 -7.62
N GLY E 138 -5.63 -33.45 -8.40
CA GLY E 138 -5.74 -33.38 -9.85
C GLY E 138 -7.09 -33.08 -10.47
N LYS E 139 -7.34 -33.67 -11.64
CA LYS E 139 -8.61 -33.50 -12.33
C LYS E 139 -9.66 -34.46 -11.80
N LEU E 140 -9.20 -35.61 -11.31
CA LEU E 140 -10.09 -36.61 -10.72
C LEU E 140 -10.91 -36.01 -9.58
N GLY E 141 -10.28 -35.12 -8.82
CA GLY E 141 -10.97 -34.39 -7.77
C GLY E 141 -11.91 -33.36 -8.35
N SER E 142 -11.50 -32.71 -9.43
CA SER E 142 -12.33 -31.72 -10.13
C SER E 142 -13.62 -32.33 -10.63
N ILE E 143 -13.53 -33.53 -11.22
CA ILE E 143 -14.70 -34.27 -11.66
C ILE E 143 -15.60 -34.57 -10.46
N CYS E 144 -15.00 -35.11 -9.41
CA CYS E 144 -15.70 -35.37 -8.16
C CYS E 144 -16.23 -34.10 -7.55
N GLY E 145 -15.57 -32.98 -7.84
CA GLY E 145 -16.04 -31.67 -7.40
C GLY E 145 -17.38 -31.35 -8.02
N GLN E 146 -17.42 -31.32 -9.36
CA GLN E 146 -18.65 -31.05 -10.09
C GLN E 146 -19.77 -32.03 -9.77
N LEU E 147 -19.44 -33.33 -9.80
CA LEU E 147 -20.40 -34.37 -9.49
C LEU E 147 -21.10 -34.10 -8.16
N LEU E 148 -20.37 -33.55 -7.19
CA LEU E 148 -20.94 -33.22 -5.89
C LEU E 148 -21.83 -31.96 -5.98
N ILE E 149 -21.35 -30.94 -6.69
CA ILE E 149 -22.13 -29.71 -6.88
C ILE E 149 -23.45 -30.02 -7.59
N LEU E 150 -23.35 -30.77 -8.69
CA LEU E 150 -24.52 -31.17 -9.47
C LEU E 150 -25.45 -32.04 -8.64
N THR E 151 -24.88 -32.89 -7.80
CA THR E 151 -25.65 -33.75 -6.90
C THR E 151 -26.49 -32.95 -5.91
N TYR E 152 -25.93 -31.84 -5.43
CA TYR E 152 -26.56 -31.07 -4.35
C TYR E 152 -27.64 -30.09 -4.80
N VAL E 153 -27.23 -28.95 -5.35
CA VAL E 153 -28.13 -27.83 -5.65
C VAL E 153 -29.35 -28.23 -6.47
N TYR E 154 -29.19 -29.21 -7.34
CA TYR E 154 -30.29 -29.67 -8.19
C TYR E 154 -31.13 -30.74 -7.49
N GLY E 155 -30.60 -31.25 -6.37
CA GLY E 155 -31.27 -32.12 -5.41
C GLY E 155 -32.56 -32.89 -5.67
N LYS E 156 -32.48 -34.21 -5.52
CA LYS E 156 -33.64 -35.11 -5.44
C LYS E 156 -33.16 -36.54 -5.16
N GLU E 157 -33.92 -37.28 -4.34
CA GLU E 157 -33.53 -38.62 -3.95
C GLU E 157 -34.35 -39.70 -4.68
N THR E 158 -33.71 -40.83 -4.96
CA THR E 158 -34.36 -41.98 -5.56
C THR E 158 -33.80 -43.18 -4.80
N PRO E 159 -34.61 -44.24 -4.57
CA PRO E 159 -33.99 -45.34 -3.83
C PRO E 159 -33.10 -46.24 -4.70
N ASP E 160 -32.93 -45.86 -5.95
CA ASP E 160 -31.96 -46.53 -6.83
C ASP E 160 -30.69 -45.67 -6.93
N GLY E 161 -30.56 -44.70 -6.04
CA GLY E 161 -29.45 -43.76 -6.05
C GLY E 161 -29.95 -42.34 -6.17
N ILE E 162 -29.08 -41.34 -6.03
CA ILE E 162 -29.52 -39.96 -6.20
C ILE E 162 -29.43 -39.54 -7.66
N LYS E 163 -30.40 -38.73 -8.09
CA LYS E 163 -30.28 -37.83 -9.24
C LYS E 163 -29.07 -37.59 -10.14
N ILE E 164 -29.42 -37.04 -11.30
CA ILE E 164 -29.16 -35.62 -11.61
C ILE E 164 -30.09 -35.25 -12.76
N THR E 165 -31.00 -34.32 -12.48
CA THR E 165 -32.07 -33.97 -13.40
C THR E 165 -31.55 -33.27 -14.65
N LEU E 166 -30.29 -32.87 -14.60
CA LEU E 166 -29.68 -32.23 -15.75
C LEU E 166 -29.67 -33.14 -16.97
N ASP E 167 -30.72 -33.03 -17.77
CA ASP E 167 -30.65 -33.45 -19.15
C ASP E 167 -29.47 -32.71 -19.76
N ASN E 168 -28.73 -33.38 -20.67
CA ASN E 168 -27.66 -32.77 -21.47
C ASN E 168 -26.26 -32.80 -20.80
N LEU E 169 -26.08 -33.59 -19.74
CA LEU E 169 -24.73 -33.76 -19.19
C LEU E 169 -23.80 -34.51 -20.15
N THR E 170 -23.36 -33.82 -21.20
CA THR E 170 -22.36 -34.36 -22.13
C THR E 170 -21.05 -34.63 -21.41
N MET E 171 -20.36 -35.70 -21.79
CA MET E 171 -19.06 -36.01 -21.20
C MET E 171 -18.11 -34.87 -21.46
N GLN E 172 -18.21 -34.29 -22.66
CA GLN E 172 -17.44 -33.11 -23.01
C GLN E 172 -17.86 -31.95 -22.10
N GLU E 173 -19.17 -31.75 -21.98
CA GLU E 173 -19.72 -30.74 -21.06
C GLU E 173 -19.14 -30.91 -19.65
N LEU E 174 -19.05 -32.17 -19.20
CA LEU E 174 -18.47 -32.48 -17.90
C LEU E 174 -17.00 -32.06 -17.85
N GLY E 175 -16.24 -32.35 -18.90
CA GLY E 175 -14.86 -31.93 -18.98
C GLY E 175 -14.70 -30.42 -18.97
N TYR E 176 -15.52 -29.75 -19.77
CA TYR E 176 -15.53 -28.29 -19.83
C TYR E 176 -15.67 -27.67 -18.44
N SER E 177 -16.58 -28.22 -17.64
CA SER E 177 -16.87 -27.66 -16.34
C SER E 177 -15.78 -28.04 -15.33
N SER E 178 -15.10 -29.15 -15.58
CA SER E 178 -13.88 -29.48 -14.86
C SER E 178 -12.71 -28.79 -15.54
N GLY E 179 -11.55 -29.43 -15.55
CA GLY E 179 -10.39 -28.86 -16.22
C GLY E 179 -9.95 -29.65 -17.43
N ILE E 180 -10.76 -30.63 -17.81
CA ILE E 180 -10.41 -31.53 -18.91
C ILE E 180 -10.93 -30.99 -20.25
N ALA E 181 -10.14 -31.16 -21.32
CA ALA E 181 -10.48 -30.60 -22.63
C ALA E 181 -10.95 -31.66 -23.63
N HIS E 182 -10.69 -32.93 -23.31
CA HIS E 182 -11.07 -34.03 -24.19
C HIS E 182 -12.11 -34.94 -23.56
N SER E 183 -13.10 -35.36 -24.34
CA SER E 183 -14.14 -36.26 -23.86
C SER E 183 -13.56 -37.63 -23.53
N SER E 184 -12.45 -37.96 -24.18
CA SER E 184 -11.74 -39.22 -23.94
C SER E 184 -11.34 -39.37 -22.47
N ALA E 185 -10.53 -38.43 -21.99
CA ALA E 185 -10.06 -38.45 -20.61
C ALA E 185 -11.23 -38.38 -19.62
N VAL E 186 -12.27 -37.62 -19.96
CA VAL E 186 -13.45 -37.55 -19.11
C VAL E 186 -14.10 -38.92 -18.96
N SER E 187 -14.21 -39.65 -20.07
CA SER E 187 -14.72 -41.02 -20.04
C SER E 187 -13.81 -41.91 -19.21
N ARG E 188 -12.51 -41.74 -19.37
CA ARG E 188 -11.50 -42.44 -18.59
C ARG E 188 -11.76 -42.33 -17.09
N ILE E 189 -11.83 -41.10 -16.60
CA ILE E 189 -12.11 -40.85 -15.19
C ILE E 189 -13.51 -41.34 -14.79
N ILE E 190 -14.51 -41.08 -15.64
CA ILE E 190 -15.88 -41.53 -15.39
C ILE E 190 -15.94 -43.06 -15.35
N SER E 191 -15.00 -43.70 -16.06
CA SER E 191 -14.90 -45.15 -16.14
C SER E 191 -14.32 -45.73 -14.85
N LYS E 192 -13.18 -45.19 -14.43
CA LYS E 192 -12.56 -45.60 -13.17
C LYS E 192 -13.57 -45.50 -12.04
N LEU E 193 -14.47 -44.53 -12.15
CA LEU E 193 -15.58 -44.41 -11.23
C LEU E 193 -16.49 -45.64 -11.34
N LYS E 194 -16.92 -45.97 -12.56
CA LYS E 194 -17.87 -47.06 -12.83
C LYS E 194 -17.60 -48.32 -12.00
N GLN E 195 -16.33 -48.59 -11.76
CA GLN E 195 -15.92 -49.84 -11.12
C GLN E 195 -16.21 -49.82 -9.63
N GLU E 196 -15.68 -48.83 -8.93
CA GLU E 196 -16.07 -48.60 -7.54
C GLU E 196 -17.55 -48.26 -7.56
N LYS E 197 -18.32 -48.73 -6.58
CA LYS E 197 -19.72 -48.35 -6.56
C LYS E 197 -19.76 -46.87 -6.10
N VAL E 198 -19.60 -45.99 -7.09
CA VAL E 198 -19.50 -44.55 -6.86
C VAL E 198 -20.23 -43.79 -7.97
N ILE E 199 -20.54 -44.47 -9.07
CA ILE E 199 -21.36 -43.84 -10.10
C ILE E 199 -22.03 -44.88 -11.00
N VAL E 200 -23.19 -44.53 -11.51
CA VAL E 200 -23.94 -45.38 -12.43
C VAL E 200 -24.83 -44.45 -13.25
N TYR E 201 -24.99 -44.70 -14.55
CA TYR E 201 -26.14 -44.12 -15.22
C TYR E 201 -26.55 -44.92 -16.44
N LYS E 202 -27.34 -45.93 -16.10
CA LYS E 202 -28.45 -46.40 -16.89
C LYS E 202 -29.33 -45.18 -17.18
N ASN E 203 -30.09 -45.25 -18.27
CA ASN E 203 -31.21 -44.33 -18.47
C ASN E 203 -30.81 -42.85 -18.55
N SER E 204 -30.04 -42.50 -19.59
CA SER E 204 -29.78 -41.10 -19.97
C SER E 204 -29.11 -40.19 -18.92
N CYS E 205 -29.31 -40.44 -17.64
CA CYS E 205 -28.85 -39.51 -16.62
C CYS E 205 -28.15 -40.18 -15.43
N PHE E 206 -27.14 -39.51 -14.87
CA PHE E 206 -26.38 -40.00 -13.71
C PHE E 206 -27.29 -40.31 -12.51
N TYR E 207 -27.05 -41.44 -11.83
CA TYR E 207 -27.64 -41.71 -10.50
C TYR E 207 -26.50 -42.22 -9.58
N VAL E 208 -26.45 -41.83 -8.30
CA VAL E 208 -25.39 -42.41 -7.43
C VAL E 208 -25.72 -42.75 -5.97
N GLN E 209 -25.44 -44.00 -5.63
CA GLN E 209 -25.25 -44.50 -4.27
C GLN E 209 -24.30 -43.67 -3.38
N ASN E 210 -23.04 -44.11 -3.33
CA ASN E 210 -22.03 -43.65 -2.37
C ASN E 210 -21.53 -42.21 -2.58
N LEU E 211 -22.00 -41.30 -1.74
CA LEU E 211 -21.63 -39.89 -1.83
C LEU E 211 -20.41 -39.57 -0.96
N ASP E 212 -20.23 -40.33 0.13
CA ASP E 212 -19.09 -40.16 1.03
C ASP E 212 -17.78 -40.06 0.25
N TYR E 213 -17.70 -40.83 -0.83
CA TYR E 213 -16.59 -40.78 -1.77
C TYR E 213 -16.36 -39.37 -2.29
N LEU E 214 -17.44 -38.72 -2.73
CA LEU E 214 -17.35 -37.40 -3.34
C LEU E 214 -16.94 -36.32 -2.34
N LYS E 215 -17.40 -36.46 -1.10
CA LYS E 215 -17.06 -35.50 -0.05
C LYS E 215 -15.62 -35.69 0.40
N ARG E 216 -15.09 -36.89 0.16
CA ARG E 216 -13.70 -37.20 0.42
C ARG E 216 -12.77 -36.38 -0.48
N TYR E 217 -13.17 -36.21 -1.74
CA TYR E 217 -12.35 -35.48 -2.70
C TYR E 217 -12.75 -34.01 -2.82
N ALA E 218 -13.93 -33.67 -2.30
CA ALA E 218 -14.38 -32.28 -2.26
C ALA E 218 -14.93 -31.89 -0.89
N PRO E 219 -14.05 -31.83 0.12
CA PRO E 219 -14.48 -31.54 1.50
C PRO E 219 -14.91 -30.09 1.70
N LYS E 220 -14.21 -29.17 1.02
CA LYS E 220 -14.49 -27.74 1.16
C LYS E 220 -15.84 -27.34 0.58
N LEU E 221 -16.23 -27.95 -0.53
CA LEU E 221 -17.49 -27.60 -1.19
C LEU E 221 -18.71 -28.11 -0.41
N ASP E 222 -18.59 -29.28 0.20
CA ASP E 222 -19.65 -29.79 1.09
C ASP E 222 -19.90 -28.82 2.24
N GLU E 223 -18.81 -28.31 2.81
CA GLU E 223 -18.89 -27.40 3.94
C GLU E 223 -19.53 -26.10 3.49
N TRP E 224 -19.25 -25.70 2.25
CA TRP E 224 -19.92 -24.54 1.65
C TRP E 224 -21.41 -24.78 1.52
N PHE E 225 -21.79 -26.04 1.37
CA PHE E 225 -23.19 -26.39 1.19
C PHE E 225 -23.93 -26.45 2.52
N TYR E 226 -23.21 -26.60 3.63
CA TYR E 226 -23.86 -26.59 4.93
C TYR E 226 -23.87 -25.19 5.54
N LEU E 227 -22.77 -24.45 5.38
CA LEU E 227 -22.68 -23.08 5.86
C LEU E 227 -23.67 -22.20 5.09
N ALA E 228 -23.44 -22.05 3.79
CA ALA E 228 -24.42 -21.43 2.90
C ALA E 228 -25.29 -22.52 2.29
N CYS E 229 -26.41 -22.14 1.69
CA CYS E 229 -27.39 -23.09 1.14
C CYS E 229 -27.70 -24.24 2.09
N PRO E 230 -28.08 -23.94 3.35
CA PRO E 230 -28.26 -25.01 4.34
C PRO E 230 -29.45 -25.88 4.01
N ALA E 231 -30.48 -25.28 3.44
CA ALA E 231 -31.71 -25.96 3.07
C ALA E 231 -31.46 -27.14 2.12
N THR E 232 -30.61 -26.94 1.12
CA THR E 232 -30.35 -27.97 0.12
C THR E 232 -29.48 -29.11 0.67
N TRP E 233 -28.51 -28.77 1.51
CA TRP E 233 -27.60 -29.75 2.10
C TRP E 233 -28.33 -30.75 2.99
N GLY E 234 -29.05 -30.22 3.98
CA GLY E 234 -29.73 -31.03 4.98
C GLY E 234 -30.70 -32.05 4.44
N LYS E 235 -31.35 -31.73 3.32
CA LYS E 235 -32.36 -32.63 2.75
C LYS E 235 -31.74 -33.94 2.24
N LEU E 236 -30.45 -33.90 1.93
CA LEU E 236 -29.73 -35.10 1.50
C LEU E 236 -28.90 -35.64 2.66
N ASN E 237 -29.07 -35.04 3.84
CA ASN E 237 -28.36 -35.46 5.03
C ASN E 237 -29.29 -35.58 6.23
N ASN F 2 -6.38 2.62 -1.98
CA ASN F 2 -6.28 4.02 -2.38
C ASN F 2 -7.47 4.88 -1.90
N ALA F 3 -8.10 5.59 -2.83
CA ALA F 3 -9.36 6.25 -2.60
C ALA F 3 -10.46 5.25 -2.20
N GLN F 4 -11.66 5.76 -1.94
CA GLN F 4 -12.74 5.06 -1.21
C GLN F 4 -12.27 4.01 -0.18
N ALA F 5 -11.08 4.19 0.37
CA ALA F 5 -10.53 3.24 1.35
C ALA F 5 -10.11 3.90 2.67
N GLU F 6 -9.31 4.96 2.59
CA GLU F 6 -8.91 5.68 3.78
C GLU F 6 -10.00 6.67 4.15
N GLU F 7 -10.88 6.93 3.20
CA GLU F 7 -11.96 7.89 3.38
C GLU F 7 -12.90 7.12 4.28
N PHE F 8 -13.04 5.86 3.90
CA PHE F 8 -13.76 4.81 4.60
C PHE F 8 -13.28 4.66 6.04
N LYS F 9 -11.95 4.58 6.18
CA LYS F 9 -11.25 4.42 7.46
C LYS F 9 -11.72 5.31 8.60
N LYS F 10 -11.79 6.62 8.34
CA LYS F 10 -12.08 7.58 9.39
C LYS F 10 -13.57 7.71 9.66
N TYR F 11 -14.42 7.35 8.70
CA TYR F 11 -15.85 7.40 9.00
C TYR F 11 -16.24 6.31 10.01
N LEU F 12 -16.02 5.04 9.71
CA LEU F 12 -16.52 3.99 10.61
C LEU F 12 -15.71 3.83 11.88
N GLU F 13 -14.75 4.69 12.17
CA GLU F 13 -14.47 4.92 13.58
C GLU F 13 -14.58 6.43 13.77
N THR F 14 -15.73 6.90 13.31
CA THR F 14 -16.62 7.71 14.12
C THR F 14 -17.67 6.67 14.48
N ASN F 15 -17.49 6.04 15.65
CA ASN F 15 -18.40 5.03 16.19
C ASN F 15 -17.83 4.31 17.42
N GLY F 16 -16.59 3.82 17.30
CA GLY F 16 -16.01 2.95 18.31
C GLY F 16 -15.61 1.55 17.86
N ILE F 17 -14.67 1.44 16.92
CA ILE F 17 -13.94 0.19 16.74
C ILE F 17 -12.44 0.53 16.68
N LYS F 18 -11.62 -0.34 17.24
CA LYS F 18 -10.24 -0.02 17.60
C LYS F 18 -9.19 -0.64 16.67
N PRO F 19 -8.20 0.16 16.25
CA PRO F 19 -7.07 -0.32 15.45
C PRO F 19 -6.21 -1.36 16.15
N LYS F 20 -6.48 -2.64 15.89
CA LYS F 20 -5.65 -3.72 16.43
C LYS F 20 -4.47 -4.01 15.52
N GLN F 21 -3.49 -4.71 16.07
CA GLN F 21 -2.30 -5.05 15.29
C GLN F 21 -1.65 -6.28 15.89
N PHE F 22 -1.50 -7.30 15.04
CA PHE F 22 -1.11 -8.65 15.42
C PHE F 22 0.42 -8.74 15.32
N HIS F 23 0.95 -9.93 15.03
CA HIS F 23 2.36 -10.03 14.64
C HIS F 23 2.52 -11.10 13.56
N LYS F 24 3.66 -11.12 12.88
CA LYS F 24 3.87 -12.05 11.76
C LYS F 24 3.53 -13.48 12.16
N LYS F 25 2.84 -14.18 11.26
CA LYS F 25 2.37 -15.55 11.47
C LYS F 25 1.25 -15.65 12.51
N GLU F 26 0.73 -14.50 12.96
CA GLU F 26 -0.50 -14.53 13.76
C GLU F 26 -1.67 -14.75 12.82
N LEU F 27 -2.75 -15.32 13.36
CA LEU F 27 -3.95 -15.52 12.58
C LEU F 27 -5.04 -14.58 13.07
N ILE F 28 -5.43 -13.63 12.22
CA ILE F 28 -6.48 -12.68 12.53
C ILE F 28 -7.77 -13.43 12.83
N PHE F 29 -8.08 -14.40 11.97
CA PHE F 29 -9.07 -15.45 12.28
C PHE F 29 -8.51 -16.76 11.74
N ASN F 30 -9.07 -17.88 12.19
CA ASN F 30 -8.50 -19.17 11.82
C ASN F 30 -9.51 -20.26 11.47
N GLN F 31 -8.98 -21.44 11.16
CA GLN F 31 -9.75 -22.59 10.72
C GLN F 31 -10.39 -23.34 11.89
N TRP F 32 -9.71 -23.35 13.04
CA TRP F 32 -10.12 -24.16 14.17
C TRP F 32 -10.99 -23.41 15.19
N ASP F 33 -11.04 -22.09 15.09
CA ASP F 33 -11.90 -21.29 15.95
C ASP F 33 -12.92 -20.52 15.13
N PRO F 34 -14.15 -21.06 15.04
CA PRO F 34 -15.21 -20.52 14.18
C PRO F 34 -15.72 -19.16 14.65
N GLN F 35 -14.86 -18.15 14.57
CA GLN F 35 -15.21 -16.81 14.99
C GLN F 35 -15.40 -15.91 13.77
N GLU F 36 -16.59 -15.31 13.69
CA GLU F 36 -17.03 -14.62 12.48
C GLU F 36 -16.70 -13.13 12.52
N TYR F 37 -15.95 -12.66 11.53
CA TYR F 37 -15.57 -11.25 11.48
C TYR F 37 -15.72 -10.67 10.09
N CYS F 38 -15.75 -9.34 10.02
CA CYS F 38 -15.50 -8.63 8.77
C CYS F 38 -14.21 -7.85 8.96
N ILE F 39 -13.18 -8.22 8.21
CA ILE F 39 -11.84 -7.70 8.48
C ILE F 39 -11.33 -6.79 7.37
N PHE F 40 -11.45 -5.48 7.60
CA PHE F 40 -10.88 -4.49 6.70
C PHE F 40 -9.38 -4.38 6.94
N LEU F 41 -8.60 -4.65 5.89
CA LEU F 41 -7.14 -4.58 5.99
C LEU F 41 -6.64 -3.32 5.29
N TYR F 42 -6.05 -2.41 6.06
CA TYR F 42 -5.58 -1.13 5.53
C TYR F 42 -4.26 -1.24 4.79
N ASP F 43 -3.19 -1.56 5.52
CA ASP F 43 -1.86 -1.63 4.93
C ASP F 43 -1.34 -3.06 4.87
N GLY F 44 -0.14 -3.23 4.31
CA GLY F 44 0.55 -4.52 4.29
C GLY F 44 -0.17 -5.69 3.64
N ILE F 45 0.44 -6.88 3.77
CA ILE F 45 0.00 -8.06 3.04
C ILE F 45 -0.38 -9.21 3.97
N THR F 46 -1.28 -10.08 3.52
CA THR F 46 -1.65 -11.27 4.29
C THR F 46 -1.90 -12.47 3.37
N LYS F 47 -2.41 -13.56 3.95
CA LYS F 47 -2.58 -14.82 3.23
C LYS F 47 -3.83 -15.56 3.72
N LEU F 48 -4.53 -16.21 2.79
CA LEU F 48 -5.66 -17.07 3.17
C LEU F 48 -5.27 -18.53 2.94
N THR F 49 -5.30 -19.33 4.00
CA THR F 49 -4.92 -20.74 3.89
C THR F 49 -6.01 -21.69 4.38
N SER F 50 -5.96 -22.93 3.89
CA SER F 50 -6.87 -24.00 4.30
C SER F 50 -6.08 -25.29 4.54
N ILE F 51 -6.32 -25.93 5.67
CA ILE F 51 -5.63 -27.18 6.00
C ILE F 51 -6.61 -28.35 6.11
N SER F 52 -6.32 -29.43 5.39
CA SER F 52 -7.17 -30.63 5.43
C SER F 52 -6.66 -31.62 6.47
N GLU F 53 -7.39 -32.72 6.64
CA GLU F 53 -7.02 -33.77 7.58
C GLU F 53 -5.69 -34.41 7.20
N ASN F 54 -5.48 -34.56 5.90
CA ASN F 54 -4.26 -35.18 5.38
C ASN F 54 -3.02 -34.33 5.64
N GLY F 55 -3.22 -33.12 6.14
CA GLY F 55 -2.12 -32.20 6.35
C GLY F 55 -1.86 -31.40 5.10
N THR F 56 -2.62 -31.68 4.04
CA THR F 56 -2.50 -30.95 2.80
C THR F 56 -2.99 -29.51 3.01
N ILE F 57 -2.15 -28.56 2.61
CA ILE F 57 -2.38 -27.14 2.88
C ILE F 57 -2.38 -26.34 1.58
N MET F 58 -3.32 -25.41 1.46
CA MET F 58 -3.58 -24.72 0.20
C MET F 58 -3.57 -23.19 0.34
N ASN F 59 -2.63 -22.54 -0.34
CA ASN F 59 -2.60 -21.09 -0.39
C ASN F 59 -3.58 -20.58 -1.44
N LEU F 60 -4.79 -20.23 -1.01
CA LEU F 60 -5.82 -19.73 -1.91
C LEU F 60 -5.42 -18.41 -2.55
N GLN F 61 -5.04 -17.44 -1.72
CA GLN F 61 -4.95 -16.06 -2.18
C GLN F 61 -4.16 -15.18 -1.21
N TYR F 62 -3.49 -14.17 -1.76
CA TYR F 62 -2.87 -13.13 -0.94
C TYR F 62 -3.75 -11.89 -0.93
N TYR F 63 -3.61 -11.07 0.10
CA TYR F 63 -4.30 -9.78 0.17
C TYR F 63 -3.31 -8.70 0.59
N LYS F 64 -3.16 -7.65 -0.21
CA LYS F 64 -2.26 -6.56 0.14
C LYS F 64 -2.99 -5.22 0.13
N GLY F 65 -2.52 -4.28 0.94
CA GLY F 65 -3.08 -2.95 0.98
C GLY F 65 -4.54 -2.89 1.36
N ALA F 66 -5.22 -1.86 0.88
CA ALA F 66 -6.64 -1.66 1.16
C ALA F 66 -7.52 -2.72 0.52
N PHE F 67 -8.03 -3.65 1.33
CA PHE F 67 -8.99 -4.64 0.84
C PHE F 67 -9.84 -5.20 1.98
N VAL F 68 -10.98 -5.80 1.65
CA VAL F 68 -11.92 -6.30 2.65
C VAL F 68 -12.05 -7.82 2.58
N ILE F 69 -12.01 -8.49 3.74
CA ILE F 69 -12.17 -9.93 3.81
C ILE F 69 -13.38 -10.27 4.69
N MET F 70 -14.19 -11.23 4.25
CA MET F 70 -15.36 -11.65 5.01
C MET F 70 -15.19 -13.06 5.56
N SER F 71 -15.59 -13.28 6.80
CA SER F 71 -15.49 -14.60 7.42
C SER F 71 -16.85 -15.10 7.86
N GLY F 72 -17.87 -14.27 7.65
CA GLY F 72 -19.24 -14.64 8.00
C GLY F 72 -20.26 -13.94 7.13
N PHE F 73 -21.46 -14.51 7.08
CA PHE F 73 -22.57 -13.93 6.32
C PHE F 73 -23.29 -12.89 7.17
N ILE F 74 -23.72 -11.79 6.54
CA ILE F 74 -24.34 -10.71 7.29
C ILE F 74 -25.74 -11.08 7.80
N ASP F 75 -26.50 -11.85 7.02
CA ASP F 75 -27.85 -12.24 7.41
C ASP F 75 -27.87 -13.44 8.37
N THR F 76 -27.42 -14.61 7.91
CA THR F 76 -27.45 -15.82 8.74
C THR F 76 -26.52 -15.70 9.93
N GLU F 77 -25.55 -14.80 9.82
CA GLU F 77 -24.52 -14.64 10.85
C GLU F 77 -23.84 -15.98 11.12
N THR F 78 -23.55 -16.68 10.03
CA THR F 78 -22.82 -17.94 10.07
C THR F 78 -21.57 -17.79 9.21
N SER F 79 -20.58 -18.65 9.43
CA SER F 79 -19.31 -18.55 8.72
C SER F 79 -19.45 -18.80 7.22
N VAL F 80 -18.57 -18.20 6.43
CA VAL F 80 -18.55 -18.39 4.98
C VAL F 80 -17.67 -19.58 4.61
N GLY F 81 -16.88 -20.02 5.58
CA GLY F 81 -15.94 -21.12 5.39
C GLY F 81 -14.89 -21.13 6.49
N TYR F 82 -14.17 -22.23 6.63
CA TYR F 82 -13.11 -22.30 7.65
C TYR F 82 -11.74 -22.14 7.00
N TYR F 83 -11.21 -20.93 7.07
CA TYR F 83 -9.89 -20.63 6.51
C TYR F 83 -9.03 -19.91 7.55
N ASN F 84 -7.72 -19.95 7.36
CA ASN F 84 -6.81 -19.21 8.24
C ASN F 84 -6.35 -17.94 7.54
N LEU F 85 -6.23 -16.85 8.30
CA LEU F 85 -5.72 -15.60 7.76
C LEU F 85 -4.36 -15.28 8.35
N GLU F 86 -3.30 -15.78 7.71
CA GLU F 86 -1.94 -15.55 8.17
C GLU F 86 -1.40 -14.24 7.60
N VAL F 87 -0.70 -13.48 8.43
CA VAL F 87 -0.12 -12.22 7.98
C VAL F 87 1.29 -12.46 7.44
N ILE F 88 1.53 -11.95 6.24
CA ILE F 88 2.79 -12.17 5.54
C ILE F 88 3.81 -11.04 5.77
N SER F 89 3.32 -9.81 5.78
CA SER F 89 4.16 -8.61 5.94
C SER F 89 5.03 -8.61 7.20
N GLU F 90 6.00 -7.71 7.26
CA GLU F 90 6.70 -7.46 8.50
C GLU F 90 5.76 -6.71 9.44
N GLN F 91 4.72 -6.10 8.84
CA GLN F 91 3.32 -6.19 9.33
C GLN F 91 2.37 -5.10 8.79
N ALA F 92 1.09 -5.30 9.12
CA ALA F 92 -0.06 -4.68 8.51
C ALA F 92 -1.19 -4.56 9.54
N THR F 93 -1.96 -3.49 9.49
CA THR F 93 -3.02 -3.32 10.48
C THR F 93 -4.40 -3.58 9.87
N ALA F 94 -5.24 -4.35 10.56
CA ALA F 94 -6.59 -4.68 10.09
C ALA F 94 -7.67 -4.35 11.11
N TYR F 95 -8.75 -3.73 10.64
CA TYR F 95 -9.86 -3.38 11.51
C TYR F 95 -10.89 -4.52 11.55
N VAL F 96 -10.67 -5.44 12.49
CA VAL F 96 -11.60 -6.54 12.74
C VAL F 96 -12.99 -6.05 13.14
N ILE F 97 -14.04 -6.53 12.47
CA ILE F 97 -15.37 -6.36 13.04
C ILE F 97 -16.22 -7.63 12.90
N LYS F 98 -16.65 -8.15 14.05
CA LYS F 98 -17.60 -9.26 14.14
C LYS F 98 -18.86 -8.93 13.35
N ILE F 99 -19.50 -9.98 12.81
CA ILE F 99 -20.64 -9.84 11.90
C ILE F 99 -21.89 -9.25 12.53
N ASN F 100 -22.25 -9.65 13.75
CA ASN F 100 -23.58 -9.32 14.28
C ASN F 100 -23.79 -7.80 14.33
N GLU F 101 -22.70 -7.06 14.08
CA GLU F 101 -22.67 -5.61 14.13
C GLU F 101 -22.06 -5.03 12.86
N LEU F 102 -22.11 -5.71 11.72
CA LEU F 102 -21.99 -4.93 10.46
C LEU F 102 -23.27 -5.00 9.63
N LYS F 103 -24.37 -5.27 10.33
CA LYS F 103 -25.68 -4.65 10.12
C LYS F 103 -25.58 -3.19 9.64
N GLU F 104 -26.10 -2.36 10.55
CA GLU F 104 -25.61 -1.05 11.03
C GLU F 104 -25.07 0.10 10.18
N LEU F 105 -23.99 0.63 10.75
CA LEU F 105 -23.00 1.53 10.15
C LEU F 105 -22.63 1.21 8.72
N LEU F 106 -23.46 0.43 8.03
CA LEU F 106 -23.33 0.29 6.60
C LEU F 106 -24.63 0.76 5.97
N SER F 107 -25.72 0.61 6.70
CA SER F 107 -27.01 1.22 6.36
C SER F 107 -26.82 2.75 6.44
N LYS F 108 -26.33 3.21 7.59
CA LYS F 108 -25.42 4.34 7.73
C LYS F 108 -25.45 5.53 6.75
N ASN F 109 -25.38 5.23 5.46
CA ASN F 109 -24.70 6.05 4.43
C ASN F 109 -24.24 5.06 3.38
N LEU F 110 -24.22 5.45 2.11
CA LEU F 110 -24.11 4.44 1.07
C LEU F 110 -22.94 4.64 0.11
N THR F 111 -22.17 5.71 0.31
CA THR F 111 -21.00 5.96 -0.53
C THR F 111 -19.84 5.07 -0.12
N HIS F 112 -19.74 4.81 1.18
CA HIS F 112 -18.72 3.91 1.69
C HIS F 112 -19.21 2.48 1.58
N PHE F 113 -20.50 2.30 1.26
CA PHE F 113 -20.98 0.96 0.97
C PHE F 113 -20.39 0.50 -0.34
N PHE F 114 -20.72 1.23 -1.40
CA PHE F 114 -20.40 0.81 -2.76
C PHE F 114 -18.91 0.52 -2.94
N TYR F 115 -18.11 0.86 -1.93
CA TYR F 115 -16.74 0.41 -1.84
C TYR F 115 -16.65 -1.04 -1.38
N VAL F 116 -17.54 -1.42 -0.46
CA VAL F 116 -17.59 -2.79 0.06
C VAL F 116 -18.12 -3.75 -1.00
N PHE F 117 -19.18 -3.35 -1.70
CA PHE F 117 -19.72 -4.17 -2.79
C PHE F 117 -18.68 -4.28 -3.91
N GLN F 118 -18.02 -3.17 -4.21
CA GLN F 118 -16.94 -3.13 -5.20
C GLN F 118 -15.85 -4.14 -4.87
N THR F 119 -15.45 -4.19 -3.61
CA THR F 119 -14.37 -5.05 -3.15
C THR F 119 -14.63 -6.52 -3.45
N LEU F 120 -15.87 -6.96 -3.26
CA LEU F 120 -16.24 -8.34 -3.51
C LEU F 120 -16.34 -8.62 -5.00
N GLN F 121 -16.86 -7.66 -5.77
CA GLN F 121 -16.88 -7.75 -7.21
C GLN F 121 -15.46 -7.85 -7.76
N LYS F 122 -14.53 -7.19 -7.07
CA LYS F 122 -13.12 -7.30 -7.40
C LYS F 122 -12.59 -8.73 -7.18
N GLN F 123 -13.08 -9.41 -6.15
CA GLN F 123 -12.57 -10.76 -5.86
C GLN F 123 -13.25 -11.84 -6.69
N VAL F 124 -14.58 -11.73 -6.87
CA VAL F 124 -15.32 -12.69 -7.70
C VAL F 124 -14.70 -12.74 -9.08
N SER F 125 -14.43 -11.57 -9.64
CA SER F 125 -13.76 -11.44 -10.92
C SER F 125 -12.36 -12.02 -10.88
N TYR F 126 -11.71 -11.93 -9.72
CA TYR F 126 -10.35 -12.46 -9.54
C TYR F 126 -10.35 -13.96 -9.36
N SER F 127 -11.27 -14.48 -8.56
CA SER F 127 -11.39 -15.91 -8.34
C SER F 127 -11.73 -16.64 -9.64
N LEU F 128 -12.62 -16.03 -10.43
CA LEU F 128 -13.02 -16.59 -11.72
C LEU F 128 -11.86 -16.61 -12.70
N ALA F 129 -11.05 -15.55 -12.70
CA ALA F 129 -9.88 -15.47 -13.57
C ALA F 129 -8.82 -16.49 -13.18
N LYS F 130 -8.66 -16.70 -11.88
CA LYS F 130 -7.69 -17.65 -11.36
C LYS F 130 -8.13 -19.09 -11.62
N PHE F 131 -9.41 -19.37 -11.40
CA PHE F 131 -9.97 -20.69 -11.69
C PHE F 131 -9.79 -21.08 -13.16
N ASN F 132 -9.99 -20.11 -14.05
CA ASN F 132 -9.89 -20.37 -15.49
C ASN F 132 -8.47 -20.75 -15.94
N ASP F 133 -7.48 -19.93 -15.58
CA ASP F 133 -6.12 -20.12 -16.06
C ASP F 133 -5.41 -21.30 -15.40
N PHE F 134 -5.82 -21.65 -14.18
CA PHE F 134 -5.23 -22.76 -13.45
C PHE F 134 -5.67 -24.11 -14.03
N SER F 135 -6.89 -24.18 -14.54
CA SER F 135 -7.49 -25.45 -14.94
C SER F 135 -7.21 -25.85 -16.39
N ILE F 136 -6.89 -24.88 -17.24
CA ILE F 136 -6.70 -25.13 -18.66
C ILE F 136 -5.29 -25.62 -19.01
N ASN F 137 -4.27 -25.08 -18.35
CA ASN F 137 -2.90 -25.44 -18.64
C ASN F 137 -2.20 -26.16 -17.50
N GLY F 138 -2.99 -26.74 -16.60
CA GLY F 138 -2.45 -27.54 -15.51
C GLY F 138 -1.60 -26.78 -14.51
N LYS F 139 -0.71 -27.49 -13.82
CA LYS F 139 0.16 -26.89 -12.82
C LYS F 139 1.13 -25.88 -13.44
N LEU F 140 1.59 -26.16 -14.65
CA LEU F 140 2.44 -25.21 -15.38
C LEU F 140 1.71 -23.88 -15.54
N GLY F 141 0.45 -23.96 -15.95
CA GLY F 141 -0.39 -22.77 -16.05
C GLY F 141 -0.65 -22.18 -14.68
N SER F 142 -0.87 -23.05 -13.70
CA SER F 142 -1.09 -22.63 -12.31
C SER F 142 0.11 -21.85 -11.76
N ILE F 143 1.32 -22.33 -12.05
CA ILE F 143 2.55 -21.66 -11.62
C ILE F 143 2.71 -20.31 -12.30
N CYS F 144 2.70 -20.31 -13.64
CA CYS F 144 2.83 -19.08 -14.43
C CYS F 144 1.76 -18.08 -14.06
N GLY F 145 0.55 -18.57 -13.80
CA GLY F 145 -0.54 -17.72 -13.34
C GLY F 145 -0.22 -17.03 -12.04
N GLN F 146 0.21 -17.80 -11.05
CA GLN F 146 0.57 -17.25 -9.74
C GLN F 146 1.70 -16.23 -9.85
N LEU F 147 2.70 -16.55 -10.66
CA LEU F 147 3.85 -15.69 -10.88
C LEU F 147 3.42 -14.33 -11.46
N LEU F 148 2.54 -14.37 -12.45
CA LEU F 148 2.03 -13.15 -13.09
C LEU F 148 1.35 -12.24 -12.10
N ILE F 149 0.61 -12.83 -11.16
CA ILE F 149 -0.08 -12.09 -10.10
C ILE F 149 0.92 -11.31 -9.25
N LEU F 150 1.94 -12.01 -8.77
CA LEU F 150 2.98 -11.43 -7.92
C LEU F 150 3.80 -10.39 -8.68
N THR F 151 3.91 -10.56 -10.00
CA THR F 151 4.64 -9.64 -10.84
C THR F 151 3.96 -8.27 -10.91
N TYR F 152 2.63 -8.26 -10.80
CA TYR F 152 1.87 -7.02 -10.82
C TYR F 152 1.77 -6.38 -9.43
N VAL F 153 1.06 -7.06 -8.52
CA VAL F 153 0.85 -6.55 -7.17
C VAL F 153 2.15 -6.32 -6.41
N TYR F 154 3.07 -7.27 -6.52
CA TYR F 154 4.30 -7.23 -5.75
C TYR F 154 5.53 -7.03 -6.63
N GLY F 155 5.35 -6.49 -7.82
CA GLY F 155 6.46 -6.35 -8.75
C GLY F 155 7.07 -4.96 -8.86
N LYS F 156 8.39 -4.91 -8.90
CA LYS F 156 9.13 -3.68 -9.21
C LYS F 156 10.16 -3.99 -10.30
N GLU F 157 10.52 -2.98 -11.09
CA GLU F 157 11.36 -3.17 -12.27
C GLU F 157 12.87 -3.05 -11.97
N THR F 158 13.64 -4.01 -12.48
CA THR F 158 15.10 -3.98 -12.40
C THR F 158 15.67 -4.33 -13.78
N PRO F 159 16.95 -4.00 -14.04
CA PRO F 159 17.52 -4.24 -15.38
C PRO F 159 17.39 -5.68 -15.88
N ASP F 160 17.73 -6.65 -15.02
CA ASP F 160 17.60 -8.06 -15.37
C ASP F 160 16.12 -8.46 -15.45
N GLY F 161 15.25 -7.62 -14.93
CA GLY F 161 13.82 -7.88 -15.01
C GLY F 161 13.02 -7.37 -13.84
N ILE F 162 11.70 -7.59 -13.89
CA ILE F 162 10.81 -7.17 -12.82
C ILE F 162 10.99 -8.03 -11.56
N LYS F 163 11.25 -7.39 -10.42
CA LYS F 163 11.34 -8.12 -9.15
C LYS F 163 10.08 -8.09 -8.28
N ILE F 164 9.80 -9.26 -7.71
CA ILE F 164 8.77 -9.41 -6.70
C ILE F 164 9.28 -8.83 -5.38
N THR F 165 8.67 -7.73 -4.93
CA THR F 165 9.11 -7.03 -3.70
C THR F 165 9.04 -7.92 -2.46
N LEU F 166 9.51 -9.17 -2.56
CA LEU F 166 8.99 -10.13 -1.62
C LEU F 166 10.02 -11.13 -1.10
N ASP F 167 10.42 -10.92 0.15
CA ASP F 167 11.11 -11.91 0.97
C ASP F 167 10.39 -13.28 1.00
N ASN F 168 10.01 -13.74 2.19
CA ASN F 168 8.92 -14.71 2.30
C ASN F 168 9.11 -16.10 1.73
N LEU F 169 9.28 -16.12 0.42
CA LEU F 169 8.71 -17.14 -0.45
C LEU F 169 9.70 -18.22 -0.83
N THR F 170 9.34 -19.46 -0.52
CA THR F 170 10.16 -20.63 -0.82
C THR F 170 9.66 -21.30 -2.08
N MET F 171 10.30 -22.40 -2.48
CA MET F 171 9.79 -23.23 -3.56
C MET F 171 8.49 -23.86 -3.11
N GLN F 172 8.50 -24.35 -1.87
CA GLN F 172 7.31 -24.84 -1.21
C GLN F 172 6.20 -23.80 -1.29
N GLU F 173 6.30 -22.75 -0.48
CA GLU F 173 5.34 -21.65 -0.40
C GLU F 173 4.66 -21.30 -1.73
N LEU F 174 5.44 -21.27 -2.81
CA LEU F 174 4.92 -21.03 -4.15
C LEU F 174 3.98 -22.15 -4.60
N GLY F 175 4.37 -23.40 -4.35
CA GLY F 175 3.56 -24.53 -4.76
C GLY F 175 2.22 -24.61 -4.05
N TYR F 176 2.18 -24.11 -2.82
CA TYR F 176 0.95 -24.08 -2.03
C TYR F 176 -0.04 -23.11 -2.68
N SER F 177 0.49 -22.06 -3.29
CA SER F 177 -0.31 -21.11 -4.04
C SER F 177 -0.88 -21.75 -5.28
N SER F 178 -0.14 -22.71 -5.83
CA SER F 178 -0.63 -23.58 -6.89
C SER F 178 -1.29 -24.80 -6.25
N GLY F 179 -1.16 -25.96 -6.90
CA GLY F 179 -1.74 -27.17 -6.35
C GLY F 179 -0.72 -28.13 -5.75
N ILE F 180 0.52 -28.03 -6.18
CA ILE F 180 1.57 -28.97 -5.79
C ILE F 180 1.93 -28.87 -4.30
N ALA F 181 2.30 -30.00 -3.70
CA ALA F 181 2.71 -30.04 -2.29
C ALA F 181 4.17 -30.47 -2.16
N HIS F 182 4.84 -30.65 -3.31
CA HIS F 182 6.23 -31.12 -3.31
C HIS F 182 7.16 -30.10 -3.96
N SER F 183 8.17 -29.65 -3.21
CA SER F 183 9.12 -28.65 -3.68
C SER F 183 9.91 -29.13 -4.88
N SER F 184 10.18 -30.43 -4.92
CA SER F 184 10.90 -31.04 -6.03
C SER F 184 10.14 -30.81 -7.31
N ALA F 185 8.83 -30.98 -7.26
CA ALA F 185 7.97 -30.73 -8.42
C ALA F 185 7.96 -29.25 -8.79
N VAL F 186 7.90 -28.36 -7.81
CA VAL F 186 7.94 -26.93 -8.08
C VAL F 186 9.30 -26.52 -8.64
N SER F 187 10.38 -27.00 -8.02
CA SER F 187 11.72 -26.79 -8.54
C SER F 187 11.84 -27.40 -9.94
N ARG F 188 11.03 -28.42 -10.20
CA ARG F 188 10.91 -28.99 -11.52
C ARG F 188 9.75 -28.35 -12.29
N ILE F 189 9.34 -27.15 -11.88
CA ILE F 189 8.46 -26.29 -12.67
C ILE F 189 8.89 -24.82 -12.46
N ILE F 190 10.19 -24.59 -12.23
CA ILE F 190 10.66 -23.21 -12.06
C ILE F 190 11.76 -22.81 -13.05
N SER F 191 12.93 -23.44 -12.95
CA SER F 191 14.06 -23.04 -13.77
C SER F 191 13.88 -23.55 -15.19
N LYS F 192 12.83 -24.34 -15.39
CA LYS F 192 12.37 -24.73 -16.73
C LYS F 192 12.43 -23.45 -17.48
N LEU F 193 11.58 -22.55 -16.98
CA LEU F 193 11.41 -21.16 -17.40
C LEU F 193 12.74 -20.38 -17.45
N LYS F 194 13.58 -20.54 -16.43
CA LYS F 194 14.86 -19.83 -16.32
C LYS F 194 15.65 -19.83 -17.62
N GLN F 195 15.46 -20.88 -18.43
CA GLN F 195 16.11 -20.90 -19.74
C GLN F 195 15.23 -21.34 -20.92
N GLU F 196 14.04 -20.74 -21.05
CA GLU F 196 13.55 -20.38 -22.38
C GLU F 196 13.39 -18.88 -22.24
N LYS F 197 14.19 -18.33 -21.33
CA LYS F 197 14.45 -16.89 -21.20
C LYS F 197 13.21 -16.10 -20.75
N VAL F 198 12.77 -16.31 -19.51
CA VAL F 198 11.62 -15.58 -18.97
C VAL F 198 11.81 -15.11 -17.53
N ILE F 199 12.42 -15.95 -16.70
CA ILE F 199 12.73 -15.57 -15.31
C ILE F 199 14.13 -16.02 -14.91
N VAL F 200 14.75 -15.34 -13.94
CA VAL F 200 15.97 -15.87 -13.32
C VAL F 200 15.91 -15.70 -11.80
N TYR F 201 16.78 -16.44 -11.12
CA TYR F 201 16.70 -16.60 -9.67
C TYR F 201 18.07 -16.54 -9.00
N LYS F 202 18.51 -15.32 -8.68
CA LYS F 202 19.63 -15.13 -7.77
C LYS F 202 19.02 -14.64 -6.45
N ASN F 203 19.73 -13.79 -5.72
CA ASN F 203 19.25 -13.11 -4.50
C ASN F 203 18.18 -13.76 -3.60
N SER F 204 17.76 -14.98 -3.94
CA SER F 204 16.68 -15.72 -3.27
C SER F 204 15.31 -15.03 -3.40
N CYS F 205 15.21 -14.05 -4.30
CA CYS F 205 13.93 -13.55 -4.78
C CYS F 205 13.87 -13.87 -6.28
N PHE F 206 12.93 -13.27 -7.01
CA PHE F 206 12.76 -13.64 -8.42
C PHE F 206 12.92 -12.47 -9.40
N TYR F 207 13.33 -12.81 -10.62
CA TYR F 207 13.59 -11.86 -11.70
C TYR F 207 12.78 -12.23 -12.94
N VAL F 208 11.65 -11.58 -13.21
CA VAL F 208 10.89 -11.84 -14.42
C VAL F 208 11.41 -11.00 -15.57
N GLN F 209 11.68 -11.62 -16.73
CA GLN F 209 12.21 -10.81 -17.88
C GLN F 209 11.18 -10.70 -19.01
N ASN F 210 10.90 -11.84 -19.64
CA ASN F 210 9.91 -11.91 -20.70
C ASN F 210 8.53 -12.19 -20.13
N LEU F 211 7.74 -11.14 -19.91
CA LEU F 211 6.44 -11.29 -19.26
C LEU F 211 5.38 -11.89 -20.20
N ASP F 212 5.36 -11.49 -21.47
CA ASP F 212 4.34 -11.97 -22.42
C ASP F 212 4.24 -13.49 -22.47
N TYR F 213 5.28 -14.17 -22.00
CA TYR F 213 5.23 -15.62 -21.80
C TYR F 213 4.21 -15.95 -20.72
N LEU F 214 4.25 -15.23 -19.62
CA LEU F 214 3.34 -15.45 -18.49
C LEU F 214 1.89 -15.20 -18.86
N LYS F 215 1.64 -14.11 -19.60
CA LYS F 215 0.29 -13.74 -20.01
C LYS F 215 -0.29 -14.76 -20.98
N ARG F 216 0.58 -15.25 -21.87
CA ARG F 216 0.21 -16.29 -22.82
C ARG F 216 -0.31 -17.55 -22.12
N TYR F 217 0.13 -17.76 -20.89
CA TYR F 217 -0.27 -18.94 -20.13
C TYR F 217 -1.32 -18.63 -19.06
N ALA F 218 -1.50 -17.35 -18.76
CA ALA F 218 -2.55 -16.91 -17.86
C ALA F 218 -3.30 -15.71 -18.43
N PRO F 219 -4.07 -15.93 -19.51
CA PRO F 219 -4.69 -14.84 -20.25
C PRO F 219 -5.82 -14.14 -19.48
N LYS F 220 -6.64 -14.93 -18.77
CA LYS F 220 -7.79 -14.39 -18.05
C LYS F 220 -7.37 -13.59 -16.82
N LEU F 221 -6.23 -13.97 -16.23
CA LEU F 221 -5.73 -13.28 -15.04
C LEU F 221 -5.25 -11.86 -15.35
N ASP F 222 -4.55 -11.69 -16.47
CA ASP F 222 -4.04 -10.37 -16.84
C ASP F 222 -5.14 -9.41 -17.27
N GLU F 223 -6.07 -9.90 -18.08
CA GLU F 223 -7.17 -9.05 -18.55
C GLU F 223 -7.99 -8.57 -17.36
N TRP F 224 -7.92 -9.31 -16.25
CA TRP F 224 -8.53 -8.87 -15.00
C TRP F 224 -7.81 -7.65 -14.48
N PHE F 225 -6.48 -7.71 -14.45
CA PHE F 225 -5.66 -6.60 -14.01
C PHE F 225 -5.79 -5.43 -14.98
N TYR F 226 -6.20 -5.72 -16.20
CA TYR F 226 -6.50 -4.67 -17.17
C TYR F 226 -7.77 -3.94 -16.75
N LEU F 227 -8.81 -4.70 -16.42
CA LEU F 227 -10.12 -4.13 -16.09
C LEU F 227 -10.22 -3.68 -14.63
N ALA F 228 -9.62 -4.45 -13.73
CA ALA F 228 -9.55 -4.09 -12.32
C ALA F 228 -8.11 -3.78 -11.94
N CYS F 229 -7.92 -2.79 -11.07
CA CYS F 229 -6.59 -2.27 -10.76
C CYS F 229 -5.81 -1.93 -12.04
N PRO F 230 -6.39 -1.07 -12.90
CA PRO F 230 -5.77 -0.79 -14.20
C PRO F 230 -4.51 0.06 -14.06
N ALA F 231 -4.52 0.94 -13.06
CA ALA F 231 -3.37 1.77 -12.76
C ALA F 231 -2.14 0.91 -12.42
N THR F 232 -2.38 -0.20 -11.73
CA THR F 232 -1.33 -1.14 -11.40
C THR F 232 -0.87 -1.90 -12.65
N TRP F 233 -1.78 -2.09 -13.58
CA TRP F 233 -1.48 -2.78 -14.84
C TRP F 233 -0.58 -1.93 -15.73
N GLY F 234 -0.85 -0.63 -15.78
CA GLY F 234 -0.14 0.27 -16.65
C GLY F 234 1.35 0.41 -16.37
N LYS F 235 1.72 0.42 -15.10
CA LYS F 235 3.11 0.58 -14.69
C LYS F 235 4.03 -0.50 -15.28
N LEU F 236 3.52 -1.72 -15.38
CA LEU F 236 4.30 -2.83 -15.92
C LEU F 236 3.93 -3.09 -17.38
N ASN F 237 3.27 -2.11 -18.00
CA ASN F 237 2.71 -2.18 -19.35
C ASN F 237 2.35 -3.57 -19.86
N ASN I 2 -8.40 26.07 -48.38
CA ASN I 2 -9.17 24.83 -48.47
C ASN I 2 -8.47 23.65 -47.79
N ALA I 3 -7.34 23.22 -48.34
CA ALA I 3 -6.54 22.14 -47.76
C ALA I 3 -7.36 20.86 -47.47
N GLN I 4 -7.13 20.24 -46.32
CA GLN I 4 -7.60 18.88 -46.04
C GLN I 4 -9.12 18.70 -46.03
N ALA I 5 -9.82 19.49 -46.84
CA ALA I 5 -11.24 19.32 -47.07
C ALA I 5 -11.47 18.67 -48.43
N GLU I 6 -10.65 19.04 -49.41
CA GLU I 6 -10.73 18.49 -50.75
C GLU I 6 -10.33 17.00 -50.78
N GLU I 7 -9.39 16.64 -49.91
CA GLU I 7 -9.00 15.26 -49.74
C GLU I 7 -10.26 14.58 -49.23
N PHE I 8 -10.80 15.18 -48.17
CA PHE I 8 -12.07 14.75 -47.60
C PHE I 8 -13.20 14.88 -48.62
N LYS I 9 -13.24 15.98 -49.38
CA LYS I 9 -14.36 16.32 -50.30
C LYS I 9 -15.09 15.09 -50.79
N LYS I 10 -14.33 14.20 -51.42
CA LYS I 10 -14.69 12.79 -51.38
C LYS I 10 -13.67 11.70 -51.67
N TYR I 11 -12.88 11.47 -50.64
CA TYR I 11 -12.87 10.15 -50.04
C TYR I 11 -14.33 9.89 -49.68
N LEU I 12 -14.98 10.89 -49.05
CA LEU I 12 -16.43 10.87 -48.77
C LEU I 12 -17.24 9.93 -49.63
N GLU I 13 -16.92 9.90 -50.91
CA GLU I 13 -17.64 9.03 -51.79
C GLU I 13 -16.77 8.30 -52.79
N THR I 14 -16.28 7.16 -52.32
CA THR I 14 -16.12 6.00 -53.15
C THR I 14 -17.08 5.02 -52.47
N ASN I 15 -18.30 5.51 -52.19
CA ASN I 15 -19.31 4.85 -51.33
C ASN I 15 -20.63 4.67 -52.07
N GLY I 16 -21.39 5.76 -51.99
CA GLY I 16 -22.84 5.83 -52.17
C GLY I 16 -23.46 7.17 -52.57
N ILE I 17 -23.60 8.14 -51.65
CA ILE I 17 -24.37 9.38 -51.90
C ILE I 17 -23.47 10.37 -52.73
N LYS I 18 -23.79 11.67 -52.79
CA LYS I 18 -23.18 12.67 -53.67
C LYS I 18 -23.71 14.09 -53.35
N PRO I 19 -23.08 15.17 -53.89
CA PRO I 19 -23.53 16.50 -53.46
C PRO I 19 -24.89 16.93 -54.03
N LYS I 20 -25.75 17.46 -53.16
CA LYS I 20 -26.97 18.10 -53.62
C LYS I 20 -26.77 19.61 -53.55
N GLN I 21 -27.01 20.31 -54.65
CA GLN I 21 -26.87 21.75 -54.67
C GLN I 21 -28.10 22.40 -54.04
N PHE I 22 -27.88 23.46 -53.29
CA PHE I 22 -28.98 24.18 -52.66
C PHE I 22 -29.01 25.62 -53.13
N HIS I 23 -30.20 26.20 -53.16
CA HIS I 23 -30.33 27.58 -53.64
C HIS I 23 -30.63 28.52 -52.48
N LYS I 24 -30.57 29.82 -52.76
CA LYS I 24 -30.81 30.85 -51.75
C LYS I 24 -32.17 30.67 -51.06
N LYS I 25 -32.24 31.07 -49.80
CA LYS I 25 -33.48 31.05 -48.99
C LYS I 25 -33.93 29.63 -48.61
N GLU I 26 -33.30 28.62 -49.21
CA GLU I 26 -33.65 27.22 -48.93
C GLU I 26 -33.02 26.73 -47.63
N LEU I 27 -33.61 25.69 -47.04
CA LEU I 27 -33.11 25.11 -45.81
C LEU I 27 -32.54 23.71 -46.06
N ILE I 28 -31.29 23.47 -45.64
CA ILE I 28 -30.67 22.15 -45.79
C ILE I 28 -31.31 21.19 -44.79
N PHE I 29 -31.32 21.57 -43.51
CA PHE I 29 -32.20 20.94 -42.53
C PHE I 29 -33.01 22.00 -41.81
N ASN I 30 -34.11 21.60 -41.19
CA ASN I 30 -35.02 22.56 -40.56
C ASN I 30 -35.20 22.39 -39.06
N GLN I 31 -35.93 23.34 -38.47
CA GLN I 31 -36.21 23.37 -37.04
C GLN I 31 -37.26 22.32 -36.67
N TRP I 32 -37.55 21.39 -37.56
CA TRP I 32 -38.61 20.42 -37.29
C TRP I 32 -38.35 19.01 -37.79
N ASP I 33 -37.46 18.85 -38.76
CA ASP I 33 -37.12 17.52 -39.29
C ASP I 33 -36.61 16.64 -38.15
N PRO I 34 -37.39 15.62 -37.78
CA PRO I 34 -37.10 14.75 -36.63
C PRO I 34 -35.78 14.01 -36.79
N GLN I 35 -35.47 13.62 -38.01
CA GLN I 35 -34.18 13.00 -38.30
C GLN I 35 -33.10 14.08 -38.51
N GLU I 36 -32.02 13.98 -37.76
CA GLU I 36 -30.93 14.95 -37.83
C GLU I 36 -29.79 14.43 -38.68
N TYR I 37 -28.87 15.32 -39.06
CA TYR I 37 -27.82 14.96 -40.00
C TYR I 37 -26.43 15.47 -39.64
N CYS I 38 -25.43 14.99 -40.39
CA CYS I 38 -24.13 15.64 -40.48
C CYS I 38 -24.11 16.30 -41.86
N ILE I 39 -23.37 17.40 -42.00
CA ILE I 39 -23.32 18.11 -43.28
C ILE I 39 -21.91 18.56 -43.65
N PHE I 40 -21.39 18.07 -44.77
CA PHE I 40 -20.15 18.62 -45.29
C PHE I 40 -20.46 19.71 -46.31
N LEU I 41 -20.44 20.96 -45.84
CA LEU I 41 -20.61 22.11 -46.72
C LEU I 41 -19.30 22.37 -47.44
N TYR I 42 -19.33 22.40 -48.77
CA TYR I 42 -18.12 22.62 -49.55
C TYR I 42 -18.05 24.03 -50.14
N ASP I 43 -19.02 24.39 -50.96
CA ASP I 43 -19.04 25.71 -51.59
C ASP I 43 -20.25 26.50 -51.14
N GLY I 44 -20.08 27.82 -51.00
CA GLY I 44 -21.20 28.69 -50.66
C GLY I 44 -21.25 29.12 -49.21
N ILE I 45 -22.20 29.99 -48.90
CA ILE I 45 -22.36 30.54 -47.55
C ILE I 45 -23.77 30.23 -47.03
N THR I 46 -23.86 29.75 -45.79
CA THR I 46 -25.15 29.46 -45.17
C THR I 46 -25.17 29.92 -43.72
N LYS I 47 -26.35 30.11 -43.15
CA LYS I 47 -26.47 30.59 -41.76
C LYS I 47 -27.27 29.65 -40.88
N LEU I 48 -26.92 29.60 -39.60
CA LEU I 48 -27.61 28.76 -38.62
C LEU I 48 -28.59 29.60 -37.81
N THR I 49 -29.89 29.32 -37.96
CA THR I 49 -30.92 30.16 -37.35
C THR I 49 -31.74 29.43 -36.28
N SER I 50 -32.39 30.21 -35.42
CA SER I 50 -33.24 29.66 -34.36
C SER I 50 -34.49 30.54 -34.19
N ILE I 51 -35.67 29.94 -34.33
CA ILE I 51 -36.92 30.66 -34.17
C ILE I 51 -37.62 30.19 -32.89
N SER I 52 -38.19 31.12 -32.14
CA SER I 52 -38.70 30.82 -30.81
C SER I 52 -40.22 30.62 -30.75
N GLU I 53 -40.75 30.60 -29.52
CA GLU I 53 -42.18 30.46 -29.28
C GLU I 53 -42.96 31.65 -29.81
N ASN I 54 -42.53 32.85 -29.43
CA ASN I 54 -43.19 34.08 -29.87
C ASN I 54 -42.72 34.51 -31.25
N GLY I 55 -41.70 33.84 -31.78
CA GLY I 55 -41.22 34.10 -33.11
C GLY I 55 -40.18 35.19 -33.26
N THR I 56 -39.33 35.36 -32.23
CA THR I 56 -38.21 36.29 -32.35
C THR I 56 -37.01 35.57 -32.97
N ILE I 57 -36.64 35.98 -34.17
CA ILE I 57 -35.62 35.30 -34.95
C ILE I 57 -34.21 35.58 -34.40
N MET I 58 -33.38 34.54 -34.29
CA MET I 58 -32.02 34.68 -33.83
C MET I 58 -31.02 34.02 -34.78
N ASN I 59 -30.05 34.78 -35.25
CA ASN I 59 -28.98 34.24 -36.08
C ASN I 59 -27.75 33.93 -35.25
N LEU I 60 -27.47 32.64 -35.08
CA LEU I 60 -26.35 32.19 -34.28
C LEU I 60 -25.01 32.40 -34.99
N GLN I 61 -24.92 31.95 -36.24
CA GLN I 61 -23.63 31.87 -36.92
C GLN I 61 -23.77 31.65 -38.44
N TYR I 62 -22.86 32.24 -39.21
CA TYR I 62 -22.77 31.94 -40.64
C TYR I 62 -21.78 30.82 -40.88
N TYR I 63 -22.01 30.00 -41.90
CA TYR I 63 -21.05 28.97 -42.27
C TYR I 63 -20.57 29.21 -43.70
N LYS I 64 -19.26 29.11 -43.92
CA LYS I 64 -18.66 29.47 -45.20
C LYS I 64 -17.74 28.38 -45.74
N GLY I 65 -17.84 28.13 -47.04
CA GLY I 65 -16.95 27.22 -47.73
C GLY I 65 -16.84 25.84 -47.13
N ALA I 66 -15.61 25.34 -47.07
CA ALA I 66 -15.34 24.01 -46.56
C ALA I 66 -15.47 23.95 -45.03
N PHE I 67 -16.57 23.35 -44.55
CA PHE I 67 -16.77 23.15 -43.12
C PHE I 67 -17.85 22.10 -42.88
N VAL I 68 -17.93 21.61 -41.65
CA VAL I 68 -18.93 20.60 -41.29
C VAL I 68 -19.92 21.12 -40.24
N ILE I 69 -21.20 20.78 -40.43
CA ILE I 69 -22.23 21.13 -39.45
C ILE I 69 -22.97 19.88 -39.01
N MET I 70 -22.97 19.61 -37.71
CA MET I 70 -23.67 18.45 -37.18
C MET I 70 -24.83 18.89 -36.29
N SER I 71 -26.03 18.40 -36.58
CA SER I 71 -27.21 18.73 -35.79
C SER I 71 -27.63 17.55 -34.94
N GLY I 72 -26.86 16.47 -35.01
CA GLY I 72 -27.13 15.29 -34.21
C GLY I 72 -25.88 14.63 -33.67
N PHE I 73 -25.95 14.15 -32.43
CA PHE I 73 -24.84 13.43 -31.82
C PHE I 73 -24.60 12.11 -32.55
N ILE I 74 -23.34 11.77 -32.78
CA ILE I 74 -22.99 10.53 -33.47
C ILE I 74 -23.47 9.31 -32.68
N ASP I 75 -23.20 9.30 -31.38
CA ASP I 75 -23.57 8.17 -30.52
C ASP I 75 -25.08 8.00 -30.35
N THR I 76 -25.76 9.04 -29.87
CA THR I 76 -27.18 8.95 -29.51
C THR I 76 -28.10 9.13 -30.72
N GLU I 77 -27.57 9.76 -31.77
CA GLU I 77 -28.37 10.11 -32.95
C GLU I 77 -29.55 11.00 -32.55
N THR I 78 -29.34 11.76 -31.48
CA THR I 78 -30.32 12.68 -30.94
C THR I 78 -29.99 14.10 -31.38
N SER I 79 -31.00 14.89 -31.68
CA SER I 79 -30.82 16.30 -32.06
C SER I 79 -29.99 17.04 -31.01
N VAL I 80 -28.94 17.73 -31.46
CA VAL I 80 -28.13 18.55 -30.56
C VAL I 80 -28.82 19.87 -30.28
N GLY I 81 -29.86 20.16 -31.05
CA GLY I 81 -30.60 21.39 -30.93
C GLY I 81 -31.55 21.61 -32.10
N TYR I 82 -32.65 22.32 -31.85
CA TYR I 82 -33.62 22.62 -32.91
C TYR I 82 -33.19 23.84 -33.70
N TYR I 83 -32.47 23.63 -34.80
CA TYR I 83 -31.92 24.74 -35.57
C TYR I 83 -32.22 24.61 -37.06
N ASN I 84 -32.12 25.72 -37.78
CA ASN I 84 -32.28 25.74 -39.23
C ASN I 84 -30.96 26.09 -39.90
N LEU I 85 -30.66 25.46 -41.03
CA LEU I 85 -29.48 25.84 -41.81
C LEU I 85 -29.92 26.42 -43.15
N GLU I 86 -30.03 27.74 -43.20
CA GLU I 86 -30.55 28.45 -44.36
C GLU I 86 -29.43 28.91 -45.29
N VAL I 87 -29.64 28.80 -46.59
CA VAL I 87 -28.64 29.21 -47.58
C VAL I 87 -28.75 30.71 -47.88
N ILE I 88 -27.62 31.40 -47.82
CA ILE I 88 -27.57 32.84 -48.09
C ILE I 88 -26.99 33.12 -49.48
N SER I 89 -25.88 32.46 -49.80
CA SER I 89 -25.29 32.55 -51.14
C SER I 89 -26.31 32.11 -52.19
N GLU I 90 -26.20 32.64 -53.39
CA GLU I 90 -27.13 32.33 -54.46
C GLU I 90 -27.15 30.82 -54.74
N GLN I 91 -26.00 30.18 -54.55
CA GLN I 91 -25.89 28.74 -54.68
C GLN I 91 -24.92 28.19 -53.64
N ALA I 92 -25.09 26.92 -53.27
CA ALA I 92 -24.24 26.29 -52.27
C ALA I 92 -24.11 24.79 -52.51
N THR I 93 -22.88 24.28 -52.43
CA THR I 93 -22.62 22.86 -52.58
C THR I 93 -22.46 22.21 -51.19
N ALA I 94 -23.28 21.22 -50.88
CA ALA I 94 -23.25 20.57 -49.57
C ALA I 94 -23.52 19.07 -49.66
N TYR I 95 -22.78 18.30 -48.87
CA TYR I 95 -22.99 16.85 -48.84
C TYR I 95 -23.80 16.46 -47.61
N VAL I 96 -25.01 15.96 -47.85
CA VAL I 96 -25.91 15.60 -46.76
C VAL I 96 -25.71 14.13 -46.40
N ILE I 97 -25.53 13.86 -45.11
CA ILE I 97 -25.26 12.51 -44.64
C ILE I 97 -25.95 12.23 -43.30
N LYS I 98 -26.71 11.14 -43.25
CA LYS I 98 -27.34 10.70 -42.00
C LYS I 98 -26.26 10.39 -40.97
N ILE I 99 -26.54 10.70 -39.71
CA ILE I 99 -25.53 10.61 -38.65
C ILE I 99 -25.05 9.18 -38.34
N ASN I 100 -25.94 8.19 -38.41
CA ASN I 100 -25.59 6.81 -38.12
C ASN I 100 -24.58 6.25 -39.11
N GLU I 101 -24.70 6.70 -40.36
CA GLU I 101 -23.83 6.27 -41.44
C GLU I 101 -22.44 6.90 -41.29
N LEU I 102 -22.34 7.96 -40.49
CA LEU I 102 -21.08 8.66 -40.27
C LEU I 102 -20.16 7.93 -39.30
N LYS I 103 -20.73 7.33 -38.26
CA LYS I 103 -19.96 6.73 -37.17
C LYS I 103 -18.91 5.72 -37.64
N GLU I 104 -19.27 4.91 -38.63
CA GLU I 104 -18.34 3.91 -39.14
C GLU I 104 -17.69 4.30 -40.46
N LEU I 105 -18.27 5.29 -41.15
CA LEU I 105 -17.62 5.86 -42.33
C LEU I 105 -16.29 6.45 -41.92
N LEU I 106 -16.33 7.25 -40.85
CA LEU I 106 -15.14 7.87 -40.28
C LEU I 106 -14.14 6.84 -39.75
N SER I 107 -14.62 5.80 -39.06
CA SER I 107 -13.74 4.86 -38.36
C SER I 107 -12.88 4.02 -39.31
N LYS I 108 -13.28 3.94 -40.58
CA LYS I 108 -12.53 3.20 -41.59
C LYS I 108 -11.26 3.96 -41.98
N ASN I 109 -11.32 5.28 -41.90
CA ASN I 109 -10.30 6.15 -42.45
C ASN I 109 -10.05 7.35 -41.55
N LEU I 110 -8.88 7.37 -40.91
CA LEU I 110 -8.64 8.25 -39.77
C LEU I 110 -7.88 9.53 -40.11
N THR I 111 -7.29 9.60 -41.31
CA THR I 111 -6.63 10.82 -41.77
C THR I 111 -7.65 11.95 -41.88
N HIS I 112 -8.86 11.58 -42.29
CA HIS I 112 -9.96 12.53 -42.43
C HIS I 112 -10.79 12.65 -41.16
N PHE I 113 -10.65 11.70 -40.25
CA PHE I 113 -11.42 11.70 -39.01
C PHE I 113 -11.12 12.98 -38.22
N PHE I 114 -9.84 13.27 -38.07
CA PHE I 114 -9.40 14.41 -37.28
C PHE I 114 -9.73 15.74 -37.96
N TYR I 115 -9.96 15.71 -39.26
CA TYR I 115 -10.42 16.89 -39.98
C TYR I 115 -11.72 17.37 -39.36
N VAL I 116 -12.69 16.47 -39.26
CA VAL I 116 -13.95 16.74 -38.57
C VAL I 116 -13.67 17.20 -37.14
N PHE I 117 -12.75 16.52 -36.47
CA PHE I 117 -12.44 16.80 -35.07
C PHE I 117 -11.85 18.19 -34.88
N GLN I 118 -10.94 18.59 -35.77
CA GLN I 118 -10.28 19.89 -35.67
C GLN I 118 -11.25 21.02 -35.99
N THR I 119 -12.11 20.81 -36.98
CA THR I 119 -13.12 21.79 -37.33
C THR I 119 -14.10 22.02 -36.17
N LEU I 120 -14.39 20.95 -35.44
CA LEU I 120 -15.35 21.01 -34.35
C LEU I 120 -14.85 21.86 -33.19
N GLN I 121 -13.52 21.86 -32.98
CA GLN I 121 -12.91 22.68 -31.93
C GLN I 121 -12.79 24.13 -32.35
N LYS I 122 -12.60 24.36 -33.65
CA LYS I 122 -12.62 25.71 -34.20
C LYS I 122 -13.95 26.37 -33.82
N GLN I 123 -15.02 25.61 -33.96
CA GLN I 123 -16.36 26.05 -33.57
C GLN I 123 -16.43 26.41 -32.08
N VAL I 124 -15.87 25.52 -31.24
CA VAL I 124 -15.84 25.74 -29.80
C VAL I 124 -15.10 27.02 -29.42
N SER I 125 -13.87 27.15 -29.91
CA SER I 125 -13.07 28.34 -29.64
C SER I 125 -13.76 29.60 -30.16
N TYR I 126 -14.45 29.47 -31.28
CA TYR I 126 -15.19 30.58 -31.89
C TYR I 126 -16.31 31.08 -30.98
N SER I 127 -17.13 30.14 -30.52
CA SER I 127 -18.30 30.46 -29.71
C SER I 127 -17.91 31.11 -28.38
N LEU I 128 -16.89 30.57 -27.73
CA LEU I 128 -16.34 31.15 -26.51
C LEU I 128 -15.86 32.58 -26.78
N ALA I 129 -15.12 32.72 -27.87
CA ALA I 129 -14.63 34.01 -28.35
C ALA I 129 -15.77 34.99 -28.61
N LYS I 130 -16.78 34.53 -29.34
CA LYS I 130 -17.95 35.32 -29.65
C LYS I 130 -18.73 35.68 -28.38
N PHE I 131 -18.88 34.71 -27.48
CA PHE I 131 -19.59 34.93 -26.22
C PHE I 131 -18.86 35.94 -25.34
N ASN I 132 -17.54 35.95 -25.42
CA ASN I 132 -16.72 36.85 -24.61
C ASN I 132 -16.94 38.33 -24.96
N ASP I 133 -17.00 38.63 -26.26
CA ASP I 133 -17.06 40.00 -26.73
C ASP I 133 -18.49 40.53 -26.85
N PHE I 134 -19.46 39.63 -26.83
CA PHE I 134 -20.87 40.00 -26.88
C PHE I 134 -21.42 40.28 -25.48
N SER I 135 -20.89 39.56 -24.49
CA SER I 135 -21.36 39.64 -23.10
C SER I 135 -20.89 40.90 -22.39
N ILE I 136 -19.58 41.10 -22.35
CA ILE I 136 -19.02 42.39 -21.93
C ILE I 136 -19.57 43.44 -22.88
N ASN I 137 -19.47 44.72 -22.50
CA ASN I 137 -19.94 45.79 -23.37
C ASN I 137 -21.49 45.78 -23.49
N GLY I 138 -22.05 45.00 -24.41
CA GLY I 138 -23.43 45.17 -24.81
C GLY I 138 -23.64 45.04 -26.32
N LYS I 139 -24.79 45.48 -26.81
CA LYS I 139 -25.14 45.34 -28.23
C LYS I 139 -24.20 46.06 -29.20
N LEU I 140 -23.55 47.14 -28.74
CA LEU I 140 -22.64 47.90 -29.60
C LEU I 140 -21.51 47.01 -30.14
N GLY I 141 -20.76 46.39 -29.24
CA GLY I 141 -19.66 45.53 -29.64
C GLY I 141 -20.15 44.19 -30.14
N SER I 142 -21.42 43.87 -29.88
CA SER I 142 -22.05 42.75 -30.56
C SER I 142 -22.03 43.03 -32.05
N ILE I 143 -22.39 44.26 -32.41
CA ILE I 143 -22.30 44.72 -33.79
C ILE I 143 -20.85 44.69 -34.25
N CYS I 144 -19.98 45.37 -33.50
CA CYS I 144 -18.55 45.41 -33.77
C CYS I 144 -17.95 44.00 -33.84
N GLY I 145 -18.49 43.10 -33.02
CA GLY I 145 -18.10 41.70 -33.08
C GLY I 145 -18.43 41.09 -34.43
N GLN I 146 -19.71 41.08 -34.76
CA GLN I 146 -20.17 40.51 -36.03
C GLN I 146 -19.54 41.22 -37.22
N LEU I 147 -19.41 42.54 -37.13
CA LEU I 147 -18.77 43.34 -38.17
C LEU I 147 -17.33 42.86 -38.41
N LEU I 148 -16.56 42.72 -37.34
CA LEU I 148 -15.18 42.23 -37.41
C LEU I 148 -15.12 40.85 -38.07
N ILE I 149 -16.07 39.98 -37.72
CA ILE I 149 -16.17 38.66 -38.30
C ILE I 149 -16.31 38.75 -39.82
N LEU I 150 -17.39 39.40 -40.28
CA LEU I 150 -17.67 39.60 -41.70
C LEU I 150 -16.50 40.32 -42.39
N THR I 151 -15.90 41.28 -41.69
CA THR I 151 -14.76 42.03 -42.21
C THR I 151 -13.54 41.12 -42.45
N TYR I 152 -13.36 40.13 -41.59
CA TYR I 152 -12.22 39.24 -41.70
C TYR I 152 -12.43 38.11 -42.71
N VAL I 153 -13.59 37.47 -42.68
CA VAL I 153 -13.82 36.29 -43.51
C VAL I 153 -14.43 36.64 -44.88
N TYR I 154 -15.25 37.69 -44.93
CA TYR I 154 -15.87 38.10 -46.20
C TYR I 154 -15.27 39.41 -46.74
N GLY I 155 -14.43 40.05 -45.94
CA GLY I 155 -13.90 41.35 -46.31
C GLY I 155 -12.64 41.34 -47.16
N LYS I 156 -12.67 42.09 -48.26
CA LYS I 156 -11.46 42.43 -48.98
C LYS I 156 -11.44 43.93 -49.24
N GLU I 157 -10.37 44.43 -49.84
CA GLU I 157 -10.01 45.84 -49.70
C GLU I 157 -10.26 46.73 -50.94
N THR I 158 -10.77 47.93 -50.69
CA THR I 158 -10.92 48.97 -51.69
C THR I 158 -10.27 50.25 -51.17
N PRO I 159 -9.79 51.13 -52.08
CA PRO I 159 -9.29 52.44 -51.64
C PRO I 159 -10.34 53.23 -50.87
N ASP I 160 -11.60 52.88 -51.07
CA ASP I 160 -12.72 53.47 -50.35
C ASP I 160 -12.95 52.78 -49.00
N GLY I 161 -12.33 51.62 -48.80
CA GLY I 161 -12.48 50.87 -47.56
C GLY I 161 -12.39 49.36 -47.73
N ILE I 162 -12.53 48.62 -46.65
CA ILE I 162 -12.51 47.14 -46.69
C ILE I 162 -13.92 46.62 -46.97
N LYS I 163 -14.11 45.92 -48.10
CA LYS I 163 -15.48 45.66 -48.53
C LYS I 163 -15.96 44.26 -48.19
N ILE I 164 -17.14 44.18 -47.58
CA ILE I 164 -17.79 42.91 -47.32
C ILE I 164 -18.53 42.48 -48.58
N THR I 165 -18.21 41.28 -49.07
CA THR I 165 -18.76 40.81 -50.33
C THR I 165 -20.06 40.03 -50.12
N LEU I 166 -21.07 40.72 -49.60
CA LEU I 166 -22.38 40.11 -49.40
C LEU I 166 -23.43 40.85 -50.24
N ASP I 167 -24.02 40.13 -51.20
CA ASP I 167 -25.04 40.68 -52.09
C ASP I 167 -26.24 41.18 -51.28
N ASN I 168 -26.56 40.47 -50.21
CA ASN I 168 -27.69 40.80 -49.38
C ASN I 168 -27.24 40.84 -47.92
N LEU I 169 -27.28 42.03 -47.31
CA LEU I 169 -27.07 42.17 -45.88
C LEU I 169 -28.04 43.19 -45.30
N THR I 170 -29.23 42.71 -44.96
CA THR I 170 -30.28 43.56 -44.36
C THR I 170 -29.85 44.11 -43.01
N MET I 171 -30.34 45.29 -42.63
CA MET I 171 -29.99 45.96 -41.36
C MET I 171 -30.62 45.19 -40.21
N GLN I 172 -31.65 44.48 -40.61
CA GLN I 172 -32.57 43.79 -39.74
C GLN I 172 -31.78 42.54 -39.31
N GLU I 173 -31.16 41.90 -40.32
CA GLU I 173 -30.35 40.69 -40.24
C GLU I 173 -29.09 40.85 -39.39
N LEU I 174 -28.55 42.06 -39.35
CA LEU I 174 -27.48 42.39 -38.40
C LEU I 174 -28.02 42.26 -36.98
N GLY I 175 -29.24 42.74 -36.77
CA GLY I 175 -29.90 42.57 -35.48
C GLY I 175 -30.05 41.11 -35.11
N TYR I 176 -30.31 40.27 -36.10
CA TYR I 176 -30.42 38.83 -35.91
C TYR I 176 -29.07 38.20 -35.59
N SER I 177 -28.05 38.63 -36.33
CA SER I 177 -26.70 38.17 -36.10
C SER I 177 -26.22 38.60 -34.71
N SER I 178 -26.65 39.78 -34.28
CA SER I 178 -26.47 40.22 -32.90
C SER I 178 -27.67 39.79 -32.07
N GLY I 179 -27.98 40.55 -31.03
CA GLY I 179 -29.14 40.24 -30.21
C GLY I 179 -30.26 41.27 -30.32
N ILE I 180 -30.20 42.07 -31.37
CA ILE I 180 -31.14 43.18 -31.55
C ILE I 180 -32.39 42.76 -32.34
N ALA I 181 -33.56 43.15 -31.85
CA ALA I 181 -34.83 42.74 -32.46
C ALA I 181 -35.31 43.71 -33.53
N HIS I 182 -35.10 45.01 -33.29
CA HIS I 182 -35.66 46.03 -34.16
C HIS I 182 -34.58 46.73 -34.99
N SER I 183 -34.82 46.83 -36.30
CA SER I 183 -33.86 47.41 -37.23
C SER I 183 -33.52 48.86 -36.91
N SER I 184 -34.49 49.58 -36.34
CA SER I 184 -34.28 50.98 -35.96
C SER I 184 -33.27 51.08 -34.82
N ALA I 185 -33.36 50.16 -33.86
CA ALA I 185 -32.39 50.07 -32.78
C ALA I 185 -30.99 49.86 -33.32
N VAL I 186 -30.88 49.01 -34.33
CA VAL I 186 -29.60 48.77 -35.00
C VAL I 186 -29.13 50.05 -35.70
N SER I 187 -30.05 50.69 -36.43
CA SER I 187 -29.74 51.88 -37.23
C SER I 187 -29.05 53.01 -36.46
N ARG I 188 -29.55 53.35 -35.27
CA ARG I 188 -28.97 54.42 -34.48
C ARG I 188 -27.54 54.08 -34.05
N ILE I 189 -27.27 52.80 -33.86
CA ILE I 189 -25.94 52.35 -33.47
C ILE I 189 -24.96 52.44 -34.66
N ILE I 190 -25.32 51.85 -35.80
CA ILE I 190 -24.43 51.82 -36.96
C ILE I 190 -24.14 53.22 -37.50
N SER I 191 -25.11 54.12 -37.41
CA SER I 191 -24.92 55.50 -37.85
C SER I 191 -23.98 56.23 -36.90
N LYS I 192 -23.99 55.82 -35.63
CA LYS I 192 -23.02 56.32 -34.66
C LYS I 192 -21.61 55.91 -35.07
N LEU I 193 -21.50 54.67 -35.56
CA LEU I 193 -20.20 54.16 -36.01
C LEU I 193 -19.51 55.10 -36.99
N LYS I 194 -20.23 55.71 -37.93
CA LYS I 194 -19.57 56.62 -38.86
C LYS I 194 -19.96 58.09 -38.70
N GLN I 195 -20.26 58.52 -37.49
CA GLN I 195 -19.99 59.91 -37.18
C GLN I 195 -18.48 59.85 -36.94
N GLU I 196 -18.04 58.66 -36.53
CA GLU I 196 -16.63 58.39 -36.29
C GLU I 196 -16.02 57.35 -37.24
N LYS I 197 -15.67 57.79 -38.45
CA LYS I 197 -14.54 57.19 -39.16
C LYS I 197 -14.62 55.74 -39.69
N VAL I 198 -15.21 54.80 -38.94
CA VAL I 198 -14.87 53.37 -39.11
C VAL I 198 -15.41 52.60 -40.34
N ILE I 199 -16.73 52.55 -40.58
CA ILE I 199 -17.20 51.81 -41.76
C ILE I 199 -17.59 52.84 -42.86
N VAL I 200 -18.17 52.41 -43.98
CA VAL I 200 -18.86 53.28 -44.97
C VAL I 200 -19.92 52.47 -45.72
N TYR I 201 -20.97 53.14 -46.19
CA TYR I 201 -22.01 52.46 -46.96
C TYR I 201 -22.36 53.21 -48.24
N LYS I 202 -22.11 52.56 -49.39
CA LYS I 202 -22.35 53.14 -50.70
C LYS I 202 -23.58 52.49 -51.37
N ASN I 203 -23.49 51.19 -51.60
CA ASN I 203 -24.36 50.48 -52.52
C ASN I 203 -25.30 49.45 -51.89
N SER I 204 -24.70 48.45 -51.26
CA SER I 204 -25.38 47.31 -50.72
C SER I 204 -24.36 46.65 -49.83
N CYS I 205 -23.12 46.69 -50.32
CA CYS I 205 -21.97 46.15 -49.61
C CYS I 205 -21.41 47.20 -48.66
N PHE I 206 -21.05 46.77 -47.45
CA PHE I 206 -20.52 47.66 -46.42
C PHE I 206 -18.99 47.72 -46.46
N TYR I 207 -18.42 48.91 -46.41
CA TYR I 207 -16.96 49.02 -46.46
C TYR I 207 -16.41 49.66 -45.19
N VAL I 208 -15.42 49.01 -44.56
CA VAL I 208 -14.89 49.50 -43.29
C VAL I 208 -13.59 50.27 -43.53
N GLN I 209 -13.30 51.28 -42.70
CA GLN I 209 -12.11 52.12 -42.87
C GLN I 209 -10.96 51.71 -41.96
N ASN I 210 -11.06 52.05 -40.68
CA ASN I 210 -10.03 51.63 -39.72
C ASN I 210 -10.48 50.39 -38.95
N LEU I 211 -9.62 49.37 -38.93
CA LEU I 211 -9.97 48.07 -38.34
C LEU I 211 -9.84 48.04 -36.84
N ASP I 212 -8.72 48.54 -36.31
CA ASP I 212 -8.39 48.40 -34.89
C ASP I 212 -9.45 48.99 -33.95
N TYR I 213 -10.34 49.82 -34.49
CA TYR I 213 -11.48 50.29 -33.71
C TYR I 213 -12.34 49.08 -33.33
N LEU I 214 -12.69 48.27 -34.33
CA LEU I 214 -13.47 47.06 -34.10
C LEU I 214 -12.75 46.07 -33.20
N LYS I 215 -11.43 45.96 -33.37
CA LYS I 215 -10.61 45.00 -32.62
C LYS I 215 -10.66 45.26 -31.11
N ARG I 216 -10.82 46.51 -30.72
CA ARG I 216 -10.91 46.87 -29.31
C ARG I 216 -12.23 46.42 -28.69
N TYR I 217 -13.31 46.45 -29.47
CA TYR I 217 -14.64 46.10 -28.97
C TYR I 217 -14.90 44.61 -29.02
N ALA I 218 -14.23 43.92 -29.93
CA ALA I 218 -14.23 42.46 -29.96
C ALA I 218 -12.84 41.95 -29.60
N PRO I 219 -12.49 42.00 -28.30
CA PRO I 219 -11.14 41.70 -27.84
C PRO I 219 -10.89 40.22 -27.50
N LYS I 220 -11.68 39.32 -28.08
CA LYS I 220 -11.30 37.91 -28.12
C LYS I 220 -11.79 37.24 -29.41
N LEU I 221 -12.14 38.05 -30.42
CA LEU I 221 -12.32 37.55 -31.79
C LEU I 221 -11.11 37.93 -32.64
N ASP I 222 -10.28 38.80 -32.06
CA ASP I 222 -8.94 39.12 -32.49
C ASP I 222 -8.19 37.88 -32.94
N GLU I 223 -7.94 37.06 -31.93
CA GLU I 223 -6.92 36.04 -31.90
C GLU I 223 -7.47 34.74 -32.43
N TRP I 224 -8.79 34.60 -32.35
CA TRP I 224 -9.42 33.40 -32.88
C TRP I 224 -9.16 33.38 -34.36
N PHE I 225 -9.12 34.56 -34.94
CA PHE I 225 -8.74 34.72 -36.33
C PHE I 225 -7.21 34.68 -36.44
N TYR I 226 -6.50 34.90 -35.33
CA TYR I 226 -5.05 34.76 -35.37
C TYR I 226 -4.63 33.30 -35.15
N LEU I 227 -5.05 32.71 -34.03
CA LEU I 227 -4.71 31.33 -33.70
C LEU I 227 -5.20 30.38 -34.80
N ALA I 228 -6.50 30.12 -34.85
CA ALA I 228 -7.09 29.48 -36.01
C ALA I 228 -7.23 30.54 -37.12
N CYS I 229 -7.61 30.13 -38.31
CA CYS I 229 -7.72 31.03 -39.48
C CYS I 229 -6.45 31.90 -39.63
N PRO I 230 -5.26 31.27 -39.66
CA PRO I 230 -4.04 32.09 -39.79
C PRO I 230 -4.00 32.81 -41.14
N ALA I 231 -4.51 32.15 -42.17
CA ALA I 231 -4.48 32.65 -43.53
C ALA I 231 -5.21 33.99 -43.73
N THR I 232 -6.51 34.03 -43.42
CA THR I 232 -7.33 35.19 -43.72
C THR I 232 -7.16 36.34 -42.73
N TRP I 233 -6.47 36.09 -41.61
CA TRP I 233 -6.10 37.17 -40.71
C TRP I 233 -4.87 37.89 -41.23
N GLY I 234 -4.01 37.13 -41.91
CA GLY I 234 -2.74 37.63 -42.38
C GLY I 234 -2.81 38.75 -43.40
N LYS I 235 -3.59 38.55 -44.46
CA LYS I 235 -3.68 39.53 -45.55
C LYS I 235 -4.12 40.91 -45.04
N LEU I 236 -5.21 40.93 -44.28
CA LEU I 236 -5.76 42.19 -43.80
C LEU I 236 -4.82 42.87 -42.80
N ASN I 237 -3.83 42.14 -42.32
CA ASN I 237 -2.86 42.68 -41.38
C ASN I 237 -1.42 42.34 -41.78
N ASN J 2 -21.54 9.36 -18.26
CA ASN J 2 -20.92 8.94 -17.01
C ASN J 2 -20.30 7.55 -17.14
N ALA J 3 -21.06 6.60 -17.67
CA ALA J 3 -20.56 5.24 -17.86
C ALA J 3 -19.37 5.23 -18.82
N GLN J 4 -19.45 6.05 -19.86
CA GLN J 4 -18.40 6.17 -20.85
C GLN J 4 -17.19 6.91 -20.28
N ALA J 5 -17.44 7.74 -19.26
CA ALA J 5 -16.40 8.53 -18.63
C ALA J 5 -15.44 7.67 -17.81
N GLU J 6 -15.98 6.78 -17.00
CA GLU J 6 -15.18 5.90 -16.16
C GLU J 6 -14.25 5.01 -16.97
N GLU J 7 -14.77 4.43 -18.04
CA GLU J 7 -13.99 3.55 -18.89
C GLU J 7 -12.90 4.35 -19.62
N PHE J 8 -13.13 5.64 -19.81
CA PHE J 8 -12.10 6.51 -20.38
C PHE J 8 -11.00 6.76 -19.35
N LYS J 9 -11.39 6.99 -18.11
CA LYS J 9 -10.45 7.14 -17.00
C LYS J 9 -9.58 5.90 -16.86
N LYS J 10 -10.22 4.73 -16.81
CA LYS J 10 -9.49 3.47 -16.75
C LYS J 10 -8.57 3.34 -17.94
N TYR J 11 -9.07 3.67 -19.12
CA TYR J 11 -8.25 3.52 -20.32
C TYR J 11 -7.01 4.40 -20.25
N LEU J 12 -7.17 5.59 -19.69
CA LEU J 12 -6.08 6.54 -19.52
C LEU J 12 -4.96 5.91 -18.71
N GLU J 13 -5.30 5.37 -17.53
CA GLU J 13 -4.34 4.80 -16.59
C GLU J 13 -3.55 3.63 -17.17
N THR J 14 -4.21 2.79 -17.96
CA THR J 14 -3.59 1.57 -18.50
C THR J 14 -2.37 1.86 -19.38
N ASN J 15 -2.40 2.98 -20.10
CA ASN J 15 -1.28 3.37 -20.95
C ASN J 15 -0.45 4.49 -20.35
N GLY J 16 -0.35 4.52 -19.02
CA GLY J 16 0.38 5.57 -18.34
C GLY J 16 -0.54 6.63 -17.79
N ILE J 17 0.01 7.84 -17.59
CA ILE J 17 -0.75 9.00 -17.09
C ILE J 17 -1.25 8.80 -15.65
N LYS J 18 -1.10 9.82 -14.82
CA LYS J 18 -1.56 9.74 -13.44
C LYS J 18 -2.40 10.96 -13.06
N PRO J 19 -3.38 10.77 -12.17
CA PRO J 19 -4.24 11.89 -11.76
C PRO J 19 -3.53 12.88 -10.83
N LYS J 20 -3.42 14.13 -11.26
CA LYS J 20 -2.94 15.19 -10.38
C LYS J 20 -4.13 15.85 -9.71
N GLN J 21 -4.06 15.99 -8.39
CA GLN J 21 -5.18 16.56 -7.64
C GLN J 21 -4.92 18.02 -7.28
N PHE J 22 -5.67 18.91 -7.93
CA PHE J 22 -5.59 20.33 -7.63
C PHE J 22 -6.63 20.65 -6.56
N HIS J 23 -6.44 21.76 -5.84
CA HIS J 23 -7.47 22.22 -4.92
C HIS J 23 -7.79 23.69 -5.18
N LYS J 24 -8.66 24.26 -4.34
CA LYS J 24 -9.33 25.54 -4.58
C LYS J 24 -8.45 26.70 -5.05
N LYS J 25 -9.01 27.53 -5.93
CA LYS J 25 -8.40 28.78 -6.41
C LYS J 25 -7.14 28.59 -7.24
N GLU J 26 -6.78 27.34 -7.51
CA GLU J 26 -5.59 27.05 -8.30
C GLU J 26 -5.93 27.05 -9.79
N LEU J 27 -4.93 27.38 -10.62
CA LEU J 27 -5.14 27.46 -12.06
C LEU J 27 -4.40 26.34 -12.78
N ILE J 28 -5.16 25.46 -13.43
CA ILE J 28 -4.59 24.32 -14.14
C ILE J 28 -3.86 24.77 -15.41
N PHE J 29 -4.46 25.71 -16.14
CA PHE J 29 -3.77 26.40 -17.22
C PHE J 29 -4.25 27.84 -17.32
N ASN J 30 -3.36 28.76 -17.70
CA ASN J 30 -3.71 30.18 -17.70
C ASN J 30 -3.61 30.88 -19.06
N GLN J 31 -4.04 32.13 -19.09
CA GLN J 31 -4.08 32.96 -20.29
C GLN J 31 -2.69 33.24 -20.87
N TRP J 32 -1.73 33.46 -19.98
CA TRP J 32 -0.38 33.85 -20.38
C TRP J 32 0.57 32.66 -20.45
N ASP J 33 0.01 31.45 -20.41
CA ASP J 33 0.78 30.22 -20.58
C ASP J 33 0.49 29.61 -21.96
N PRO J 34 1.41 29.80 -22.93
CA PRO J 34 1.32 29.19 -24.26
C PRO J 34 1.59 27.67 -24.14
N GLN J 35 1.03 27.03 -23.14
CA GLN J 35 1.12 25.64 -23.04
C GLN J 35 -0.25 25.03 -23.11
N GLU J 36 -0.32 24.13 -24.08
CA GLU J 36 -1.53 23.55 -24.58
C GLU J 36 -1.75 22.13 -24.07
N TYR J 37 -2.89 21.93 -23.42
CA TYR J 37 -3.15 20.66 -22.77
C TYR J 37 -4.53 20.11 -23.12
N CYS J 38 -4.62 18.78 -23.10
CA CYS J 38 -5.91 18.10 -23.08
C CYS J 38 -6.20 17.75 -21.64
N ILE J 39 -7.27 18.30 -21.08
CA ILE J 39 -7.54 18.12 -19.66
C ILE J 39 -8.84 17.39 -19.39
N PHE J 40 -8.73 16.18 -18.87
CA PHE J 40 -9.87 15.36 -18.50
C PHE J 40 -10.19 15.51 -17.01
N LEU J 41 -11.08 16.44 -16.69
CA LEU J 41 -11.51 16.65 -15.31
C LEU J 41 -12.37 15.46 -14.88
N TYR J 42 -11.84 14.61 -14.00
CA TYR J 42 -12.60 13.47 -13.54
C TYR J 42 -13.70 13.87 -12.57
N ASP J 43 -13.32 14.50 -11.45
CA ASP J 43 -14.29 14.90 -10.45
C ASP J 43 -13.91 16.24 -9.83
N GLY J 44 -14.90 17.12 -9.68
CA GLY J 44 -14.67 18.44 -9.12
C GLY J 44 -15.40 19.52 -9.89
N ILE J 45 -15.18 20.77 -9.52
CA ILE J 45 -15.83 21.89 -10.20
C ILE J 45 -14.78 22.94 -10.58
N THR J 46 -14.76 23.34 -11.85
CA THR J 46 -13.84 24.39 -12.30
C THR J 46 -14.53 25.35 -13.27
N LYS J 47 -13.94 26.53 -13.45
CA LYS J 47 -14.51 27.56 -14.32
C LYS J 47 -13.53 27.94 -15.43
N LEU J 48 -14.03 28.56 -16.50
CA LEU J 48 -13.17 29.03 -17.57
C LEU J 48 -13.26 30.55 -17.71
N THR J 49 -12.14 31.24 -17.50
CA THR J 49 -12.14 32.69 -17.52
C THR J 49 -11.11 33.31 -18.48
N SER J 50 -11.47 34.46 -19.04
CA SER J 50 -10.55 35.29 -19.80
C SER J 50 -10.49 36.66 -19.16
N ILE J 51 -9.30 37.29 -19.17
CA ILE J 51 -9.14 38.59 -18.55
C ILE J 51 -8.55 39.60 -19.54
N SER J 52 -9.33 40.64 -19.85
CA SER J 52 -8.84 41.74 -20.69
C SER J 52 -7.87 42.58 -19.88
N GLU J 53 -7.01 43.34 -20.56
CA GLU J 53 -6.05 44.21 -19.90
C GLU J 53 -6.76 45.29 -19.10
N ASN J 54 -8.01 45.55 -19.47
CA ASN J 54 -8.86 46.51 -18.76
C ASN J 54 -9.18 46.07 -17.33
N GLY J 55 -8.86 44.82 -17.02
CA GLY J 55 -9.10 44.29 -15.70
C GLY J 55 -10.44 43.56 -15.61
N THR J 56 -11.32 43.87 -16.54
CA THR J 56 -12.63 43.23 -16.59
C THR J 56 -12.50 41.75 -16.97
N ILE J 57 -12.81 40.88 -16.02
CA ILE J 57 -12.71 39.44 -16.26
C ILE J 57 -14.07 38.91 -16.75
N MET J 58 -14.09 37.66 -17.18
CA MET J 58 -15.32 37.07 -17.72
C MET J 58 -15.41 35.58 -17.41
N ASN J 59 -16.43 35.20 -16.65
CA ASN J 59 -16.72 33.80 -16.42
C ASN J 59 -17.51 33.23 -17.59
N LEU J 60 -16.81 32.65 -18.56
CA LEU J 60 -17.45 32.08 -19.74
C LEU J 60 -18.39 30.94 -19.35
N GLN J 61 -17.90 30.04 -18.52
CA GLN J 61 -18.55 28.75 -18.31
C GLN J 61 -17.89 27.97 -17.19
N TYR J 62 -18.66 27.11 -16.51
CA TYR J 62 -18.11 26.20 -15.51
C TYR J 62 -17.84 24.82 -16.10
N TYR J 63 -17.27 23.94 -15.28
CA TYR J 63 -17.12 22.52 -15.63
C TYR J 63 -17.30 21.67 -14.37
N LYS J 64 -18.16 20.67 -14.45
CA LYS J 64 -18.45 19.79 -13.31
C LYS J 64 -18.21 18.32 -13.66
N GLY J 65 -17.77 17.54 -12.67
CA GLY J 65 -17.65 16.10 -12.82
C GLY J 65 -16.77 15.69 -13.97
N ALA J 66 -17.16 14.61 -14.65
CA ALA J 66 -16.41 14.11 -15.79
C ALA J 66 -16.66 14.93 -17.05
N PHE J 67 -15.62 15.61 -17.53
CA PHE J 67 -15.65 16.29 -18.81
C PHE J 67 -14.24 16.53 -19.34
N VAL J 68 -14.14 17.06 -20.55
CA VAL J 68 -12.84 17.25 -21.21
C VAL J 68 -12.67 18.70 -21.66
N ILE J 69 -11.49 19.28 -21.38
CA ILE J 69 -11.20 20.65 -21.78
C ILE J 69 -9.91 20.74 -22.60
N MET J 70 -9.99 21.38 -23.76
CA MET J 70 -8.82 21.53 -24.64
C MET J 70 -8.32 22.98 -24.62
N SER J 71 -7.01 23.15 -24.52
CA SER J 71 -6.41 24.48 -24.58
C SER J 71 -5.59 24.62 -25.86
N GLY J 72 -5.73 23.65 -26.74
CA GLY J 72 -5.08 23.66 -28.04
C GLY J 72 -5.74 22.66 -28.96
N PHE J 73 -5.72 22.94 -30.26
CA PHE J 73 -6.29 22.00 -31.22
C PHE J 73 -5.39 20.77 -31.36
N ILE J 74 -5.88 19.76 -32.06
CA ILE J 74 -5.15 18.49 -32.21
C ILE J 74 -4.01 18.61 -33.23
N ASP J 75 -4.34 18.96 -34.46
CA ASP J 75 -3.38 18.98 -35.55
C ASP J 75 -2.35 20.11 -35.45
N THR J 76 -2.74 21.23 -34.85
CA THR J 76 -1.90 22.42 -34.84
C THR J 76 -1.00 22.53 -33.61
N GLU J 77 -1.41 21.89 -32.52
CA GLU J 77 -0.70 22.00 -31.23
C GLU J 77 -0.49 23.47 -30.88
N THR J 78 -1.51 24.26 -31.17
CA THR J 78 -1.52 25.70 -30.95
C THR J 78 -2.80 26.03 -30.20
N SER J 79 -2.76 27.06 -29.38
CA SER J 79 -3.90 27.44 -28.53
C SER J 79 -5.21 27.62 -29.30
N VAL J 80 -6.31 27.20 -28.68
CA VAL J 80 -7.65 27.49 -29.20
C VAL J 80 -8.05 28.90 -28.79
N GLY J 81 -7.33 29.41 -27.79
CA GLY J 81 -7.62 30.71 -27.20
C GLY J 81 -6.86 30.86 -25.89
N TYR J 82 -6.76 32.08 -25.39
CA TYR J 82 -6.06 32.33 -24.13
C TYR J 82 -7.07 32.46 -22.99
N TYR J 83 -7.29 31.36 -22.28
CA TYR J 83 -8.28 31.34 -21.20
C TYR J 83 -7.68 30.76 -19.92
N ASN J 84 -8.33 31.06 -18.79
CA ASN J 84 -7.89 30.55 -17.49
C ASN J 84 -8.87 29.52 -16.94
N LEU J 85 -8.36 28.44 -16.36
CA LEU J 85 -9.22 27.42 -15.75
C LEU J 85 -9.02 27.39 -14.23
N GLU J 86 -9.83 28.15 -13.51
CA GLU J 86 -9.71 28.22 -12.06
C GLU J 86 -10.64 27.23 -11.37
N VAL J 87 -10.11 26.53 -10.37
CA VAL J 87 -10.88 25.58 -9.57
C VAL J 87 -11.79 26.33 -8.59
N ILE J 88 -13.00 25.81 -8.37
CA ILE J 88 -13.95 26.42 -7.43
C ILE J 88 -14.07 25.60 -6.14
N SER J 89 -14.47 24.33 -6.27
CA SER J 89 -14.48 23.44 -5.13
C SER J 89 -13.06 23.19 -4.64
N GLU J 90 -12.88 23.03 -3.33
CA GLU J 90 -11.58 22.66 -2.79
C GLU J 90 -11.19 21.29 -3.33
N GLN J 91 -12.20 20.57 -3.78
CA GLN J 91 -12.07 19.26 -4.42
C GLN J 91 -11.88 19.41 -5.93
N ALA J 92 -10.87 18.73 -6.46
CA ALA J 92 -10.60 18.71 -7.90
C ALA J 92 -9.61 17.61 -8.28
N THR J 93 -10.10 16.61 -9.02
CA THR J 93 -9.24 15.54 -9.52
C THR J 93 -9.30 15.51 -11.05
N ALA J 94 -8.15 15.62 -11.70
CA ALA J 94 -8.09 15.67 -13.15
C ALA J 94 -6.84 15.01 -13.73
N TYR J 95 -6.96 14.50 -14.95
CA TYR J 95 -5.84 13.89 -15.66
C TYR J 95 -5.32 14.85 -16.72
N VAL J 96 -4.01 15.13 -16.69
CA VAL J 96 -3.42 16.14 -17.57
C VAL J 96 -2.59 15.49 -18.68
N ILE J 97 -2.90 15.83 -19.93
CA ILE J 97 -2.23 15.25 -21.09
C ILE J 97 -1.75 16.34 -22.06
N LYS J 98 -0.59 16.14 -22.66
CA LYS J 98 -0.09 17.02 -23.72
C LYS J 98 -0.66 16.54 -25.07
N ILE J 99 -1.14 17.49 -25.86
CA ILE J 99 -1.70 17.25 -27.19
C ILE J 99 -0.88 16.31 -28.09
N ASN J 100 0.45 16.30 -27.92
CA ASN J 100 1.33 15.35 -28.61
C ASN J 100 0.82 13.93 -28.53
N GLU J 101 0.81 13.43 -27.30
CA GLU J 101 0.40 12.08 -26.96
C GLU J 101 -1.00 11.76 -27.49
N LEU J 102 -1.88 12.75 -27.53
CA LEU J 102 -3.31 12.52 -27.71
C LEU J 102 -3.75 12.00 -29.08
N LYS J 103 -2.96 12.20 -30.14
CA LYS J 103 -3.40 11.77 -31.48
C LYS J 103 -3.42 10.25 -31.64
N GLU J 104 -2.29 9.61 -31.33
CA GLU J 104 -2.27 8.15 -31.32
C GLU J 104 -2.79 7.70 -29.96
N LEU J 105 -3.09 8.67 -29.09
CA LEU J 105 -3.93 8.39 -27.93
C LEU J 105 -5.36 8.77 -28.32
N LEU J 106 -5.59 8.94 -29.62
CA LEU J 106 -6.93 8.97 -30.21
C LEU J 106 -7.00 8.23 -31.56
N SER J 107 -6.06 7.29 -31.79
CA SER J 107 -6.20 6.32 -32.90
C SER J 107 -6.88 5.04 -32.39
N LYS J 108 -6.16 4.30 -31.54
CA LYS J 108 -6.71 3.48 -30.43
C LYS J 108 -7.67 2.33 -30.58
N ASN J 109 -8.08 1.92 -29.38
CA ASN J 109 -9.44 1.62 -28.97
C ASN J 109 -10.38 2.72 -29.46
N LEU J 110 -11.17 2.45 -30.51
CA LEU J 110 -11.95 3.49 -31.16
C LEU J 110 -13.16 4.00 -30.37
N THR J 111 -13.59 3.25 -29.35
CA THR J 111 -14.80 3.62 -28.61
C THR J 111 -14.57 4.78 -27.62
N HIS J 112 -13.32 5.08 -27.32
CA HIS J 112 -13.02 6.21 -26.43
C HIS J 112 -12.95 7.53 -27.20
N PHE J 113 -12.67 7.46 -28.50
CA PHE J 113 -12.66 8.65 -29.35
C PHE J 113 -14.00 9.36 -29.27
N PHE J 114 -15.07 8.60 -29.52
CA PHE J 114 -16.41 9.14 -29.61
C PHE J 114 -16.90 9.76 -28.30
N TYR J 115 -16.21 9.47 -27.20
CA TYR J 115 -16.52 10.12 -25.94
C TYR J 115 -16.04 11.57 -25.97
N VAL J 116 -14.76 11.76 -26.27
CA VAL J 116 -14.21 13.11 -26.31
C VAL J 116 -14.80 13.89 -27.49
N PHE J 117 -15.30 13.17 -28.50
CA PHE J 117 -15.96 13.81 -29.62
C PHE J 117 -17.33 14.31 -29.22
N GLN J 118 -18.07 13.49 -28.47
CA GLN J 118 -19.40 13.85 -28.00
C GLN J 118 -19.34 15.00 -26.99
N THR J 119 -18.35 14.97 -26.11
CA THR J 119 -18.16 16.03 -25.13
C THR J 119 -18.00 17.36 -25.83
N LEU J 120 -17.35 17.34 -27.00
CA LEU J 120 -17.23 18.53 -27.83
C LEU J 120 -18.60 18.94 -28.37
N GLN J 121 -19.36 17.97 -28.87
CA GLN J 121 -20.70 18.21 -29.37
C GLN J 121 -21.61 18.71 -28.26
N LYS J 122 -21.38 18.22 -27.04
CA LYS J 122 -22.09 18.73 -25.88
C LYS J 122 -21.69 20.18 -25.64
N GLN J 123 -20.40 20.47 -25.77
CA GLN J 123 -19.88 21.82 -25.61
C GLN J 123 -20.40 22.77 -26.69
N VAL J 124 -20.31 22.34 -27.95
CA VAL J 124 -20.82 23.13 -29.08
C VAL J 124 -22.31 23.41 -28.94
N SER J 125 -23.09 22.37 -28.67
CA SER J 125 -24.52 22.50 -28.43
C SER J 125 -24.81 23.36 -27.20
N TYR J 126 -23.91 23.31 -26.22
CA TYR J 126 -24.03 24.12 -25.01
C TYR J 126 -23.87 25.61 -25.30
N SER J 127 -22.83 25.94 -26.06
CA SER J 127 -22.55 27.33 -26.42
C SER J 127 -23.69 27.99 -27.18
N LEU J 128 -24.20 27.29 -28.20
CA LEU J 128 -25.28 27.80 -29.05
C LEU J 128 -26.56 28.08 -28.26
N ALA J 129 -26.88 27.19 -27.33
CA ALA J 129 -28.06 27.35 -26.49
C ALA J 129 -27.92 28.53 -25.52
N LYS J 130 -26.71 28.73 -25.00
CA LYS J 130 -26.42 29.83 -24.11
C LYS J 130 -26.37 31.15 -24.87
N PHE J 131 -25.81 31.14 -26.07
CA PHE J 131 -25.71 32.32 -26.91
C PHE J 131 -27.07 32.91 -27.25
N ASN J 132 -28.05 32.04 -27.52
CA ASN J 132 -29.38 32.49 -27.94
C ASN J 132 -30.22 33.06 -26.78
N ASP J 133 -30.10 32.46 -25.61
CA ASP J 133 -30.92 32.86 -24.46
C ASP J 133 -30.33 34.07 -23.72
N PHE J 134 -29.05 34.35 -23.97
CA PHE J 134 -28.37 35.49 -23.35
C PHE J 134 -28.53 36.76 -24.20
N SER J 135 -28.76 36.57 -25.49
CA SER J 135 -28.82 37.69 -26.44
C SER J 135 -30.22 38.31 -26.55
N ILE J 136 -31.25 37.47 -26.60
CA ILE J 136 -32.61 37.94 -26.88
C ILE J 136 -33.23 38.79 -25.78
N ASN J 137 -32.91 38.49 -24.53
CA ASN J 137 -33.51 39.19 -23.40
C ASN J 137 -32.49 39.99 -22.59
N GLY J 138 -31.35 40.29 -23.20
CA GLY J 138 -30.32 41.11 -22.56
C GLY J 138 -29.73 40.52 -21.29
N LYS J 139 -29.37 41.39 -20.36
CA LYS J 139 -28.76 40.98 -19.10
C LYS J 139 -29.73 40.19 -18.22
N LEU J 140 -30.98 40.65 -18.15
CA LEU J 140 -32.00 39.96 -17.37
C LEU J 140 -32.17 38.52 -17.85
N GLY J 141 -32.09 38.33 -19.16
CA GLY J 141 -32.12 36.99 -19.74
C GLY J 141 -30.87 36.22 -19.41
N SER J 142 -29.72 36.88 -19.47
CA SER J 142 -28.44 36.26 -19.15
C SER J 142 -28.38 35.69 -17.74
N ILE J 143 -28.87 36.45 -16.76
CA ILE J 143 -28.93 36.01 -15.38
C ILE J 143 -29.86 34.79 -15.23
N CYS J 144 -31.08 34.93 -15.74
CA CYS J 144 -32.05 33.84 -15.75
C CYS J 144 -31.48 32.61 -16.45
N GLY J 145 -30.72 32.85 -17.51
CA GLY J 145 -30.02 31.78 -18.19
C GLY J 145 -29.04 31.07 -17.27
N GLN J 146 -28.11 31.83 -16.70
CA GLN J 146 -27.10 31.27 -15.82
C GLN J 146 -27.72 30.55 -14.62
N LEU J 147 -28.72 31.19 -14.02
CA LEU J 147 -29.47 30.60 -12.91
C LEU J 147 -30.05 29.23 -13.28
N LEU J 148 -30.76 29.18 -14.41
CA LEU J 148 -31.36 27.94 -14.90
C LEU J 148 -30.30 26.86 -15.15
N ILE J 149 -29.10 27.29 -15.56
CA ILE J 149 -28.00 26.36 -15.78
C ILE J 149 -27.56 25.75 -14.47
N LEU J 150 -27.21 26.62 -13.51
CA LEU J 150 -26.87 26.20 -12.16
C LEU J 150 -28.03 25.43 -11.55
N THR J 151 -29.23 25.68 -12.07
CA THR J 151 -30.43 25.01 -11.59
C THR J 151 -30.45 23.52 -11.93
N TYR J 152 -29.96 23.15 -13.10
CA TYR J 152 -30.04 21.76 -13.48
C TYR J 152 -28.84 20.96 -12.98
N VAL J 153 -27.64 21.39 -13.35
CA VAL J 153 -26.42 20.62 -13.10
C VAL J 153 -26.01 20.59 -11.62
N TYR J 154 -26.20 21.69 -10.90
CA TYR J 154 -25.89 21.74 -9.47
C TYR J 154 -27.24 21.65 -8.73
N GLY J 155 -27.92 20.51 -8.91
CA GLY J 155 -29.38 20.50 -9.01
C GLY J 155 -30.48 20.10 -8.02
N LYS J 156 -30.75 20.98 -7.07
CA LYS J 156 -32.11 21.42 -6.68
C LYS J 156 -33.27 20.51 -6.22
N GLU J 157 -33.64 20.67 -4.93
CA GLU J 157 -34.99 20.51 -4.33
C GLU J 157 -34.99 20.02 -2.87
N THR J 158 -35.33 20.94 -1.96
CA THR J 158 -35.85 20.58 -0.64
C THR J 158 -37.21 21.26 -0.58
N PRO J 159 -38.20 20.64 0.11
CA PRO J 159 -39.57 21.17 0.11
C PRO J 159 -39.66 22.68 0.35
N ASP J 160 -38.78 23.19 1.20
CA ASP J 160 -38.57 24.62 1.36
C ASP J 160 -38.07 25.20 0.04
N GLY J 161 -36.89 24.76 -0.37
CA GLY J 161 -36.30 25.21 -1.63
C GLY J 161 -35.25 24.26 -2.16
N ILE J 162 -34.72 24.60 -3.33
CA ILE J 162 -33.83 23.74 -4.11
C ILE J 162 -32.33 23.71 -3.77
N LYS J 163 -31.71 22.54 -3.83
CA LYS J 163 -30.28 22.42 -3.62
C LYS J 163 -29.53 23.43 -4.50
N ILE J 164 -29.22 24.63 -4.03
CA ILE J 164 -28.05 25.25 -4.66
C ILE J 164 -26.94 24.65 -3.84
N THR J 165 -26.09 23.87 -4.49
CA THR J 165 -25.11 23.08 -3.80
C THR J 165 -23.94 23.95 -3.37
N LEU J 166 -23.78 25.08 -4.04
CA LEU J 166 -22.49 25.75 -4.04
C LEU J 166 -22.24 26.84 -3.00
N ASP J 167 -21.28 26.49 -2.14
CA ASP J 167 -20.41 27.40 -1.41
C ASP J 167 -19.90 28.48 -2.37
N ASN J 168 -19.55 29.65 -1.83
CA ASN J 168 -18.95 30.74 -2.59
C ASN J 168 -19.70 31.09 -3.88
N LEU J 169 -20.76 31.87 -3.75
CA LEU J 169 -21.46 32.39 -4.91
C LEU J 169 -21.71 33.88 -4.71
N THR J 170 -20.66 34.68 -4.90
CA THR J 170 -20.74 36.13 -4.75
C THR J 170 -21.65 36.72 -5.82
N MET J 171 -22.32 37.82 -5.50
CA MET J 171 -23.12 38.55 -6.48
C MET J 171 -22.17 39.00 -7.58
N GLN J 172 -21.10 39.67 -7.14
CA GLN J 172 -19.84 39.85 -7.85
C GLN J 172 -19.50 38.77 -8.90
N GLU J 173 -19.55 37.50 -8.48
CA GLU J 173 -19.17 36.39 -9.35
C GLU J 173 -20.20 36.08 -10.44
N LEU J 174 -21.47 35.96 -10.05
CA LEU J 174 -22.54 35.57 -10.97
C LEU J 174 -22.59 36.56 -12.15
N GLY J 175 -22.30 37.82 -11.87
CA GLY J 175 -22.19 38.84 -12.90
C GLY J 175 -21.22 38.47 -14.00
N TYR J 176 -20.08 37.91 -13.62
CA TYR J 176 -19.08 37.49 -14.61
C TYR J 176 -19.62 36.41 -15.54
N SER J 177 -20.43 35.52 -14.99
CA SER J 177 -21.03 34.45 -15.77
C SER J 177 -21.99 34.99 -16.81
N SER J 178 -22.50 36.20 -16.56
CA SER J 178 -23.49 36.82 -17.44
C SER J 178 -22.97 38.07 -18.15
N GLY J 179 -21.69 38.38 -17.97
CA GLY J 179 -21.11 39.52 -18.66
C GLY J 179 -21.27 40.84 -17.92
N ILE J 180 -22.15 40.86 -16.92
CA ILE J 180 -22.28 42.04 -16.06
C ILE J 180 -20.96 42.26 -15.31
N ALA J 181 -20.62 43.53 -15.05
CA ALA J 181 -19.31 43.85 -14.49
C ALA J 181 -19.41 44.55 -13.14
N HIS J 182 -20.62 44.79 -12.65
CA HIS J 182 -20.79 45.69 -11.52
C HIS J 182 -21.78 45.17 -10.47
N SER J 183 -21.31 45.11 -9.22
CA SER J 183 -22.04 44.56 -8.09
C SER J 183 -23.50 45.01 -7.99
N SER J 184 -23.72 46.32 -8.10
CA SER J 184 -25.05 46.88 -7.94
C SER J 184 -26.00 46.47 -9.06
N ALA J 185 -25.47 46.32 -10.27
CA ALA J 185 -26.28 45.87 -11.39
C ALA J 185 -26.80 44.45 -11.12
N VAL J 186 -25.89 43.53 -10.81
CA VAL J 186 -26.25 42.17 -10.42
C VAL J 186 -27.16 42.19 -9.19
N SER J 187 -26.97 43.21 -8.36
CA SER J 187 -27.77 43.42 -7.16
C SER J 187 -29.14 43.99 -7.49
N ARG J 188 -29.16 44.97 -8.39
CA ARG J 188 -30.40 45.60 -8.85
C ARG J 188 -31.34 44.58 -9.47
N ILE J 189 -30.77 43.53 -10.03
CA ILE J 189 -31.58 42.45 -10.57
C ILE J 189 -32.25 41.69 -9.41
N ILE J 190 -31.55 41.53 -8.29
CA ILE J 190 -32.14 40.90 -7.10
C ILE J 190 -32.58 41.98 -6.09
N SER J 191 -32.53 43.25 -6.51
CA SER J 191 -33.12 44.38 -5.75
C SER J 191 -34.49 43.91 -5.31
N LYS J 192 -35.31 43.61 -6.29
CA LYS J 192 -35.91 42.32 -6.17
C LYS J 192 -35.99 41.63 -7.49
N LEU J 193 -35.19 40.58 -7.57
CA LEU J 193 -35.59 39.40 -8.27
C LEU J 193 -36.99 39.23 -7.69
N LYS J 194 -37.19 38.66 -6.53
CA LYS J 194 -38.59 38.49 -6.28
C LYS J 194 -39.49 39.04 -5.25
N GLN J 195 -40.44 39.69 -5.87
CA GLN J 195 -41.82 39.29 -5.81
C GLN J 195 -41.97 38.26 -7.00
N GLU J 196 -41.08 38.32 -8.01
CA GLU J 196 -40.85 37.23 -9.02
C GLU J 196 -41.06 35.74 -8.74
N LYS J 197 -42.26 35.21 -8.84
CA LYS J 197 -42.41 33.79 -9.20
C LYS J 197 -41.51 32.70 -8.50
N VAL J 198 -40.18 32.88 -8.48
CA VAL J 198 -39.20 31.76 -8.37
C VAL J 198 -38.26 31.52 -7.15
N ILE J 199 -37.36 32.45 -6.84
CA ILE J 199 -36.23 32.26 -5.90
C ILE J 199 -36.45 32.62 -4.39
N VAL J 200 -36.06 31.75 -3.45
CA VAL J 200 -35.81 32.23 -2.07
C VAL J 200 -34.31 32.15 -1.74
N TYR J 201 -33.94 32.74 -0.60
CA TYR J 201 -32.55 32.74 -0.15
C TYR J 201 -32.50 32.62 1.38
N LYS J 202 -32.13 31.44 1.86
CA LYS J 202 -32.00 31.18 3.29
C LYS J 202 -30.62 30.61 3.57
N ASN J 203 -30.26 30.51 4.86
CA ASN J 203 -28.87 30.34 5.34
C ASN J 203 -27.84 30.78 4.30
N SER J 204 -28.04 32.00 3.81
CA SER J 204 -27.37 32.56 2.64
C SER J 204 -26.91 31.55 1.59
N CYS J 205 -27.86 30.76 1.11
CA CYS J 205 -27.72 30.03 -0.15
C CYS J 205 -29.11 30.01 -0.80
N PHE J 206 -29.15 30.27 -2.10
CA PHE J 206 -30.40 30.49 -2.82
C PHE J 206 -31.28 29.26 -2.93
N TYR J 207 -32.57 29.47 -3.21
CA TYR J 207 -33.51 28.39 -3.47
C TYR J 207 -34.59 28.86 -4.48
N VAL J 208 -35.41 27.96 -5.02
CA VAL J 208 -36.28 28.22 -6.20
C VAL J 208 -37.69 27.65 -6.02
N GLN J 209 -38.71 28.52 -6.02
CA GLN J 209 -40.12 28.10 -5.95
C GLN J 209 -40.46 27.17 -7.10
N ASN J 210 -40.14 27.66 -8.29
CA ASN J 210 -40.65 27.10 -9.53
C ASN J 210 -39.74 27.29 -10.74
N LEU J 211 -39.69 26.27 -11.60
CA LEU J 211 -38.71 26.24 -12.70
C LEU J 211 -39.29 26.89 -13.95
N ASP J 212 -40.60 26.73 -14.12
CA ASP J 212 -41.41 27.32 -15.19
C ASP J 212 -40.92 28.62 -15.83
N TYR J 213 -40.51 29.58 -15.01
CA TYR J 213 -40.26 30.97 -15.43
C TYR J 213 -38.86 31.17 -15.99
N LEU J 214 -37.89 30.49 -15.39
CA LEU J 214 -36.53 30.50 -15.90
C LEU J 214 -36.53 29.86 -17.28
N LYS J 215 -37.42 28.90 -17.46
CA LYS J 215 -37.64 28.25 -18.75
C LYS J 215 -38.04 29.28 -19.80
N ARG J 216 -38.93 30.19 -19.42
CA ARG J 216 -39.42 31.23 -20.32
C ARG J 216 -38.31 32.14 -20.82
N TYR J 217 -37.49 32.64 -19.89
CA TYR J 217 -36.43 33.60 -20.22
C TYR J 217 -35.19 32.93 -20.79
N ALA J 218 -35.15 31.61 -20.75
CA ALA J 218 -34.07 30.83 -21.34
C ALA J 218 -34.59 29.52 -21.91
N PRO J 219 -35.32 29.60 -23.03
CA PRO J 219 -35.96 28.41 -23.61
C PRO J 219 -34.98 27.42 -24.22
N LYS J 220 -34.03 27.91 -25.02
CA LYS J 220 -33.08 27.06 -25.70
C LYS J 220 -32.07 26.42 -24.76
N LEU J 221 -31.93 26.96 -23.55
CA LEU J 221 -31.01 26.39 -22.57
C LEU J 221 -31.65 25.24 -21.79
N ASP J 222 -32.92 25.36 -21.47
CA ASP J 222 -33.61 24.32 -20.71
C ASP J 222 -33.57 22.95 -21.40
N GLU J 223 -34.17 22.85 -22.58
CA GLU J 223 -34.30 21.54 -23.20
C GLU J 223 -33.08 21.26 -24.08
N TRP J 224 -32.01 22.00 -23.83
CA TRP J 224 -30.68 21.55 -24.21
C TRP J 224 -30.29 20.40 -23.29
N PHE J 225 -30.80 20.47 -22.06
CA PHE J 225 -30.60 19.42 -21.08
C PHE J 225 -31.48 18.21 -21.39
N TYR J 226 -32.50 18.41 -22.21
CA TYR J 226 -33.36 17.34 -22.70
C TYR J 226 -32.63 16.47 -23.69
N LEU J 227 -32.12 17.13 -24.72
CA LEU J 227 -31.43 16.49 -25.82
C LEU J 227 -30.14 15.80 -25.36
N ALA J 228 -29.24 16.59 -24.76
CA ALA J 228 -27.99 16.05 -24.25
C ALA J 228 -28.02 15.97 -22.73
N CYS J 229 -27.23 15.04 -22.18
CA CYS J 229 -27.26 14.68 -20.76
C CYS J 229 -28.66 14.77 -20.15
N PRO J 230 -29.60 13.93 -20.64
CA PRO J 230 -30.98 13.96 -20.14
C PRO J 230 -31.08 13.33 -18.76
N ALA J 231 -29.93 12.92 -18.22
CA ALA J 231 -29.84 12.46 -16.85
C ALA J 231 -29.67 13.66 -15.93
N THR J 232 -29.08 14.73 -16.46
CA THR J 232 -29.02 15.99 -15.72
C THR J 232 -30.42 16.56 -15.54
N TRP J 233 -31.25 16.59 -16.59
CA TRP J 233 -32.66 16.78 -16.28
C TRP J 233 -33.30 15.41 -16.41
N GLY J 234 -32.69 14.51 -15.62
CA GLY J 234 -33.30 13.29 -15.14
C GLY J 234 -33.70 13.61 -13.72
N LYS J 235 -33.78 14.91 -13.43
CA LYS J 235 -34.48 15.47 -12.27
C LYS J 235 -35.88 14.89 -12.18
N LEU J 236 -36.83 15.76 -12.52
CA LEU J 236 -37.92 15.52 -13.47
C LEU J 236 -39.16 16.43 -13.32
N ASN J 237 -38.86 17.69 -13.64
CA ASN J 237 -39.53 18.55 -14.62
C ASN J 237 -39.38 20.01 -14.12
N1 GSH M . 21.43 0.63 34.18
CA1 GSH M . 21.86 -0.07 35.34
C1 GSH M . 23.19 0.47 35.80
O11 GSH M . 23.77 -0.06 36.78
O12 GSH M . 23.71 1.45 35.22
CB1 GSH M . 21.99 -1.56 35.04
CG1 GSH M . 23.09 -1.79 34.00
CD1 GSH M . 23.34 -3.28 33.88
OE1 GSH M . 22.70 -3.93 33.07
N2 GSH M . 24.33 -3.91 34.69
CA2 GSH M . 24.57 -5.31 34.56
C2 GSH M . 23.49 -6.08 35.31
O2 GSH M . 23.02 -5.64 36.35
CB2 GSH M . 25.93 -5.69 35.10
SG2 GSH M . 27.19 -4.64 34.42
N3 GSH M . 23.03 -7.34 34.80
CA3 GSH M . 21.99 -8.08 35.51
C3 GSH M . 22.08 -9.56 35.14
O31 GSH M . 23.21 -10.10 34.93
O32 GSH M . 21.03 -10.24 35.07
N1 GSH N . 50.76 -8.29 32.36
CA1 GSH N . 50.40 -9.52 31.74
C1 GSH N . 49.67 -9.27 30.44
O11 GSH N . 50.00 -9.88 29.40
O12 GSH N . 48.74 -8.43 30.41
CB1 GSH N . 49.52 -10.33 32.66
CG1 GSH N . 48.40 -9.46 33.23
CD1 GSH N . 47.43 -10.37 33.95
OE1 GSH N . 47.80 -10.99 34.91
N2 GSH N . 46.07 -10.48 33.49
CA2 GSH N . 45.12 -11.32 34.14
C2 GSH N . 45.62 -12.77 34.08
O2 GSH N . 46.22 -13.16 33.10
CB2 GSH N . 43.78 -11.25 33.44
SG2 GSH N . 42.96 -9.69 33.75
N3 GSH N . 45.38 -13.67 35.17
CA3 GSH N . 45.85 -15.04 35.14
C3 GSH N . 45.46 -15.77 36.43
O31 GSH N . 46.18 -16.73 36.84
O32 GSH N . 44.43 -15.42 37.06
N1 GSH O . -30.65 -20.24 -5.99
CA1 GSH O . -29.76 -20.97 -5.17
C1 GSH O . -29.25 -20.10 -4.04
O11 GSH O . -28.42 -20.56 -3.22
O12 GSH O . -29.65 -18.92 -3.92
CB1 GSH O . -28.57 -21.44 -5.98
CG1 GSH O . -28.07 -20.30 -6.87
CD1 GSH O . -26.82 -20.78 -7.59
OE1 GSH O . -26.92 -21.29 -8.68
N2 GSH O . -25.53 -20.63 -6.97
CA2 GSH O . -24.34 -21.07 -7.63
C2 GSH O . -24.38 -22.59 -7.80
O2 GSH O . -24.87 -23.28 -6.93
CB2 GSH O . -23.11 -20.69 -6.84
SG2 GSH O . -23.09 -18.95 -6.49
N3 GSH O . -23.84 -23.21 -8.97
CA3 GSH O . -23.87 -24.65 -9.14
C3 GSH O . -22.80 -25.06 -10.15
O31 GSH O . -21.70 -24.43 -10.20
O32 GSH O . -23.00 -26.03 -10.93
N1 GSH P . -5.45 -3.05 -2.60
CA1 GSH P . -5.11 -3.55 -3.88
C1 GSH P . -6.19 -3.18 -4.87
O11 GSH P . -7.39 -3.38 -4.58
O12 GSH P . -5.88 -2.70 -5.98
CB1 GSH P . -4.96 -5.07 -3.84
CG1 GSH P . -6.00 -5.68 -2.91
CD1 GSH P . -5.99 -7.19 -3.11
OE1 GSH P . -5.45 -7.89 -2.29
N2 GSH P . -6.62 -7.77 -4.26
CA2 GSH P . -6.61 -9.19 -4.43
C2 GSH P . -5.25 -9.55 -5.00
O2 GSH P . -4.70 -8.80 -5.77
CB2 GSH P . -7.67 -9.58 -5.45
SG2 GSH P . -9.12 -10.18 -4.62
N3 GSH P . -4.59 -10.78 -4.64
CA3 GSH P . -3.29 -11.07 -5.21
C3 GSH P . -2.75 -12.40 -4.68
O31 GSH P . -1.50 -12.59 -4.64
O32 GSH P . -3.55 -13.29 -4.29
N1 GSH Q . -13.92 27.33 -44.00
CA1 GSH Q . -13.32 28.31 -43.16
C1 GSH Q . -12.40 27.63 -42.17
O11 GSH Q . -12.07 28.23 -41.12
O12 GSH Q . -11.96 26.48 -42.41
CB1 GSH Q . -14.40 29.04 -42.38
CG1 GSH Q . -15.54 28.09 -42.05
CD1 GSH Q . -16.52 28.81 -41.13
OE1 GSH Q . -17.57 29.22 -41.58
N2 GSH Q . -16.20 29.01 -39.75
CA2 GSH Q . -17.10 29.68 -38.87
C2 GSH Q . -17.14 31.16 -39.27
O2 GSH Q . -16.12 31.70 -39.67
CB2 GSH Q . -16.63 29.53 -37.45
SG2 GSH Q . -16.79 27.84 -36.90
N3 GSH Q . -18.36 31.90 -39.19
CA3 GSH Q . -18.42 33.30 -39.57
C3 GSH Q . -19.69 33.93 -38.98
O31 GSH Q . -20.10 33.55 -37.86
O32 GSH Q . -20.29 34.84 -39.61
N1 GSH R . -20.43 15.62 -16.25
CA1 GSH R . -21.57 16.44 -16.50
C1 GSH R . -22.25 16.02 -17.77
O11 GSH R . -21.59 15.79 -18.82
O12 GSH R . -23.50 15.88 -17.80
CB1 GSH R . -21.17 17.90 -16.52
CG1 GSH R . -20.53 18.29 -17.85
CD1 GSH R . -20.46 19.80 -17.94
OE1 GSH R . -19.97 20.44 -17.03
N2 GSH R . -20.98 20.48 -19.10
CA2 GSH R . -20.91 21.90 -19.20
C2 GSH R . -21.89 22.51 -18.18
O2 GSH R . -22.86 21.89 -17.81
CB2 GSH R . -21.31 22.35 -20.58
SG2 GSH R . -20.39 21.48 -21.82
N3 GSH R . -21.65 23.83 -17.67
CA3 GSH R . -22.55 24.44 -16.71
C3 GSH R . -22.10 25.88 -16.43
O31 GSH R . -22.16 26.34 -15.26
O32 GSH R . -21.69 26.61 -17.38
#